data_6OER
#
_entry.id   6OER
#
_cell.length_a   1.0
_cell.length_b   1.0
_cell.length_c   1.0
_cell.angle_alpha   90.00
_cell.angle_beta   90.00
_cell.angle_gamma   90.00
#
_symmetry.space_group_name_H-M   'P 1'
#
loop_
_entity.id
_entity.type
_entity.pdbx_description
1 polymer 'V(D)J recombination-activating protein 1'
2 polymer 'V(D)J recombination-activating protein 2'
3 polymer 'DNA (46-MER)'
4 polymer 'DNA (46-MER)'
5 polymer 'DNA (57-MER)'
6 polymer 'DNA (57-MER)'
7 polymer 'High mobility group protein B1'
8 non-polymer 'ZINC ION'
9 non-polymer 'CALCIUM ION'
#
loop_
_entity_poly.entity_id
_entity_poly.type
_entity_poly.pdbx_seq_one_letter_code
_entity_poly.pdbx_strand_id
1 'polypeptide(L)'
;MAASLPSTLSFSSAPDEIQHPQIKFSEWKFKLFRVRSFEKAPEEAQKEKDSSEGKPYLEQSPVVPEKPGGQNSILTQRAL
KLHPKFSKKFHADGKSSDKAVHQARLRHFCRICGNRFKSDGHSRRYPVHGPVDAKTQSLFRKKEKRVTSWPDLIARIFRI
DVKADVDSIHPTEFCHDCWSIMHRKFSSSHSQVYFPRKVTVEWHPHTPSCDICFTAHRGLKRKRHQPNVQLSKKLKTVLN
HARRDRRKRTQARVSSKEVLKKISNCSKIHLSTKLLAVDFPAHFVKSISCQICEHILADPVETSCKHLFCRICILRCLKV
MGSYCPSCRYPCFPTDLESPVKSFLNILNSLMVKCPAQDCNEEVSLEKYNHHVSSHKESKETLVHINKGGRPRQHLLSLT
RRAQKHRLRELKIQVKEFADKEEGGDVKAVCLTLFLLALRARNEHRQADELEAIMQGRGSGLQPAVCLAIRVNTFLSCSQ
YHKMYRTVKAITGRQIFQPLHALRNAEKVLLPGYHPFEWQPPLKNVSSRTDVGIIDGLSGLASSVDEYPVDTIAKRFRYD
SALVSALMDMEEDILEGMRSQDLDDYLNGPFTVVVKESCDGMGDVSEKHGSGPAVPEKAVRFSFTVMRITIEHGSQNVKV
FEEPKPNSELCCKPLCLMLADESDHETLTAILSPLIAEREAMKSSELTLEMGGIPRTFKFIFRGTGYDEKLVREVEGLEA
SGSVYICTLCDTTRLEASQNLVFHSITRSHAENLQRYEVWRSNPYHESVEELRDRVKGVSAKPFIETVPSIDALHCDIGN
AAEFYKIFQLEIGEVYKHPNASKEERKRWQATLDKHLRKRMNLKPIMRMNGNFARKLMTQETVDAVCELIPSEERHEALR
ELMDLYLKMKPVWRSSCPAKECPESLCQYSFNSQRFAELLSTKFKYRYEGKITNYFHKTLAHVPEIIERDGSIGAWASEG
NQSGNKLFRRFRKMNARQSKCYEMEDVLKHHWLYTSKYLQKFMNAHNALKSSGFTMNSKETLGDPLGIEDSLESQDSMEF
;
A,C
2 'polypeptide(L)'
;MSLQMVTVGHNIALIQPGFSLMNFDGQVFFFGQKGWPKRSCPTGVFHFDIKQNHLKLKPAIFSKDSCYLPPLRYPATCSY
KGSIDSDKHQYIIHGGKTPNNELSDKIYIMSVACKNNKKVTFRCTEKDLVGDVPEPRYGHSIDVVYSRGKSMGVLFGGRS
YMPSTQRTTEKWNSVADCLPHVFLIDFEFGCATSYILPELQDGLSFHVSIARNDTVYILGGHSLASNIRPANLYRIRVDL
PLGTPAVNCTVLPGGISVSSAILTQTNNDEFVIVGGYQLENQKRMVCSLVSLGDNTIEISEMETPDWTSDIKHSKIWFGS
NMGNGTIFLGIPGDNKQAMSEAFYFYTLRCSEEDLSEDQKIVSNSQTSTEDPGDSTPFEDSEEFCFSAEATSFDGDDEFD
TYNEDDEDDESVTGYWITCCPTCDVDINTWVPFYSTELNKPAMIYCSHGDGHWVHAQCMDLEERTLIHLSEGSNKYYCNE
HVQIARALQTPKRNPPLQKPPMKSLHKKGSGKVLTPAKKSFLRRLFD
;
B,D
3 'polydeoxyribonucleotide'
;(DC)(DG)(DG)(DG)(DT)(DT)(DT)(DT)(DT)(DG)(DT)(DT)(DA)(DA)(DG)(DG)(DG)(DC)(DT)(DG)
(DT)(DA)(DT)(DC)(DA)(DC)(DT)(DG)(DT)(DT)(DT)(DA)(DA)(DG)(DA)(DC)(DA)(DG)(DG)(DC)
(DC)(DA)(DG)(DA)(DT)(DC)(DC)(DA)(DG)(DG)
;
F
4 'polydeoxyribonucleotide'
;(DC)(DC)(DT)(DG)(DG)(DA)(DT)(DC)(DT)(DG)(DG)(DC)(DC)(DT)(DG)(DT)(DC)(DT)(DT)(DA)
(DC)(DA)(DC)(DA)(DG)(DT)(DG)(DA)(DT)(DA)(DC)(DA)(DG)(DC)(DC)(DC)(DT)(DT)(DA)(DA)
(DC)(DA)(DA)(DA)(DA)(DA)(DC)(DC)(DC)(DG)
;
I
5 'polydeoxyribonucleotide'
;(DC)(DG)(DG)(DG)(DT)(DT)(DT)(DT)(DT)(DG)(DT)(DC)(DT)(DG)(DG)(DC)(DT)(DT)(DC)(DA)
(DC)(DA)(DC)(DT)(DT)(DG)(DA)(DT)(DT)(DT)(DG)(DC)(DA)(DT)(DC)(DA)(DC)(DT)(DG)(DT)
(DT)(DT)(DA)(DA)(DG)(DA)(DC)(DA)(DG)(DG)(DC)(DC)(DA)(DG)(DA)(DT)(DC)(DC)(DA)(DG)
(DG)
;
G
6 'polydeoxyribonucleotide'
;(DC)(DC)(DT)(DG)(DG)(DA)(DT)(DC)(DT)(DG)(DG)(DC)(DC)(DT)(DG)(DT)(DC)(DT)(DT)(DA)
(DC)(DA)(DC)(DA)(DG)(DT)(DG)(DA)(DT)(DG)(DC)(DA)(DA)(DA)(DT)(DC)(DA)(DA)(DG)(DT)
(DG)(DT)(DG)(DA)(DA)(DG)(DC)(DC)(DA)(DG)(DA)(DC)(DA)(DA)(DA)(DA)(DA)(DC)(DC)(DC)
(DG)
;
J
7 'polypeptide(L)'
;MGKGDPKKPRGKMSSYAFFVQTCREEHKKKHPDASVNFSEFSKKCSERWKTMSAKEKGKFEDMAKADKARYEREMKTYIP
PKGETKKKFKDPNAPKRPPSAFFLFCSEYRPKIKGEHPGLSIGDVAKKLGEMWNNTAADDKQPYEKKAAKLKEKYEKDIA
AYR
;
H
#
loop_
_chem_comp.id
_chem_comp.type
_chem_comp.name
_chem_comp.formula
CA non-polymer 'CALCIUM ION' 'Ca 2'
DA DNA linking 2'-DEOXYADENOSINE-5'-MONOPHOSPHATE 'C10 H14 N5 O6 P'
DC DNA linking 2'-DEOXYCYTIDINE-5'-MONOPHOSPHATE 'C9 H14 N3 O7 P'
DG DNA linking 2'-DEOXYGUANOSINE-5'-MONOPHOSPHATE 'C10 H14 N5 O7 P'
DT DNA linking THYMIDINE-5'-MONOPHOSPHATE 'C10 H15 N2 O8 P'
ZN non-polymer 'ZINC ION' 'Zn 2'
#
# COMPACT_ATOMS: atom_id res chain seq x y z
N ARG A 401 0.88 -32.16 54.29
CA ARG A 401 -0.38 -32.84 54.08
C ARG A 401 -0.87 -33.40 55.42
N ARG A 402 -0.04 -34.25 56.03
CA ARG A 402 -0.27 -34.65 57.42
C ARG A 402 -0.39 -33.43 58.32
N ALA A 403 0.40 -32.40 58.03
CA ALA A 403 0.34 -31.15 58.79
C ALA A 403 -1.08 -30.57 58.78
N GLN A 404 -1.62 -30.33 57.59
CA GLN A 404 -2.96 -29.75 57.49
C GLN A 404 -4.03 -30.70 58.00
N LYS A 405 -3.83 -32.01 57.85
CA LYS A 405 -4.72 -32.98 58.48
C LYS A 405 -4.85 -32.71 59.98
N HIS A 406 -3.72 -32.66 60.67
CA HIS A 406 -3.73 -32.32 62.09
C HIS A 406 -4.38 -30.96 62.31
N ARG A 407 -3.93 -29.96 61.56
CA ARG A 407 -4.38 -28.58 61.76
C ARG A 407 -5.89 -28.46 61.69
N LEU A 408 -6.55 -29.28 60.87
CA LEU A 408 -7.95 -29.06 60.55
C LEU A 408 -8.87 -30.20 60.95
N ARG A 409 -8.37 -31.23 61.64
CA ARG A 409 -9.23 -32.36 62.02
C ARG A 409 -10.44 -31.92 62.85
N GLU A 410 -10.31 -30.82 63.62
CA GLU A 410 -11.44 -30.35 64.41
C GLU A 410 -12.58 -29.89 63.49
N LEU A 411 -12.27 -28.98 62.57
CA LEU A 411 -13.23 -28.60 61.55
C LEU A 411 -13.72 -29.80 60.77
N LYS A 412 -12.85 -30.80 60.56
CA LYS A 412 -13.24 -32.01 59.84
C LYS A 412 -14.41 -32.69 60.55
N ILE A 413 -14.21 -33.03 61.83
CA ILE A 413 -15.28 -33.73 62.56
C ILE A 413 -16.52 -32.86 62.65
N GLN A 414 -16.34 -31.55 62.84
CA GLN A 414 -17.46 -30.63 62.94
C GLN A 414 -18.31 -30.68 61.67
N VAL A 415 -17.69 -30.40 60.53
CA VAL A 415 -18.42 -30.34 59.28
C VAL A 415 -18.98 -31.70 58.89
N LYS A 416 -18.25 -32.78 59.20
CA LYS A 416 -18.73 -34.08 58.76
C LYS A 416 -19.98 -34.47 59.54
N GLU A 417 -19.97 -34.31 60.87
CA GLU A 417 -21.17 -34.63 61.63
C GLU A 417 -22.34 -33.73 61.20
N PHE A 418 -22.07 -32.43 61.01
CA PHE A 418 -23.17 -31.51 60.77
C PHE A 418 -23.78 -31.73 59.39
N ALA A 419 -22.93 -31.95 58.38
CA ALA A 419 -23.43 -32.18 57.03
C ALA A 419 -24.07 -33.56 56.90
N ASP A 420 -23.51 -34.57 57.57
CA ASP A 420 -24.14 -35.88 57.52
C ASP A 420 -25.52 -35.85 58.15
N LYS A 421 -25.69 -35.11 59.24
CA LYS A 421 -27.01 -35.07 59.86
C LYS A 421 -27.97 -34.19 59.06
N GLU A 422 -27.47 -33.10 58.47
CA GLU A 422 -28.37 -32.12 57.87
C GLU A 422 -28.98 -32.62 56.56
N GLU A 423 -28.16 -32.86 55.55
CA GLU A 423 -28.65 -33.18 54.22
C GLU A 423 -28.75 -34.67 53.94
N GLY A 424 -28.31 -35.51 54.87
CA GLY A 424 -28.34 -36.94 54.69
C GLY A 424 -27.02 -37.56 54.27
N GLY A 425 -25.90 -36.92 54.56
CA GLY A 425 -24.61 -37.48 54.20
C GLY A 425 -24.10 -37.13 52.83
N ASP A 426 -24.75 -36.20 52.12
CA ASP A 426 -24.29 -35.76 50.81
C ASP A 426 -23.30 -34.60 50.96
N VAL A 427 -22.20 -34.89 51.65
CA VAL A 427 -21.20 -33.85 51.90
C VAL A 427 -20.59 -33.33 50.60
N LYS A 428 -20.69 -34.09 49.51
CA LYS A 428 -20.05 -33.68 48.27
C LYS A 428 -20.59 -32.35 47.77
N ALA A 429 -21.88 -32.31 47.42
CA ALA A 429 -22.47 -31.08 46.89
C ALA A 429 -22.54 -30.00 47.96
N VAL A 430 -22.71 -30.37 49.22
CA VAL A 430 -22.75 -29.39 50.30
C VAL A 430 -21.43 -28.62 50.35
N CYS A 431 -20.32 -29.34 50.52
CA CYS A 431 -19.01 -28.69 50.55
CA CYS A 431 -19.01 -28.69 50.55
C CYS A 431 -18.68 -28.03 49.22
N LEU A 432 -19.16 -28.59 48.12
CA LEU A 432 -18.99 -27.97 46.81
C LEU A 432 -19.53 -26.55 46.82
N THR A 433 -20.84 -26.41 47.07
CA THR A 433 -21.45 -25.09 47.12
C THR A 433 -20.84 -24.24 48.21
N LEU A 434 -20.42 -24.85 49.32
CA LEU A 434 -19.76 -24.11 50.39
C LEU A 434 -18.54 -23.37 49.86
N PHE A 435 -17.60 -24.11 49.27
CA PHE A 435 -16.39 -23.47 48.75
C PHE A 435 -16.70 -22.56 47.56
N LEU A 436 -17.68 -22.93 46.74
CA LEU A 436 -18.08 -22.05 45.65
C LEU A 436 -18.45 -20.67 46.17
N LEU A 437 -19.42 -20.62 47.09
CA LEU A 437 -19.88 -19.34 47.61
C LEU A 437 -18.78 -18.63 48.38
N ALA A 438 -17.97 -19.37 49.14
CA ALA A 438 -16.90 -18.75 49.91
C ALA A 438 -15.88 -18.10 48.98
N LEU A 439 -15.57 -18.73 47.86
CA LEU A 439 -14.59 -18.16 46.93
C LEU A 439 -15.21 -17.03 46.12
N ARG A 440 -16.51 -17.11 45.84
CA ARG A 440 -17.19 -16.02 45.17
C ARG A 440 -17.27 -14.78 46.05
N ALA A 441 -17.31 -14.97 47.37
CA ALA A 441 -17.39 -13.84 48.29
C ALA A 441 -16.28 -12.82 48.04
N ARG A 442 -15.07 -13.29 47.72
CA ARG A 442 -13.95 -12.41 47.47
C ARG A 442 -13.81 -12.05 45.99
N ASN A 443 -14.90 -12.18 45.24
CA ASN A 443 -14.93 -11.85 43.81
C ASN A 443 -13.88 -12.66 43.05
N GLU A 444 -14.06 -13.97 43.06
CA GLU A 444 -13.24 -14.90 42.29
C GLU A 444 -14.09 -15.66 41.29
N HIS A 445 -15.14 -15.01 40.77
CA HIS A 445 -16.07 -15.65 39.85
C HIS A 445 -15.38 -16.39 38.71
N ARG A 446 -14.18 -15.95 38.32
CA ARG A 446 -13.39 -16.68 37.35
C ARG A 446 -13.09 -18.10 37.85
N GLN A 447 -12.40 -18.19 38.99
CA GLN A 447 -12.08 -19.49 39.54
C GLN A 447 -13.33 -20.26 39.93
N ALA A 448 -14.34 -19.56 40.43
CA ALA A 448 -15.57 -20.24 40.83
C ALA A 448 -16.25 -20.88 39.63
N ASP A 449 -16.34 -20.18 38.50
CA ASP A 449 -16.98 -20.75 37.33
C ASP A 449 -16.15 -21.84 36.70
N GLU A 450 -14.82 -21.70 36.67
CA GLU A 450 -14.03 -22.81 36.13
C GLU A 450 -14.14 -24.03 37.03
N LEU A 451 -14.32 -23.84 38.34
CA LEU A 451 -14.49 -24.99 39.22
C LEU A 451 -15.87 -25.61 39.04
N GLU A 452 -16.88 -24.78 38.84
CA GLU A 452 -18.19 -25.28 38.46
C GLU A 452 -18.09 -26.14 37.22
N ALA A 453 -17.28 -25.72 36.25
CA ALA A 453 -17.10 -26.50 35.03
C ALA A 453 -16.35 -27.81 35.31
N ILE A 454 -15.26 -27.73 36.08
CA ILE A 454 -14.44 -28.91 36.33
C ILE A 454 -15.23 -29.98 37.06
N MET A 455 -16.13 -29.56 37.95
CA MET A 455 -16.95 -30.54 38.66
C MET A 455 -18.10 -31.03 37.78
N GLN A 456 -18.79 -30.09 37.13
CA GLN A 456 -19.76 -30.46 36.10
C GLN A 456 -19.14 -31.40 35.08
N GLY A 457 -18.02 -30.99 34.48
CA GLY A 457 -17.34 -31.81 33.51
C GLY A 457 -17.80 -31.48 32.11
N ARG A 458 -16.95 -30.82 31.33
CA ARG A 458 -17.35 -30.36 30.00
C ARG A 458 -16.19 -29.80 29.21
N GLY A 459 -16.17 -30.09 27.90
CA GLY A 459 -15.53 -29.26 26.90
C GLY A 459 -14.23 -28.59 27.26
N SER A 460 -13.21 -29.36 27.64
CA SER A 460 -11.91 -28.77 27.91
C SER A 460 -11.36 -28.04 26.69
N GLY A 461 -11.69 -28.51 25.49
CA GLY A 461 -11.22 -27.92 24.25
C GLY A 461 -12.37 -27.60 23.31
N LEU A 462 -11.98 -27.17 22.10
CA LEU A 462 -12.91 -26.78 21.06
C LEU A 462 -12.96 -27.85 19.98
N GLN A 463 -14.01 -27.78 19.16
CA GLN A 463 -14.15 -28.67 18.01
C GLN A 463 -13.80 -27.91 16.74
N PRO A 464 -13.38 -28.62 15.68
CA PRO A 464 -12.73 -27.94 14.55
C PRO A 464 -13.52 -26.80 13.93
N ALA A 465 -14.85 -26.89 13.92
CA ALA A 465 -15.64 -25.82 13.34
C ALA A 465 -15.41 -24.50 14.05
N VAL A 466 -15.25 -24.53 15.36
CA VAL A 466 -15.09 -23.28 16.11
C VAL A 466 -13.72 -22.67 15.84
N CYS A 467 -12.66 -23.49 15.84
CA CYS A 467 -11.34 -22.98 15.50
C CYS A 467 -11.33 -22.39 14.10
N LEU A 468 -12.04 -23.02 13.18
CA LEU A 468 -12.13 -22.48 11.82
C LEU A 468 -12.84 -21.13 11.85
N ALA A 469 -13.93 -21.04 12.59
CA ALA A 469 -14.66 -19.78 12.70
C ALA A 469 -13.76 -18.70 13.26
N ILE A 470 -12.91 -19.04 14.22
CA ILE A 470 -12.04 -18.03 14.82
C ILE A 470 -11.01 -17.55 13.81
N ARG A 471 -10.28 -18.47 13.17
CA ARG A 471 -9.25 -17.96 12.28
C ARG A 471 -9.83 -17.34 11.01
N VAL A 472 -11.10 -17.54 10.73
CA VAL A 472 -11.69 -16.87 9.57
C VAL A 472 -12.25 -15.50 9.95
N ASN A 473 -12.94 -15.38 11.08
CA ASN A 473 -13.43 -14.09 11.54
C ASN A 473 -12.41 -13.34 12.37
N THR A 474 -11.14 -13.73 12.32
CA THR A 474 -10.06 -12.99 12.94
C THR A 474 -8.92 -12.74 11.97
N PHE A 475 -8.95 -13.37 10.80
CA PHE A 475 -8.04 -13.09 9.70
C PHE A 475 -6.62 -13.57 10.00
N LEU A 476 -6.51 -14.60 10.82
CA LEU A 476 -5.19 -15.18 11.08
C LEU A 476 -4.68 -15.92 9.86
N SER A 477 -3.36 -15.95 9.73
CA SER A 477 -2.72 -16.74 8.69
C SER A 477 -2.70 -18.20 9.13
N CYS A 478 -1.95 -19.03 8.43
CA CYS A 478 -1.77 -20.38 8.94
C CYS A 478 -0.56 -20.47 9.85
N SER A 479 0.50 -19.73 9.54
CA SER A 479 1.64 -19.67 10.44
C SER A 479 1.24 -19.07 11.78
N GLN A 480 0.43 -18.01 11.75
CA GLN A 480 0.05 -17.35 12.98
C GLN A 480 -0.89 -18.22 13.81
N TYR A 481 -1.90 -18.80 13.16
CA TYR A 481 -2.77 -19.73 13.88
C TYR A 481 -1.98 -20.88 14.47
N HIS A 482 -1.04 -21.44 13.72
CA HIS A 482 -0.25 -22.55 14.26
C HIS A 482 0.57 -22.10 15.44
N LYS A 483 1.11 -20.88 15.37
CA LYS A 483 1.89 -20.35 16.47
C LYS A 483 1.05 -20.25 17.73
N MET A 484 -0.15 -19.69 17.60
CA MET A 484 -1.05 -19.59 18.74
C MET A 484 -1.42 -20.97 19.27
N TYR A 485 -1.78 -21.88 18.37
CA TYR A 485 -2.07 -23.26 18.73
C TYR A 485 -0.96 -23.86 19.59
N ARG A 486 0.25 -23.93 19.06
CA ARG A 486 1.31 -24.62 19.79
C ARG A 486 1.64 -23.92 21.09
N THR A 487 1.53 -22.58 21.13
CA THR A 487 1.74 -21.87 22.37
C THR A 487 0.76 -22.31 23.44
N VAL A 488 -0.54 -22.29 23.11
CA VAL A 488 -1.56 -22.66 24.10
C VAL A 488 -1.40 -24.12 24.50
N LYS A 489 -1.08 -24.98 23.54
CA LYS A 489 -0.92 -26.40 23.84
C LYS A 489 0.27 -26.64 24.77
N ALA A 490 1.35 -25.88 24.61
CA ALA A 490 2.49 -26.09 25.48
C ALA A 490 2.30 -25.45 26.85
N ILE A 491 1.57 -24.33 26.93
CA ILE A 491 1.36 -23.68 28.22
C ILE A 491 0.31 -24.42 29.03
N THR A 492 -0.90 -24.53 28.49
CA THR A 492 -1.95 -25.23 29.20
C THR A 492 -1.59 -26.68 29.47
N GLY A 493 -1.06 -27.37 28.46
CA GLY A 493 -0.89 -28.79 28.49
C GLY A 493 -2.02 -29.54 27.84
N ARG A 494 -3.21 -28.96 27.83
CA ARG A 494 -4.35 -29.52 27.11
C ARG A 494 -4.21 -29.16 25.63
N GLN A 495 -5.30 -29.34 24.89
CA GLN A 495 -5.35 -29.00 23.47
C GLN A 495 -6.68 -28.29 23.23
N ILE A 496 -6.68 -26.98 23.39
CA ILE A 496 -7.92 -26.23 23.20
C ILE A 496 -8.17 -25.99 21.71
N PHE A 497 -7.21 -25.40 21.02
CA PHE A 497 -7.33 -25.21 19.59
C PHE A 497 -6.95 -26.50 18.86
N GLN A 498 -7.37 -26.60 17.65
CA GLN A 498 -7.17 -27.80 16.87
C GLN A 498 -6.10 -27.60 15.82
N PRO A 499 -5.35 -28.63 15.48
CA PRO A 499 -4.27 -28.49 14.50
C PRO A 499 -4.82 -28.06 13.14
N LEU A 500 -3.91 -27.64 12.27
CA LEU A 500 -4.32 -27.10 10.98
C LEU A 500 -5.09 -28.12 10.15
N HIS A 501 -4.61 -29.37 10.10
CA HIS A 501 -5.29 -30.35 9.26
C HIS A 501 -6.73 -30.56 9.70
N ALA A 502 -6.99 -30.50 11.01
CA ALA A 502 -8.37 -30.57 11.48
C ALA A 502 -9.20 -29.45 10.90
N LEU A 503 -8.62 -28.27 10.74
CA LEU A 503 -9.38 -27.16 10.20
C LEU A 503 -9.56 -27.28 8.69
N ARG A 504 -8.58 -27.84 7.99
CA ARG A 504 -8.81 -28.11 6.57
C ARG A 504 -9.93 -29.12 6.38
N ASN A 505 -9.97 -30.14 7.23
CA ASN A 505 -11.05 -31.12 7.13
C ASN A 505 -12.40 -30.50 7.49
N ALA A 506 -12.43 -29.63 8.50
CA ALA A 506 -13.66 -28.95 8.83
C ALA A 506 -14.02 -27.85 7.84
N GLU A 507 -13.11 -27.49 6.96
CA GLU A 507 -13.35 -26.52 5.90
C GLU A 507 -13.90 -27.18 4.65
N LYS A 508 -13.45 -28.40 4.33
CA LYS A 508 -13.96 -29.09 3.15
C LYS A 508 -15.46 -29.29 3.19
N VAL A 509 -16.08 -29.15 4.36
CA VAL A 509 -17.51 -29.38 4.49
C VAL A 509 -18.32 -28.13 4.17
N LEU A 510 -17.75 -26.95 4.37
CA LEU A 510 -18.50 -25.71 4.25
C LEU A 510 -18.31 -25.02 2.91
N LEU A 511 -17.36 -25.48 2.11
CA LEU A 511 -17.22 -25.03 0.75
C LEU A 511 -18.20 -25.77 -0.14
N PRO A 512 -18.54 -25.22 -1.30
CA PRO A 512 -19.46 -25.92 -2.18
C PRO A 512 -18.75 -27.02 -2.94
N GLY A 513 -19.53 -28.02 -3.33
CA GLY A 513 -18.98 -29.19 -3.99
C GLY A 513 -18.70 -30.29 -2.99
N TYR A 514 -19.55 -30.42 -2.02
CA TYR A 514 -19.41 -31.44 -1.00
C TYR A 514 -20.67 -32.27 -0.82
N HIS A 515 -21.81 -31.68 -0.98
CA HIS A 515 -23.04 -32.41 -0.73
C HIS A 515 -23.57 -33.01 -2.01
N PRO A 516 -24.46 -34.00 -1.92
CA PRO A 516 -25.14 -34.49 -3.11
C PRO A 516 -26.43 -33.73 -3.34
N PHE A 517 -26.75 -33.52 -4.61
CA PHE A 517 -27.99 -32.86 -4.98
C PHE A 517 -28.44 -33.41 -6.33
N GLU A 518 -29.67 -33.08 -6.71
CA GLU A 518 -30.20 -33.64 -7.95
C GLU A 518 -31.19 -32.67 -8.56
N TRP A 519 -30.89 -32.18 -9.76
CA TRP A 519 -31.85 -31.36 -10.50
C TRP A 519 -32.79 -32.25 -11.30
N GLN A 520 -34.06 -31.89 -11.30
CA GLN A 520 -35.07 -32.67 -12.01
C GLN A 520 -36.14 -31.76 -12.59
N PRO A 521 -36.19 -31.57 -13.92
CA PRO A 521 -35.32 -32.16 -14.94
C PRO A 521 -33.89 -31.64 -14.83
N PRO A 522 -32.94 -32.33 -15.45
CA PRO A 522 -31.54 -31.89 -15.35
C PRO A 522 -31.36 -30.49 -15.93
N LEU A 523 -30.23 -29.89 -15.60
CA LEU A 523 -29.93 -28.54 -16.07
C LEU A 523 -29.33 -28.63 -17.47
N LYS A 524 -29.98 -27.99 -18.43
CA LYS A 524 -29.46 -27.95 -19.78
C LYS A 524 -28.09 -27.30 -19.80
N ASN A 525 -27.14 -27.96 -20.45
CA ASN A 525 -25.80 -27.45 -20.69
C ASN A 525 -24.96 -27.36 -19.41
N VAL A 526 -25.47 -27.83 -18.29
CA VAL A 526 -24.73 -27.87 -17.04
C VAL A 526 -24.42 -29.32 -16.72
N SER A 527 -23.23 -29.57 -16.19
CA SER A 527 -22.85 -30.93 -15.85
C SER A 527 -23.74 -31.47 -14.74
N SER A 528 -23.56 -32.76 -14.44
CA SER A 528 -24.31 -33.42 -13.38
C SER A 528 -23.45 -33.78 -12.19
N ARG A 529 -22.14 -33.59 -12.28
CA ARG A 529 -21.28 -33.81 -11.13
C ARG A 529 -21.68 -32.90 -9.99
N THR A 530 -21.38 -33.33 -8.77
CA THR A 530 -21.76 -32.60 -7.58
C THR A 530 -20.56 -32.11 -6.78
N ASP A 531 -19.35 -32.42 -7.22
CA ASP A 531 -18.13 -32.07 -6.50
C ASP A 531 -17.27 -31.08 -7.27
N VAL A 532 -17.90 -30.06 -7.82
CA VAL A 532 -17.22 -29.02 -8.58
C VAL A 532 -17.20 -27.76 -7.73
N GLY A 533 -16.02 -27.40 -7.23
CA GLY A 533 -15.91 -26.23 -6.37
C GLY A 533 -15.41 -25.01 -7.08
N ILE A 534 -14.15 -24.64 -6.86
CA ILE A 534 -13.58 -23.45 -7.48
C ILE A 534 -13.01 -23.83 -8.83
N ILE A 535 -13.48 -23.17 -9.89
CA ILE A 535 -13.05 -23.47 -11.24
C ILE A 535 -12.70 -22.18 -11.96
N ASP A 536 -11.80 -22.31 -12.93
CA ASP A 536 -11.34 -21.17 -13.72
C ASP A 536 -12.52 -20.42 -14.32
N GLY A 537 -12.59 -19.12 -14.04
CA GLY A 537 -13.75 -18.34 -14.43
C GLY A 537 -13.83 -18.09 -15.92
N LEU A 538 -12.69 -18.16 -16.62
CA LEU A 538 -12.68 -17.96 -18.05
C LEU A 538 -13.52 -18.99 -18.80
N SER A 539 -13.86 -20.10 -18.13
CA SER A 539 -14.68 -21.17 -18.72
C SER A 539 -14.02 -21.70 -20.00
N GLY A 540 -12.71 -21.89 -19.94
CA GLY A 540 -11.99 -22.41 -21.09
C GLY A 540 -11.93 -21.44 -22.25
N LEU A 541 -11.85 -20.15 -21.96
CA LEU A 541 -11.74 -19.15 -23.03
C LEU A 541 -10.42 -19.34 -23.76
N ALA A 542 -10.51 -19.54 -25.07
CA ALA A 542 -9.34 -19.84 -25.87
C ALA A 542 -8.33 -18.71 -25.78
N SER A 543 -7.13 -19.02 -25.30
CA SER A 543 -6.07 -18.03 -25.08
C SER A 543 -4.82 -18.47 -25.81
N SER A 544 -4.73 -18.12 -27.09
CA SER A 544 -3.53 -18.30 -27.89
C SER A 544 -3.15 -16.95 -28.48
N VAL A 545 -2.08 -16.95 -29.29
CA VAL A 545 -1.69 -15.71 -29.94
C VAL A 545 -2.67 -15.32 -31.03
N ASP A 546 -3.48 -16.26 -31.50
CA ASP A 546 -4.36 -16.03 -32.62
C ASP A 546 -5.74 -15.55 -32.19
N GLU A 547 -6.06 -15.59 -30.91
CA GLU A 547 -7.36 -15.19 -30.41
C GLU A 547 -7.30 -13.78 -29.84
N TYR A 548 -8.46 -13.19 -29.65
CA TYR A 548 -8.59 -11.89 -29.02
C TYR A 548 -7.91 -11.94 -27.65
N PRO A 549 -6.81 -11.20 -27.45
CA PRO A 549 -5.97 -11.43 -26.27
C PRO A 549 -6.72 -11.15 -24.98
N VAL A 550 -6.84 -12.18 -24.14
CA VAL A 550 -7.45 -12.06 -22.83
C VAL A 550 -6.39 -12.37 -21.79
N ASP A 551 -6.40 -11.62 -20.69
CA ASP A 551 -5.38 -11.78 -19.67
C ASP A 551 -5.95 -11.69 -18.26
N THR A 552 -7.26 -11.83 -18.10
CA THR A 552 -7.91 -11.58 -16.83
C THR A 552 -8.00 -12.88 -16.03
N ILE A 553 -7.34 -12.90 -14.89
CA ILE A 553 -7.49 -14.00 -13.95
C ILE A 553 -8.88 -13.91 -13.34
N ALA A 554 -9.55 -15.05 -13.20
CA ALA A 554 -10.94 -15.04 -12.77
C ALA A 554 -11.32 -16.41 -12.25
N LYS A 555 -11.89 -16.47 -11.04
CA LYS A 555 -12.31 -17.72 -10.45
C LYS A 555 -13.80 -17.69 -10.16
N ARG A 556 -14.43 -18.86 -10.12
CA ARG A 556 -15.87 -18.89 -9.90
C ARG A 556 -16.28 -20.22 -9.29
N PHE A 557 -17.43 -20.20 -8.65
CA PHE A 557 -18.11 -21.45 -8.33
C PHE A 557 -19.11 -21.76 -9.42
N ARG A 558 -19.48 -23.02 -9.53
CA ARG A 558 -20.62 -23.31 -10.38
C ARG A 558 -21.88 -22.93 -9.62
N TYR A 559 -22.81 -22.32 -10.33
CA TYR A 559 -23.88 -21.59 -9.66
C TYR A 559 -24.75 -22.53 -8.82
N ASP A 560 -25.07 -23.71 -9.36
CA ASP A 560 -25.90 -24.65 -8.62
C ASP A 560 -25.19 -25.18 -7.38
N SER A 561 -23.89 -25.47 -7.51
CA SER A 561 -23.13 -25.89 -6.34
C SER A 561 -23.13 -24.81 -5.26
N ALA A 562 -23.01 -23.56 -5.66
CA ALA A 562 -23.03 -22.47 -4.69
C ALA A 562 -24.38 -22.41 -3.98
N LEU A 563 -25.48 -22.49 -4.71
CA LEU A 563 -26.78 -22.47 -4.05
C LEU A 563 -26.96 -23.68 -3.13
N VAL A 564 -26.50 -24.86 -3.55
CA VAL A 564 -26.62 -26.03 -2.70
C VAL A 564 -25.86 -25.83 -1.40
N SER A 565 -24.65 -25.29 -1.48
CA SER A 565 -23.89 -25.08 -0.26
C SER A 565 -24.55 -24.03 0.62
N ALA A 566 -25.11 -22.98 0.03
CA ALA A 566 -25.80 -21.99 0.84
C ALA A 566 -26.99 -22.60 1.57
N LEU A 567 -27.76 -23.44 0.88
CA LEU A 567 -28.95 -23.99 1.50
C LEU A 567 -28.60 -24.98 2.60
N MET A 568 -27.65 -25.88 2.34
CA MET A 568 -27.26 -26.74 3.45
C MET A 568 -26.30 -26.05 4.40
N ASP A 569 -26.08 -24.76 4.25
CA ASP A 569 -25.47 -23.97 5.30
C ASP A 569 -26.52 -23.37 6.24
N MET A 570 -27.61 -22.88 5.68
CA MET A 570 -28.71 -22.36 6.48
C MET A 570 -29.78 -23.41 6.77
N GLU A 571 -29.45 -24.69 6.60
CA GLU A 571 -30.38 -25.76 6.98
C GLU A 571 -30.90 -25.58 8.41
N GLU A 572 -30.01 -25.40 9.38
CA GLU A 572 -30.45 -25.34 10.76
C GLU A 572 -31.37 -24.16 10.98
N ASP A 573 -31.05 -23.03 10.35
CA ASP A 573 -31.86 -21.83 10.53
C ASP A 573 -33.25 -22.01 9.94
N ILE A 574 -33.36 -22.65 8.77
CA ILE A 574 -34.70 -22.78 8.20
C ILE A 574 -35.47 -23.90 8.88
N LEU A 575 -34.79 -24.89 9.45
CA LEU A 575 -35.49 -25.85 10.31
C LEU A 575 -36.07 -25.15 11.53
N GLU A 576 -35.27 -24.32 12.18
CA GLU A 576 -35.77 -23.52 13.29
C GLU A 576 -36.92 -22.64 12.85
N GLY A 577 -36.86 -22.14 11.62
CA GLY A 577 -37.96 -21.33 11.11
C GLY A 577 -39.26 -22.11 10.99
N MET A 578 -39.17 -23.34 10.47
CA MET A 578 -40.36 -24.17 10.40
C MET A 578 -40.88 -24.49 11.79
N ARG A 579 -39.99 -24.76 12.74
CA ARG A 579 -40.41 -24.96 14.12
C ARG A 579 -41.19 -23.75 14.61
N SER A 580 -40.60 -22.56 14.48
CA SER A 580 -41.23 -21.34 14.96
C SER A 580 -42.57 -21.08 14.28
N GLN A 581 -42.70 -21.47 13.02
CA GLN A 581 -43.95 -21.27 12.29
C GLN A 581 -44.95 -22.40 12.49
N ASP A 582 -44.73 -23.25 13.49
CA ASP A 582 -45.66 -24.32 13.83
C ASP A 582 -45.92 -25.25 12.63
N LEU A 583 -44.84 -25.71 12.02
CA LEU A 583 -44.88 -26.67 10.94
C LEU A 583 -44.15 -27.94 11.36
N ASP A 584 -44.08 -28.90 10.43
CA ASP A 584 -43.38 -30.14 10.68
C ASP A 584 -41.94 -30.02 10.23
N ASP A 585 -41.02 -30.48 11.10
CA ASP A 585 -39.64 -30.65 10.68
C ASP A 585 -39.55 -31.53 9.45
N TYR A 586 -40.31 -32.63 9.42
CA TYR A 586 -40.28 -33.56 8.31
C TYR A 586 -41.29 -33.20 7.23
N LEU A 587 -41.28 -31.94 6.83
CA LEU A 587 -42.13 -31.47 5.73
C LEU A 587 -41.24 -31.15 4.54
N ASN A 588 -41.66 -31.59 3.36
CA ASN A 588 -40.84 -31.49 2.15
C ASN A 588 -41.56 -30.73 1.07
N GLY A 589 -42.29 -29.69 1.44
CA GLY A 589 -42.98 -28.86 0.49
C GLY A 589 -42.02 -28.20 -0.47
N PRO A 590 -42.53 -27.73 -1.60
CA PRO A 590 -41.66 -27.08 -2.58
C PRO A 590 -41.22 -25.71 -2.12
N PHE A 591 -40.13 -25.66 -1.34
CA PHE A 591 -39.61 -24.41 -0.83
C PHE A 591 -39.22 -23.47 -1.96
N THR A 592 -39.93 -22.37 -2.13
CA THR A 592 -39.54 -21.34 -3.07
C THR A 592 -38.52 -20.43 -2.41
N VAL A 593 -37.36 -20.35 -2.99
CA VAL A 593 -36.29 -19.48 -2.54
C VAL A 593 -36.31 -18.22 -3.36
N VAL A 594 -35.98 -17.09 -2.75
CA VAL A 594 -35.89 -15.80 -3.44
C VAL A 594 -34.48 -15.28 -3.20
N VAL A 595 -33.70 -15.22 -4.27
CA VAL A 595 -32.29 -14.85 -4.24
C VAL A 595 -32.11 -13.50 -4.90
N LYS A 596 -31.22 -12.69 -4.32
CA LYS A 596 -30.84 -11.40 -4.86
C LYS A 596 -29.53 -11.55 -5.62
N GLU A 597 -29.40 -10.80 -6.72
CA GLU A 597 -28.18 -10.83 -7.58
C GLU A 597 -27.52 -9.45 -7.50
N SER A 598 -26.21 -9.42 -7.33
CA SER A 598 -25.49 -8.14 -7.21
C SER A 598 -24.09 -8.28 -7.80
N CYS A 599 -23.77 -7.43 -8.76
CA CYS A 599 -22.46 -7.33 -9.37
C CYS A 599 -21.99 -5.89 -9.25
N ASP A 600 -20.80 -5.69 -8.66
CA ASP A 600 -20.26 -4.31 -8.49
C ASP A 600 -18.77 -4.31 -8.80
N GLY A 601 -18.34 -3.45 -9.72
CA GLY A 601 -16.96 -3.36 -10.12
C GLY A 601 -16.09 -2.50 -9.24
N MET A 602 -15.67 -3.00 -8.08
CA MET A 602 -14.71 -2.29 -7.26
C MET A 602 -13.45 -2.00 -8.06
N GLY A 603 -12.83 -0.85 -7.78
CA GLY A 603 -11.66 -0.41 -8.50
C GLY A 603 -10.47 -0.23 -7.57
N ASP A 604 -9.29 -0.10 -8.20
CA ASP A 604 -8.04 0.09 -7.49
C ASP A 604 -7.87 -0.91 -6.35
N VAL A 605 -7.78 -2.18 -6.73
CA VAL A 605 -7.56 -3.26 -5.77
C VAL A 605 -6.10 -3.70 -5.77
N SER A 606 -5.19 -2.85 -6.20
CA SER A 606 -3.77 -3.17 -6.27
C SER A 606 -3.03 -2.60 -5.08
N GLU A 607 -1.78 -3.04 -4.93
CA GLU A 607 -0.89 -2.53 -3.91
C GLU A 607 0.53 -2.50 -4.46
N LYS A 608 1.32 -1.57 -3.94
CA LYS A 608 2.70 -1.42 -4.40
C LYS A 608 3.56 -2.52 -3.77
N HIS A 609 3.98 -3.48 -4.59
CA HIS A 609 4.83 -4.55 -4.09
C HIS A 609 6.27 -4.10 -3.94
N GLY A 610 6.73 -3.21 -4.81
CA GLY A 610 8.09 -2.74 -4.79
C GLY A 610 8.17 -1.23 -4.92
N SER A 611 8.88 -0.75 -5.93
CA SER A 611 8.97 0.66 -6.24
C SER A 611 8.26 0.94 -7.56
N GLY A 612 7.39 1.94 -7.56
CA GLY A 612 6.62 2.28 -8.73
C GLY A 612 5.13 2.22 -8.49
N PRO A 613 4.46 3.37 -8.56
CA PRO A 613 3.02 3.42 -8.36
C PRO A 613 2.24 3.17 -9.65
N ALA A 614 2.89 2.57 -10.64
CA ALA A 614 2.45 2.67 -12.03
C ALA A 614 1.02 2.19 -12.23
N VAL A 615 0.76 0.91 -12.04
CA VAL A 615 -0.41 0.25 -12.62
C VAL A 615 -1.56 0.30 -11.62
N PRO A 616 -2.71 0.88 -11.98
CA PRO A 616 -3.95 0.61 -11.24
C PRO A 616 -4.69 -0.56 -11.86
N GLU A 617 -5.16 -1.51 -11.05
CA GLU A 617 -5.91 -2.63 -11.57
C GLU A 617 -7.25 -2.73 -10.86
N LYS A 618 -8.27 -3.13 -11.60
CA LYS A 618 -9.63 -3.16 -11.10
C LYS A 618 -10.07 -4.59 -10.89
N ALA A 619 -11.30 -4.75 -10.42
CA ALA A 619 -11.84 -6.08 -10.15
C ALA A 619 -13.36 -6.03 -10.24
N VAL A 620 -13.95 -7.21 -10.37
CA VAL A 620 -15.40 -7.36 -10.41
C VAL A 620 -15.76 -8.58 -9.60
N ARG A 621 -16.77 -8.45 -8.76
CA ARG A 621 -17.24 -9.56 -7.93
C ARG A 621 -18.72 -9.73 -8.15
N PHE A 622 -19.11 -10.83 -8.77
CA PHE A 622 -20.52 -11.15 -8.95
C PHE A 622 -20.94 -12.08 -7.82
N SER A 623 -22.05 -11.76 -7.17
CA SER A 623 -22.39 -12.44 -5.93
C SER A 623 -23.90 -12.48 -5.79
N PHE A 624 -24.37 -13.26 -4.82
CA PHE A 624 -25.79 -13.41 -4.58
C PHE A 624 -26.05 -13.45 -3.09
N THR A 625 -27.34 -13.50 -2.74
CA THR A 625 -27.75 -13.46 -1.34
C THR A 625 -29.11 -14.14 -1.24
N VAL A 626 -29.18 -15.22 -0.47
CA VAL A 626 -30.48 -15.86 -0.26
C VAL A 626 -31.31 -14.90 0.58
N MET A 627 -32.37 -14.35 -0.01
CA MET A 627 -33.09 -13.26 0.61
C MET A 627 -34.31 -13.72 1.38
N ARG A 628 -35.05 -14.71 0.87
CA ARG A 628 -36.11 -15.30 1.71
C ARG A 628 -36.37 -16.71 1.25
N ILE A 629 -36.90 -17.54 2.16
CA ILE A 629 -37.29 -18.92 1.85
C ILE A 629 -38.71 -19.11 2.33
N THR A 630 -39.56 -19.65 1.47
CA THR A 630 -41.00 -19.68 1.72
C THR A 630 -41.60 -20.98 1.23
N ILE A 631 -42.22 -21.73 2.13
CA ILE A 631 -42.90 -22.98 1.77
C ILE A 631 -44.37 -22.70 1.54
N GLU A 632 -44.97 -23.46 0.62
CA GLU A 632 -46.38 -23.30 0.28
C GLU A 632 -47.20 -24.34 1.05
N HIS A 633 -47.29 -24.12 2.36
CA HIS A 633 -48.07 -24.98 3.22
C HIS A 633 -49.54 -24.92 2.83
N GLY A 634 -50.11 -26.06 2.45
CA GLY A 634 -51.50 -26.09 2.04
C GLY A 634 -51.76 -25.17 0.88
N SER A 635 -52.47 -24.07 1.15
CA SER A 635 -52.78 -23.06 0.14
C SER A 635 -52.39 -21.68 0.64
N GLN A 636 -51.19 -21.58 1.22
CA GLN A 636 -50.67 -20.29 1.67
C GLN A 636 -49.16 -20.39 1.81
N ASN A 637 -48.48 -19.28 1.54
CA ASN A 637 -47.03 -19.21 1.55
C ASN A 637 -46.57 -18.59 2.85
N VAL A 638 -45.91 -19.39 3.69
CA VAL A 638 -45.44 -18.93 4.99
C VAL A 638 -43.94 -18.71 4.92
N LYS A 639 -43.48 -17.62 5.53
CA LYS A 639 -42.10 -17.15 5.39
C LYS A 639 -41.22 -17.92 6.38
N VAL A 640 -40.69 -19.04 5.91
CA VAL A 640 -39.85 -19.87 6.77
C VAL A 640 -38.55 -19.14 7.11
N PHE A 641 -38.13 -18.23 6.25
CA PHE A 641 -36.85 -17.57 6.49
C PHE A 641 -36.83 -16.21 5.80
N GLU A 642 -36.34 -15.20 6.51
CA GLU A 642 -36.09 -13.89 5.92
C GLU A 642 -34.78 -13.35 6.46
N GLU A 643 -33.98 -12.76 5.59
CA GLU A 643 -32.68 -12.26 6.00
C GLU A 643 -32.85 -11.10 6.95
N PRO A 644 -32.18 -11.11 8.11
CA PRO A 644 -32.31 -10.01 9.06
C PRO A 644 -31.71 -8.71 8.54
N LYS A 645 -30.46 -8.80 8.10
CA LYS A 645 -29.72 -7.65 7.57
C LYS A 645 -29.46 -7.91 6.10
N PRO A 646 -30.40 -7.58 5.23
CA PRO A 646 -30.30 -7.98 3.83
C PRO A 646 -29.04 -7.49 3.16
N ASN A 647 -28.83 -6.18 3.15
CA ASN A 647 -27.65 -5.60 2.50
C ASN A 647 -26.54 -5.40 3.53
N SER A 648 -26.01 -6.53 3.98
CA SER A 648 -25.01 -6.55 5.04
C SER A 648 -23.70 -7.12 4.54
N GLU A 649 -22.61 -6.74 5.22
CA GLU A 649 -21.28 -7.15 4.84
C GLU A 649 -21.14 -8.66 4.67
N LEU A 650 -21.91 -9.43 5.42
CA LEU A 650 -21.57 -10.82 5.68
C LEU A 650 -22.77 -11.73 5.48
N CYS A 651 -23.57 -11.44 4.46
CA CYS A 651 -24.50 -12.41 3.92
C CYS A 651 -24.50 -12.40 2.40
N CYS A 652 -23.74 -11.51 1.77
CA CYS A 652 -23.59 -11.46 0.32
C CYS A 652 -22.60 -12.54 -0.07
N LYS A 653 -23.10 -13.74 -0.33
CA LYS A 653 -22.24 -14.86 -0.71
C LYS A 653 -21.49 -14.58 -2.01
N PRO A 654 -20.17 -14.66 -2.03
CA PRO A 654 -19.44 -14.44 -3.28
C PRO A 654 -19.57 -15.64 -4.18
N LEU A 655 -19.62 -15.37 -5.45
CA LEU A 655 -19.86 -16.38 -6.47
C LEU A 655 -18.81 -16.43 -7.56
N CYS A 656 -18.36 -15.27 -8.03
CA CYS A 656 -17.38 -15.16 -9.09
C CYS A 656 -16.59 -13.91 -8.84
N LEU A 657 -15.30 -13.93 -9.15
CA LEU A 657 -14.55 -12.70 -9.02
C LEU A 657 -13.36 -12.73 -9.95
N MET A 658 -13.08 -11.58 -10.56
CA MET A 658 -12.22 -11.46 -11.71
C MET A 658 -11.45 -10.15 -11.61
N LEU A 659 -10.29 -10.11 -12.26
CA LEU A 659 -9.50 -8.88 -12.35
C LEU A 659 -9.69 -8.32 -13.75
N ALA A 660 -10.66 -7.43 -13.91
CA ALA A 660 -10.95 -6.83 -15.20
C ALA A 660 -11.85 -5.62 -14.99
N ASP A 661 -11.61 -4.60 -15.79
CA ASP A 661 -12.46 -3.41 -15.77
C ASP A 661 -13.92 -3.79 -15.90
N GLU A 662 -14.79 -3.07 -15.20
CA GLU A 662 -16.21 -3.37 -15.28
C GLU A 662 -16.78 -3.00 -16.63
N SER A 663 -16.08 -2.14 -17.38
CA SER A 663 -16.54 -1.69 -18.69
C SER A 663 -15.68 -2.23 -19.82
N ASP A 664 -14.92 -3.30 -19.56
CA ASP A 664 -14.25 -4.04 -20.61
C ASP A 664 -15.21 -5.08 -21.15
N HIS A 665 -16.18 -4.58 -21.91
CA HIS A 665 -17.45 -5.27 -22.09
C HIS A 665 -17.25 -6.67 -22.68
N GLU A 666 -16.26 -6.85 -23.54
CA GLU A 666 -16.01 -8.18 -24.10
C GLU A 666 -15.57 -9.16 -23.02
N THR A 667 -14.60 -8.75 -22.19
CA THR A 667 -14.15 -9.61 -21.11
C THR A 667 -15.27 -9.89 -20.13
N LEU A 668 -16.01 -8.84 -19.74
CA LEU A 668 -17.10 -9.02 -18.80
C LEU A 668 -18.10 -10.04 -19.32
N THR A 669 -18.45 -9.95 -20.60
CA THR A 669 -19.41 -10.90 -21.14
C THR A 669 -18.81 -12.30 -21.26
N ALA A 670 -17.53 -12.39 -21.61
CA ALA A 670 -16.90 -13.70 -21.66
C ALA A 670 -16.95 -14.39 -20.32
N ILE A 671 -16.79 -13.64 -19.23
CA ILE A 671 -16.81 -14.26 -17.91
C ILE A 671 -18.21 -14.55 -17.43
N LEU A 672 -19.16 -13.65 -17.68
CA LEU A 672 -20.48 -13.81 -17.10
C LEU A 672 -21.46 -14.54 -18.02
N SER A 673 -21.06 -14.91 -19.22
CA SER A 673 -21.97 -15.69 -20.04
C SER A 673 -22.25 -17.06 -19.44
N PRO A 674 -21.25 -17.78 -18.91
CA PRO A 674 -21.56 -19.08 -18.29
C PRO A 674 -22.47 -18.95 -17.08
N LEU A 675 -22.22 -17.97 -16.22
CA LEU A 675 -23.07 -17.79 -15.05
C LEU A 675 -24.50 -17.50 -15.45
N ILE A 676 -24.70 -16.67 -16.46
CA ILE A 676 -26.06 -16.39 -16.92
C ILE A 676 -26.68 -17.64 -17.52
N ALA A 677 -25.87 -18.44 -18.22
CA ALA A 677 -26.39 -19.70 -18.74
C ALA A 677 -26.89 -20.59 -17.61
N GLU A 678 -26.15 -20.66 -16.52
CA GLU A 678 -26.54 -21.52 -15.40
C GLU A 678 -27.79 -20.99 -14.71
N ARG A 679 -27.85 -19.69 -14.45
CA ARG A 679 -29.03 -19.16 -13.79
C ARG A 679 -30.24 -19.14 -14.70
N GLU A 680 -30.04 -19.25 -16.03
CA GLU A 680 -31.19 -19.44 -16.90
C GLU A 680 -31.60 -20.89 -16.97
N ALA A 681 -30.64 -21.80 -16.82
CA ALA A 681 -30.98 -23.22 -16.77
C ALA A 681 -31.81 -23.54 -15.53
N MET A 682 -31.38 -23.05 -14.37
CA MET A 682 -32.09 -23.37 -13.14
C MET A 682 -33.23 -22.40 -12.86
N LYS A 683 -34.06 -22.18 -13.86
CA LYS A 683 -35.32 -21.47 -13.65
C LYS A 683 -36.53 -22.30 -14.03
N SER A 684 -36.33 -23.51 -14.53
CA SER A 684 -37.39 -24.45 -14.84
C SER A 684 -37.03 -25.83 -14.32
N SER A 685 -36.56 -25.87 -13.07
CA SER A 685 -36.14 -27.11 -12.46
C SER A 685 -36.31 -26.99 -10.95
N GLU A 686 -36.05 -28.08 -10.24
CA GLU A 686 -36.24 -28.13 -8.79
C GLU A 686 -35.13 -28.93 -8.15
N LEU A 687 -34.38 -28.29 -7.28
CA LEU A 687 -33.27 -28.91 -6.58
C LEU A 687 -33.81 -29.90 -5.55
N THR A 688 -33.49 -31.18 -5.70
CA THR A 688 -33.80 -32.15 -4.67
C THR A 688 -32.54 -32.35 -3.83
N LEU A 689 -32.69 -32.17 -2.52
CA LEU A 689 -31.56 -32.06 -1.61
C LEU A 689 -31.98 -32.56 -0.24
N GLU A 690 -31.30 -33.59 0.25
CA GLU A 690 -31.66 -34.16 1.55
C GLU A 690 -31.11 -33.24 2.63
N MET A 691 -32.00 -32.79 3.52
CA MET A 691 -31.65 -31.74 4.48
C MET A 691 -32.17 -32.16 5.85
N GLY A 692 -31.26 -32.62 6.70
CA GLY A 692 -31.66 -33.14 7.99
C GLY A 692 -32.43 -34.42 7.84
N GLY A 693 -31.87 -35.39 7.13
CA GLY A 693 -32.57 -36.63 6.88
C GLY A 693 -33.43 -36.55 5.64
N ILE A 694 -34.71 -36.28 5.83
CA ILE A 694 -35.71 -36.18 4.78
C ILE A 694 -35.21 -35.28 3.64
N PRO A 695 -35.54 -35.61 2.39
CA PRO A 695 -35.14 -34.74 1.27
C PRO A 695 -36.19 -33.69 0.95
N ARG A 696 -35.72 -32.54 0.50
CA ARG A 696 -36.56 -31.38 0.24
C ARG A 696 -36.42 -30.97 -1.21
N THR A 697 -37.44 -30.30 -1.73
CA THR A 697 -37.46 -29.80 -3.09
C THR A 697 -37.48 -28.29 -3.05
N PHE A 698 -36.39 -27.68 -3.50
CA PHE A 698 -36.28 -26.24 -3.60
C PHE A 698 -36.54 -25.79 -5.03
N LYS A 699 -36.99 -24.56 -5.16
CA LYS A 699 -37.39 -24.01 -6.44
C LYS A 699 -37.15 -22.51 -6.37
N PHE A 700 -36.44 -21.97 -7.35
CA PHE A 700 -35.79 -20.68 -7.21
C PHE A 700 -36.52 -19.56 -7.92
N ILE A 701 -36.33 -18.35 -7.40
CA ILE A 701 -36.68 -17.11 -8.08
C ILE A 701 -35.49 -16.18 -7.94
N PHE A 702 -34.92 -15.75 -9.06
CA PHE A 702 -33.76 -14.89 -9.07
C PHE A 702 -34.21 -13.46 -9.32
N ARG A 703 -33.58 -12.50 -8.66
CA ARG A 703 -33.89 -11.10 -8.88
C ARG A 703 -32.59 -10.32 -8.91
N GLY A 704 -32.27 -9.74 -10.06
CA GLY A 704 -31.03 -9.01 -10.20
C GLY A 704 -31.19 -7.55 -9.84
N THR A 705 -30.70 -7.14 -8.69
CA THR A 705 -30.96 -5.79 -8.22
C THR A 705 -29.73 -5.05 -7.71
N GLY A 706 -28.73 -5.75 -7.20
CA GLY A 706 -27.55 -5.06 -6.71
C GLY A 706 -26.68 -4.54 -7.83
N TYR A 707 -27.22 -3.61 -8.61
CA TYR A 707 -26.52 -3.03 -9.74
C TYR A 707 -26.61 -1.52 -9.66
N ASP A 708 -25.47 -0.86 -9.61
CA ASP A 708 -25.45 0.59 -9.72
C ASP A 708 -25.84 1.01 -11.14
N GLU A 709 -26.40 2.21 -11.24
CA GLU A 709 -26.93 2.75 -12.49
C GLU A 709 -26.03 2.46 -13.69
N LYS A 710 -24.71 2.59 -13.50
CA LYS A 710 -23.78 2.40 -14.60
C LYS A 710 -23.90 0.99 -15.18
N LEU A 711 -23.77 -0.03 -14.35
CA LEU A 711 -23.86 -1.40 -14.86
C LEU A 711 -25.27 -1.72 -15.33
N VAL A 712 -26.30 -1.19 -14.67
CA VAL A 712 -27.65 -1.40 -15.17
C VAL A 712 -27.74 -0.99 -16.64
N ARG A 713 -27.29 0.23 -16.92
CA ARG A 713 -27.32 0.79 -18.30
C ARG A 713 -26.39 0.01 -19.24
N GLU A 714 -25.26 -0.50 -18.72
CA GLU A 714 -24.31 -1.23 -19.54
C GLU A 714 -24.83 -2.59 -19.97
N VAL A 715 -25.41 -3.34 -19.05
CA VAL A 715 -25.75 -4.73 -19.32
C VAL A 715 -27.23 -4.88 -19.63
N GLU A 716 -27.92 -3.77 -19.85
CA GLU A 716 -29.28 -3.82 -20.37
C GLU A 716 -29.38 -3.31 -21.80
N GLY A 717 -28.34 -2.68 -22.33
CA GLY A 717 -28.40 -2.18 -23.69
C GLY A 717 -28.99 -0.80 -23.76
N LEU A 718 -28.62 0.05 -22.82
CA LEU A 718 -29.10 1.42 -22.76
C LEU A 718 -27.95 2.38 -22.97
N GLU A 719 -28.28 3.59 -23.42
CA GLU A 719 -27.25 4.60 -23.61
C GLU A 719 -26.63 4.98 -22.27
N ALA A 720 -25.42 5.50 -22.32
CA ALA A 720 -24.70 5.90 -21.12
C ALA A 720 -25.53 6.88 -20.29
N SER A 721 -25.18 7.03 -19.02
CA SER A 721 -26.11 7.62 -18.06
C SER A 721 -26.41 9.07 -18.36
N GLY A 722 -25.57 9.75 -19.13
CA GLY A 722 -25.80 11.15 -19.40
C GLY A 722 -26.58 11.39 -20.66
N SER A 723 -27.58 10.55 -20.93
CA SER A 723 -28.31 10.61 -22.18
C SER A 723 -29.53 11.50 -22.05
N VAL A 724 -30.41 11.44 -23.04
CA VAL A 724 -31.70 12.09 -22.96
C VAL A 724 -32.76 11.18 -22.36
N TYR A 725 -32.56 9.87 -22.44
CA TYR A 725 -33.47 8.88 -21.85
C TYR A 725 -32.91 8.54 -20.48
N ILE A 726 -33.56 9.05 -19.43
CA ILE A 726 -32.92 9.07 -18.12
C ILE A 726 -33.29 7.85 -17.30
N CYS A 727 -34.57 7.54 -17.18
CA CYS A 727 -34.99 6.51 -16.24
C CYS A 727 -34.87 5.13 -16.88
N THR A 728 -34.23 4.21 -16.17
CA THR A 728 -34.16 2.82 -16.64
C THR A 728 -35.41 2.03 -16.32
N LEU A 729 -36.46 2.68 -15.83
CA LEU A 729 -37.74 2.04 -15.59
C LEU A 729 -38.82 2.52 -16.53
N CYS A 730 -38.87 3.81 -16.81
CA CYS A 730 -39.79 4.38 -17.78
C CYS A 730 -38.99 5.00 -18.92
N ASP A 731 -39.50 4.86 -20.13
CA ASP A 731 -38.85 5.40 -21.32
C ASP A 731 -39.33 6.83 -21.54
N THR A 732 -38.65 7.77 -20.89
CA THR A 732 -39.05 9.16 -20.96
C THR A 732 -37.82 10.04 -21.13
N THR A 733 -38.03 11.19 -21.74
CA THR A 733 -36.96 12.14 -22.02
C THR A 733 -36.79 13.12 -20.87
N ARG A 734 -35.54 13.53 -20.66
CA ARG A 734 -35.22 14.45 -19.57
C ARG A 734 -36.11 15.69 -19.58
N LEU A 735 -36.22 16.34 -20.73
CA LEU A 735 -37.12 17.49 -20.84
C LEU A 735 -38.52 17.13 -20.37
N GLU A 736 -39.06 16.00 -20.84
CA GLU A 736 -40.41 15.63 -20.45
C GLU A 736 -40.45 15.22 -18.99
N ALA A 737 -39.34 14.75 -18.44
CA ALA A 737 -39.27 14.50 -17.01
C ALA A 737 -39.43 15.79 -16.21
N SER A 738 -38.80 16.87 -16.68
CA SER A 738 -38.90 18.13 -15.97
C SER A 738 -40.28 18.77 -16.14
N GLN A 739 -40.87 18.65 -17.33
CA GLN A 739 -42.24 19.12 -17.46
C GLN A 739 -43.20 18.35 -16.58
N ASN A 740 -43.15 17.01 -16.64
CA ASN A 740 -44.04 16.15 -15.86
C ASN A 740 -43.20 15.46 -14.80
N LEU A 741 -43.29 15.94 -13.57
CA LEU A 741 -42.35 15.49 -12.54
C LEU A 741 -42.71 14.12 -11.99
N VAL A 742 -43.95 13.92 -11.52
CA VAL A 742 -44.38 12.65 -10.93
C VAL A 742 -45.75 12.27 -11.50
N PHE A 743 -45.75 11.60 -12.65
CA PHE A 743 -46.90 10.78 -13.03
C PHE A 743 -46.52 9.52 -13.80
N HIS A 744 -45.26 9.10 -13.78
CA HIS A 744 -44.80 8.07 -14.69
C HIS A 744 -45.13 6.67 -14.17
N SER A 745 -45.07 5.70 -15.07
CA SER A 745 -45.25 4.30 -14.77
C SER A 745 -43.91 3.59 -14.91
N ILE A 746 -43.92 2.26 -14.79
CA ILE A 746 -42.73 1.44 -14.98
C ILE A 746 -42.95 0.59 -16.22
N THR A 747 -42.22 0.88 -17.28
CA THR A 747 -42.54 0.27 -18.57
C THR A 747 -41.31 -0.15 -19.36
N ARG A 748 -40.26 -0.59 -18.67
CA ARG A 748 -39.05 -1.07 -19.36
C ARG A 748 -38.58 -2.36 -18.72
N SER A 749 -39.01 -3.48 -19.28
CA SER A 749 -38.60 -4.80 -18.83
C SER A 749 -37.35 -5.25 -19.58
N HIS A 750 -37.01 -6.53 -19.48
CA HIS A 750 -35.89 -7.10 -20.22
C HIS A 750 -36.29 -7.67 -21.58
N ALA A 751 -37.42 -8.38 -21.64
CA ALA A 751 -37.90 -8.85 -22.94
C ALA A 751 -38.21 -7.67 -23.85
N GLU A 752 -38.74 -6.60 -23.29
CA GLU A 752 -38.96 -5.38 -24.07
C GLU A 752 -37.64 -4.85 -24.60
N ASN A 753 -36.57 -4.91 -23.80
CA ASN A 753 -35.27 -4.46 -24.27
C ASN A 753 -34.77 -5.32 -25.42
N LEU A 754 -34.86 -6.64 -25.29
CA LEU A 754 -34.44 -7.51 -26.38
C LEU A 754 -35.22 -7.20 -27.65
N GLN A 755 -36.52 -7.01 -27.53
CA GLN A 755 -37.34 -6.79 -28.71
C GLN A 755 -37.02 -5.44 -29.36
N ARG A 756 -36.73 -4.43 -28.55
CA ARG A 756 -36.34 -3.15 -29.10
C ARG A 756 -34.96 -3.21 -29.77
N TYR A 757 -34.02 -3.95 -29.18
CA TYR A 757 -32.75 -4.15 -29.87
C TYR A 757 -32.95 -4.85 -31.21
N GLU A 758 -33.87 -5.81 -31.26
CA GLU A 758 -34.15 -6.44 -32.54
C GLU A 758 -34.68 -5.43 -33.54
N VAL A 759 -35.58 -4.55 -33.09
CA VAL A 759 -36.04 -3.47 -33.95
C VAL A 759 -34.88 -2.64 -34.45
N TRP A 760 -33.96 -2.28 -33.55
CA TRP A 760 -32.81 -1.48 -33.93
C TRP A 760 -31.97 -2.15 -35.00
N ARG A 761 -31.40 -3.31 -34.66
CA ARG A 761 -30.50 -3.99 -35.58
C ARG A 761 -31.18 -4.29 -36.90
N SER A 762 -32.45 -4.70 -36.85
CA SER A 762 -33.15 -5.05 -38.07
C SER A 762 -33.61 -3.81 -38.82
N ASN A 763 -34.09 -2.79 -38.10
CA ASN A 763 -34.65 -1.59 -38.70
C ASN A 763 -35.78 -1.95 -39.65
N PRO A 764 -36.91 -2.42 -39.14
CA PRO A 764 -37.97 -2.91 -40.03
C PRO A 764 -38.69 -1.85 -40.83
N TYR A 765 -38.78 -0.62 -40.33
CA TYR A 765 -39.58 0.41 -40.99
C TYR A 765 -38.76 1.42 -41.78
N HIS A 766 -37.45 1.22 -41.90
CA HIS A 766 -36.63 1.96 -42.83
C HIS A 766 -36.68 3.47 -42.53
N GLU A 767 -36.15 3.83 -41.37
CA GLU A 767 -36.15 5.21 -40.92
C GLU A 767 -34.77 5.59 -40.39
N SER A 768 -34.45 6.88 -40.48
CA SER A 768 -33.11 7.34 -40.17
C SER A 768 -32.80 7.16 -38.68
N VAL A 769 -31.54 7.44 -38.32
CA VAL A 769 -31.07 7.16 -36.98
C VAL A 769 -31.82 7.98 -35.95
N GLU A 770 -32.18 9.22 -36.29
CA GLU A 770 -32.69 10.12 -35.26
C GLU A 770 -34.18 9.92 -34.97
N GLU A 771 -34.90 9.18 -35.80
CA GLU A 771 -36.23 8.72 -35.43
C GLU A 771 -36.27 7.24 -35.12
N LEU A 772 -35.29 6.47 -35.59
CA LEU A 772 -35.15 5.10 -35.11
C LEU A 772 -34.82 5.08 -33.63
N ARG A 773 -34.01 6.04 -33.17
CA ARG A 773 -33.65 6.06 -31.77
C ARG A 773 -34.82 6.53 -30.92
N ASP A 774 -35.78 7.21 -31.53
CA ASP A 774 -37.05 7.46 -30.85
C ASP A 774 -37.90 6.20 -30.80
N ARG A 775 -37.95 5.47 -31.93
CA ARG A 775 -38.64 4.19 -31.95
C ARG A 775 -38.16 3.26 -30.86
N VAL A 776 -36.85 3.15 -30.66
CA VAL A 776 -36.29 2.15 -29.77
C VAL A 776 -35.86 2.75 -28.44
N LYS A 777 -36.30 3.96 -28.13
CA LYS A 777 -36.10 4.60 -26.83
C LYS A 777 -34.72 4.33 -26.25
N GLY A 778 -33.70 4.53 -27.07
CA GLY A 778 -32.34 4.52 -26.57
C GLY A 778 -31.76 3.15 -26.32
N VAL A 779 -32.29 2.12 -26.95
CA VAL A 779 -31.74 0.77 -26.86
C VAL A 779 -30.96 0.51 -28.13
N SER A 780 -29.64 0.53 -28.04
CA SER A 780 -28.75 0.33 -29.18
C SER A 780 -27.64 -0.65 -28.81
N ALA A 781 -27.99 -1.76 -28.17
CA ALA A 781 -27.05 -2.80 -27.79
C ALA A 781 -27.86 -4.00 -27.35
N LYS A 782 -27.28 -5.16 -27.46
CA LYS A 782 -28.04 -6.34 -27.11
C LYS A 782 -28.03 -6.52 -25.60
N PRO A 783 -29.20 -6.62 -24.96
CA PRO A 783 -29.22 -6.87 -23.53
C PRO A 783 -28.53 -8.17 -23.18
N PHE A 784 -27.80 -8.16 -22.08
CA PHE A 784 -26.90 -9.23 -21.70
C PHE A 784 -27.34 -10.00 -20.46
N ILE A 785 -27.72 -9.30 -19.39
CA ILE A 785 -28.24 -9.92 -18.19
C ILE A 785 -29.68 -9.47 -18.01
N GLU A 786 -30.49 -10.31 -17.36
CA GLU A 786 -31.85 -9.94 -17.02
C GLU A 786 -31.86 -9.36 -15.61
N THR A 787 -31.91 -8.05 -15.51
CA THR A 787 -32.10 -7.34 -14.26
C THR A 787 -33.55 -6.92 -14.14
N VAL A 788 -33.90 -6.36 -12.98
CA VAL A 788 -35.28 -5.96 -12.75
C VAL A 788 -35.35 -4.44 -12.68
N PRO A 789 -36.50 -3.85 -13.01
CA PRO A 789 -36.64 -2.40 -12.83
C PRO A 789 -36.71 -2.01 -11.37
N SER A 790 -35.62 -1.44 -10.86
CA SER A 790 -35.56 -1.03 -9.46
C SER A 790 -34.53 0.08 -9.32
N ILE A 791 -34.60 0.78 -8.19
CA ILE A 791 -33.65 1.83 -7.90
C ILE A 791 -32.74 1.37 -6.78
N ASP A 792 -31.47 1.70 -6.89
CA ASP A 792 -30.58 1.51 -5.77
C ASP A 792 -30.94 2.53 -4.69
N ALA A 793 -30.47 2.29 -3.47
CA ALA A 793 -30.78 3.19 -2.37
C ALA A 793 -29.55 3.95 -1.89
N LEU A 794 -28.42 3.27 -1.76
CA LEU A 794 -27.16 3.92 -1.42
C LEU A 794 -26.86 5.06 -2.38
N HIS A 795 -26.72 4.72 -3.66
CA HIS A 795 -26.40 5.75 -4.64
C HIS A 795 -27.54 6.75 -4.77
N CYS A 796 -28.77 6.35 -4.46
CA CYS A 796 -29.87 7.29 -4.51
C CYS A 796 -29.70 8.41 -3.51
N ASP A 797 -29.47 8.06 -2.23
CA ASP A 797 -29.39 9.13 -1.25
C ASP A 797 -28.10 9.91 -1.41
N ILE A 798 -27.01 9.25 -1.85
CA ILE A 798 -25.79 10.00 -2.10
C ILE A 798 -26.00 11.02 -3.21
N GLY A 799 -26.64 10.63 -4.31
CA GLY A 799 -26.87 11.56 -5.38
C GLY A 799 -27.77 12.70 -4.97
N ASN A 800 -28.85 12.41 -4.27
CA ASN A 800 -29.74 13.48 -3.83
C ASN A 800 -29.04 14.42 -2.86
N ALA A 801 -28.21 13.88 -1.98
CA ALA A 801 -27.48 14.74 -1.05
C ALA A 801 -26.47 15.61 -1.77
N ALA A 802 -25.78 15.08 -2.76
CA ALA A 802 -24.88 15.92 -3.56
C ALA A 802 -25.64 17.00 -4.29
N GLU A 803 -26.86 16.71 -4.72
CA GLU A 803 -27.64 17.73 -5.41
C GLU A 803 -28.09 18.82 -4.45
N PHE A 804 -28.44 18.46 -3.21
CA PHE A 804 -28.71 19.50 -2.21
C PHE A 804 -27.46 20.32 -1.90
N TYR A 805 -26.30 19.68 -1.84
CA TYR A 805 -25.06 20.41 -1.64
C TYR A 805 -24.85 21.43 -2.76
N LYS A 806 -25.15 21.04 -3.99
CA LYS A 806 -25.07 21.96 -5.11
C LYS A 806 -26.08 23.10 -4.96
N ILE A 807 -27.31 22.78 -4.54
CA ILE A 807 -28.31 23.83 -4.32
C ILE A 807 -27.83 24.81 -3.26
N PHE A 808 -27.15 24.31 -2.24
CA PHE A 808 -26.62 25.19 -1.20
C PHE A 808 -25.57 26.13 -1.78
N GLN A 809 -24.59 25.59 -2.49
CA GLN A 809 -23.60 26.44 -3.13
C GLN A 809 -24.24 27.49 -4.02
N LEU A 810 -25.37 27.16 -4.64
CA LEU A 810 -26.04 28.15 -5.48
C LEU A 810 -26.75 29.21 -4.64
N GLU A 811 -27.45 28.80 -3.59
CA GLU A 811 -28.20 29.76 -2.79
C GLU A 811 -27.29 30.74 -2.07
N ILE A 812 -26.13 30.29 -1.62
CA ILE A 812 -25.16 31.23 -1.04
C ILE A 812 -24.87 32.36 -2.02
N GLY A 813 -24.66 32.02 -3.27
CA GLY A 813 -24.35 33.01 -4.27
C GLY A 813 -25.52 33.75 -4.85
N GLU A 814 -26.74 33.43 -4.42
CA GLU A 814 -27.95 34.09 -4.91
C GLU A 814 -28.01 34.08 -6.43
N VAL A 815 -27.72 32.91 -7.01
CA VAL A 815 -27.71 32.75 -8.46
C VAL A 815 -29.02 33.21 -9.07
N TYR A 816 -30.10 33.21 -8.30
N TYR A 816 -30.10 33.19 -8.30
CA TYR A 816 -31.38 33.65 -8.82
CA TYR A 816 -31.39 33.66 -8.81
C TYR A 816 -31.37 35.13 -9.21
C TYR A 816 -31.31 35.11 -9.24
N LYS A 817 -30.80 35.99 -8.36
CA LYS A 817 -30.76 37.41 -8.66
C LYS A 817 -29.83 37.70 -9.83
N HIS A 818 -28.54 37.35 -9.69
CA HIS A 818 -27.54 37.54 -10.73
C HIS A 818 -27.10 36.18 -11.24
N PRO A 819 -27.68 35.71 -12.34
CA PRO A 819 -27.28 34.42 -12.90
C PRO A 819 -25.93 34.46 -13.58
N ASN A 820 -25.60 33.37 -14.27
CA ASN A 820 -24.45 33.24 -15.19
C ASN A 820 -23.21 33.96 -14.66
N ALA A 821 -22.74 33.49 -13.51
CA ALA A 821 -21.47 33.94 -12.98
C ALA A 821 -20.33 33.26 -13.74
N SER A 822 -19.10 33.43 -13.26
CA SER A 822 -17.93 32.85 -13.91
C SER A 822 -17.37 31.73 -13.05
N LYS A 823 -16.38 31.02 -13.61
CA LYS A 823 -15.75 29.92 -12.88
C LYS A 823 -14.63 30.42 -11.97
N GLU A 824 -14.92 31.46 -11.22
CA GLU A 824 -14.16 31.81 -10.01
C GLU A 824 -15.09 32.06 -8.83
N GLU A 825 -16.22 32.73 -9.05
CA GLU A 825 -17.21 32.87 -7.98
C GLU A 825 -17.80 31.52 -7.60
N ARG A 826 -17.79 30.56 -8.52
CA ARG A 826 -18.23 29.21 -8.19
C ARG A 826 -17.35 28.61 -7.11
N LYS A 827 -16.04 28.57 -7.34
CA LYS A 827 -15.12 28.06 -6.33
C LYS A 827 -15.14 28.91 -5.07
N ARG A 828 -15.39 30.21 -5.21
CA ARG A 828 -15.51 31.06 -4.02
C ARG A 828 -16.69 30.63 -3.17
N TRP A 829 -17.86 30.46 -3.80
CA TRP A 829 -19.03 29.94 -3.11
C TRP A 829 -18.74 28.61 -2.44
N GLN A 830 -18.06 27.72 -3.15
CA GLN A 830 -17.74 26.40 -2.59
C GLN A 830 -16.89 26.53 -1.34
N ALA A 831 -15.80 27.30 -1.41
CA ALA A 831 -14.93 27.46 -0.25
C ALA A 831 -15.66 28.17 0.88
N THR A 832 -16.56 29.09 0.55
CA THR A 832 -17.36 29.75 1.58
C THR A 832 -18.20 28.73 2.34
N LEU A 833 -18.98 27.93 1.63
CA LEU A 833 -19.78 26.91 2.30
C LEU A 833 -18.92 25.95 3.08
N ASP A 834 -17.76 25.57 2.52
CA ASP A 834 -16.89 24.60 3.19
C ASP A 834 -16.39 25.16 4.52
N LYS A 835 -15.78 26.34 4.49
CA LYS A 835 -15.28 26.94 5.72
C LYS A 835 -16.41 27.15 6.72
N HIS A 836 -17.56 27.62 6.25
CA HIS A 836 -18.67 27.90 7.16
C HIS A 836 -19.15 26.63 7.85
N LEU A 837 -19.32 25.54 7.10
CA LEU A 837 -19.80 24.31 7.69
C LEU A 837 -18.74 23.68 8.59
N ARG A 838 -17.47 23.78 8.22
CA ARG A 838 -16.43 23.21 9.09
C ARG A 838 -16.35 24.00 10.39
N LYS A 839 -16.62 25.30 10.34
CA LYS A 839 -16.64 26.09 11.57
C LYS A 839 -17.85 25.77 12.42
N ARG A 840 -19.02 25.65 11.80
CA ARG A 840 -20.26 25.50 12.55
C ARG A 840 -20.53 24.09 13.03
N MET A 841 -20.02 23.06 12.33
CA MET A 841 -20.40 21.70 12.67
C MET A 841 -19.24 20.71 12.63
N ASN A 842 -17.99 21.19 12.57
CA ASN A 842 -16.82 20.31 12.48
C ASN A 842 -16.96 19.34 11.32
N LEU A 843 -17.68 19.76 10.28
CA LEU A 843 -18.04 18.91 9.15
C LEU A 843 -17.01 19.17 8.05
N LYS A 844 -15.81 18.62 8.24
CA LYS A 844 -14.70 18.85 7.32
C LYS A 844 -15.06 18.34 5.93
N PRO A 845 -15.04 19.20 4.91
CA PRO A 845 -15.47 18.77 3.57
C PRO A 845 -14.44 17.87 2.90
N ILE A 846 -14.93 17.14 1.91
CA ILE A 846 -14.14 16.16 1.15
C ILE A 846 -14.66 16.14 -0.28
N MET A 847 -13.94 15.44 -1.15
CA MET A 847 -14.25 15.46 -2.58
C MET A 847 -15.15 14.29 -2.99
N ARG A 848 -14.67 13.07 -2.74
CA ARG A 848 -15.48 11.85 -3.00
C ARG A 848 -16.56 11.82 -1.90
N MET A 849 -17.79 12.17 -2.26
CA MET A 849 -18.84 12.29 -1.25
C MET A 849 -19.31 10.91 -0.80
N ASN A 850 -18.89 10.50 0.40
CA ASN A 850 -19.23 9.18 0.92
C ASN A 850 -20.61 9.22 1.58
N GLY A 851 -20.93 8.16 2.33
CA GLY A 851 -22.24 8.09 2.96
C GLY A 851 -22.31 8.78 4.30
N ASN A 852 -21.20 8.89 5.01
CA ASN A 852 -21.20 9.63 6.27
C ASN A 852 -21.39 11.12 6.02
N PHE A 853 -20.73 11.65 4.99
CA PHE A 853 -20.91 13.05 4.62
C PHE A 853 -22.36 13.32 4.25
N ALA A 854 -22.95 12.48 3.41
CA ALA A 854 -24.35 12.64 3.03
C ALA A 854 -25.26 12.49 4.22
N ARG A 855 -24.90 11.62 5.16
CA ARG A 855 -25.73 11.43 6.35
C ARG A 855 -25.74 12.70 7.19
N LYS A 856 -24.56 13.25 7.47
CA LYS A 856 -24.50 14.44 8.32
C LYS A 856 -25.06 15.67 7.64
N LEU A 857 -24.79 15.82 6.35
CA LEU A 857 -25.17 17.06 5.65
C LEU A 857 -26.69 17.19 5.57
N MET A 858 -27.41 16.07 5.44
CA MET A 858 -28.84 16.12 5.20
C MET A 858 -29.56 16.14 6.54
N THR A 859 -29.43 17.26 7.24
CA THR A 859 -30.09 17.45 8.52
C THR A 859 -30.70 18.83 8.57
N GLN A 860 -31.84 18.92 9.26
CA GLN A 860 -32.52 20.21 9.43
C GLN A 860 -31.59 21.24 10.05
N GLU A 861 -30.62 20.79 10.86
CA GLU A 861 -29.65 21.70 11.45
C GLU A 861 -28.72 22.29 10.39
N THR A 862 -28.34 21.51 9.38
CA THR A 862 -27.44 22.03 8.36
C THR A 862 -28.08 23.14 7.56
N VAL A 863 -29.36 22.99 7.22
CA VAL A 863 -30.05 24.09 6.54
C VAL A 863 -30.29 25.25 7.51
N ASP A 864 -30.55 24.96 8.78
CA ASP A 864 -30.68 26.05 9.74
C ASP A 864 -29.39 26.83 9.92
N ALA A 865 -28.25 26.21 9.65
CA ALA A 865 -26.96 26.90 9.69
C ALA A 865 -26.71 27.68 8.40
N VAL A 866 -26.73 26.97 7.26
CA VAL A 866 -26.50 27.60 5.97
C VAL A 866 -27.52 28.69 5.66
N CYS A 867 -28.66 28.68 6.34
CA CYS A 867 -29.64 29.74 6.18
C CYS A 867 -29.11 31.09 6.65
N GLU A 868 -28.02 31.10 7.41
CA GLU A 868 -27.39 32.33 7.88
C GLU A 868 -26.34 32.86 6.91
N LEU A 869 -26.47 32.55 5.61
CA LEU A 869 -25.52 33.01 4.60
C LEU A 869 -26.21 33.53 3.35
N ILE A 870 -27.50 33.85 3.42
CA ILE A 870 -28.24 34.30 2.25
C ILE A 870 -28.88 35.65 2.55
N PRO A 871 -28.59 36.68 1.75
CA PRO A 871 -29.23 37.99 1.98
C PRO A 871 -30.73 37.96 1.83
N SER A 872 -31.28 36.92 1.21
CA SER A 872 -32.72 36.87 0.98
C SER A 872 -33.48 36.77 2.30
N GLU A 873 -34.80 36.96 2.19
CA GLU A 873 -35.71 36.79 3.31
C GLU A 873 -36.58 35.55 3.20
N GLU A 874 -36.81 35.07 1.98
CA GLU A 874 -37.71 33.95 1.77
C GLU A 874 -36.99 32.67 1.34
N ARG A 875 -35.79 32.78 0.78
CA ARG A 875 -35.03 31.56 0.50
C ARG A 875 -34.80 30.76 1.76
N HIS A 876 -34.85 31.42 2.91
CA HIS A 876 -34.82 30.74 4.19
C HIS A 876 -35.88 29.64 4.25
N GLU A 877 -37.14 30.03 4.10
CA GLU A 877 -38.22 29.05 4.15
C GLU A 877 -38.21 28.17 2.91
N ALA A 878 -37.74 28.69 1.78
CA ALA A 878 -37.73 27.89 0.56
C ALA A 878 -36.67 26.80 0.59
N LEU A 879 -35.74 26.84 1.55
CA LEU A 879 -34.91 25.68 1.84
C LEU A 879 -35.41 24.89 3.04
N ARG A 880 -35.98 25.57 4.03
CA ARG A 880 -36.51 24.85 5.19
C ARG A 880 -37.57 23.84 4.78
N GLU A 881 -38.57 24.29 4.01
CA GLU A 881 -39.61 23.38 3.55
C GLU A 881 -39.04 22.28 2.69
N LEU A 882 -38.06 22.61 1.86
CA LEU A 882 -37.51 21.60 0.95
C LEU A 882 -36.84 20.48 1.74
N MET A 883 -36.00 20.85 2.70
CA MET A 883 -35.35 19.83 3.52
C MET A 883 -36.37 19.07 4.36
N ASP A 884 -37.41 19.76 4.84
CA ASP A 884 -38.48 19.09 5.57
C ASP A 884 -39.09 17.98 4.74
N LEU A 885 -39.44 18.27 3.50
CA LEU A 885 -40.08 17.26 2.67
C LEU A 885 -39.12 16.15 2.30
N TYR A 886 -37.87 16.49 1.98
CA TYR A 886 -36.92 15.44 1.67
C TYR A 886 -36.75 14.49 2.83
N LEU A 887 -36.80 15.00 4.07
CA LEU A 887 -36.66 14.11 5.22
C LEU A 887 -37.93 13.32 5.47
N LYS A 888 -39.11 13.91 5.21
CA LYS A 888 -40.33 13.11 5.28
C LYS A 888 -40.32 11.99 4.26
N MET A 889 -39.52 12.14 3.21
CA MET A 889 -39.46 11.13 2.15
C MET A 889 -38.36 10.09 2.35
N LYS A 890 -37.25 10.45 2.98
CA LYS A 890 -36.10 9.55 3.02
C LYS A 890 -36.40 8.17 3.61
N PRO A 891 -37.10 8.05 4.74
CA PRO A 891 -37.32 6.69 5.29
C PRO A 891 -38.10 5.80 4.37
N VAL A 892 -39.02 6.35 3.57
CA VAL A 892 -39.91 5.53 2.76
C VAL A 892 -39.12 4.56 1.89
N TRP A 893 -38.06 5.03 1.24
CA TRP A 893 -37.24 4.09 0.47
C TRP A 893 -36.05 3.57 1.27
N ARG A 894 -35.54 4.35 2.21
CA ARG A 894 -34.34 3.90 2.93
C ARG A 894 -34.65 2.78 3.90
N SER A 895 -35.92 2.57 4.24
CA SER A 895 -36.31 1.53 5.18
C SER A 895 -36.32 0.15 4.53
N SER A 896 -35.96 -0.85 5.32
CA SER A 896 -35.97 -2.23 4.84
C SER A 896 -37.35 -2.86 4.89
N CYS A 897 -38.34 -2.18 5.45
CA CYS A 897 -39.72 -2.62 5.33
C CYS A 897 -40.65 -1.46 5.70
N PRO A 898 -40.88 -0.51 4.79
CA PRO A 898 -41.67 0.67 5.15
C PRO A 898 -43.11 0.36 5.52
N ALA A 899 -43.59 -0.85 5.24
CA ALA A 899 -44.96 -1.20 5.61
C ALA A 899 -45.10 -1.23 7.13
N LYS A 900 -44.16 -1.87 7.81
CA LYS A 900 -44.20 -1.98 9.26
C LYS A 900 -43.01 -1.31 9.93
N GLU A 901 -42.56 -0.19 9.37
CA GLU A 901 -41.60 0.66 10.07
C GLU A 901 -42.06 2.10 10.05
N CYS A 902 -42.76 2.51 8.98
CA CYS A 902 -43.25 3.87 8.88
C CYS A 902 -44.39 3.98 7.87
N PRO A 903 -45.52 3.30 8.10
CA PRO A 903 -46.60 3.32 7.11
C PRO A 903 -47.26 4.68 6.94
N GLU A 904 -47.09 5.59 7.89
CA GLU A 904 -47.62 6.93 7.70
C GLU A 904 -46.83 7.68 6.62
N SER A 905 -45.50 7.64 6.71
CA SER A 905 -44.68 8.17 5.62
C SER A 905 -45.05 7.50 4.30
N LEU A 906 -45.39 6.21 4.33
CA LEU A 906 -45.68 5.50 3.09
C LEU A 906 -47.01 5.93 2.49
N CYS A 907 -48.00 6.22 3.32
CA CYS A 907 -49.28 6.66 2.77
C CYS A 907 -49.30 8.16 2.47
N GLN A 908 -48.33 8.91 2.99
CA GLN A 908 -48.21 10.32 2.63
C GLN A 908 -47.21 10.59 1.52
N TYR A 909 -46.42 9.58 1.15
CA TYR A 909 -45.29 9.79 0.24
C TYR A 909 -45.73 10.42 -1.07
N SER A 910 -46.89 10.04 -1.59
CA SER A 910 -47.36 10.62 -2.84
C SER A 910 -47.54 12.13 -2.70
N PHE A 911 -48.27 12.53 -1.65
CA PHE A 911 -48.51 13.96 -1.42
C PHE A 911 -47.19 14.70 -1.18
N ASN A 912 -46.29 14.11 -0.40
CA ASN A 912 -45.04 14.80 -0.09
C ASN A 912 -44.18 14.96 -1.34
N SER A 913 -44.07 13.91 -2.16
CA SER A 913 -43.29 14.03 -3.37
C SER A 913 -43.92 15.00 -4.36
N GLN A 914 -45.25 15.06 -4.41
CA GLN A 914 -45.88 16.01 -5.33
C GLN A 914 -45.64 17.44 -4.87
N ARG A 915 -45.71 17.69 -3.56
CA ARG A 915 -45.40 19.03 -3.06
C ARG A 915 -43.92 19.37 -3.27
N PHE A 916 -43.04 18.40 -3.04
CA PHE A 916 -41.62 18.56 -3.33
C PHE A 916 -41.39 18.93 -4.79
N ALA A 917 -42.13 18.27 -5.68
CA ALA A 917 -42.00 18.55 -7.11
C ALA A 917 -42.47 19.96 -7.42
N GLU A 918 -43.63 20.35 -6.90
CA GLU A 918 -44.08 21.73 -7.03
C GLU A 918 -43.02 22.72 -6.55
N LEU A 919 -42.39 22.42 -5.41
CA LEU A 919 -41.47 23.37 -4.80
C LEU A 919 -40.21 23.52 -5.66
N LEU A 920 -39.67 22.41 -6.15
CA LEU A 920 -38.57 22.50 -7.12
C LEU A 920 -39.01 23.27 -8.35
N SER A 921 -40.22 23.02 -8.84
CA SER A 921 -40.66 23.61 -10.09
C SER A 921 -40.95 25.10 -9.98
N THR A 922 -41.18 25.63 -8.79
CA THR A 922 -41.55 27.03 -8.64
C THR A 922 -40.44 27.87 -8.01
N LYS A 923 -39.99 27.53 -6.82
CA LYS A 923 -38.96 28.32 -6.15
C LYS A 923 -37.55 27.87 -6.52
N PHE A 924 -37.40 27.01 -7.51
CA PHE A 924 -36.07 26.60 -7.96
C PHE A 924 -36.00 26.44 -9.47
N LYS A 925 -36.97 26.99 -10.20
CA LYS A 925 -36.99 26.85 -11.65
C LYS A 925 -35.70 27.29 -12.30
N TYR A 926 -34.90 28.14 -11.64
CA TYR A 926 -33.66 28.59 -12.23
C TYR A 926 -32.66 27.46 -12.40
N ARG A 927 -32.95 26.30 -11.82
CA ARG A 927 -32.13 25.12 -11.95
C ARG A 927 -32.85 23.99 -12.66
N TYR A 928 -34.07 23.68 -12.24
CA TYR A 928 -34.82 22.57 -12.81
C TYR A 928 -35.84 23.08 -13.83
N GLU A 929 -35.34 23.80 -14.83
CA GLU A 929 -36.16 24.22 -15.95
C GLU A 929 -36.04 23.24 -17.10
N GLY A 930 -34.81 22.81 -17.37
CA GLY A 930 -34.55 21.72 -18.28
C GLY A 930 -34.08 20.50 -17.52
N LYS A 931 -32.76 20.33 -17.44
CA LYS A 931 -32.16 19.17 -16.80
C LYS A 931 -32.70 18.93 -15.39
N ILE A 932 -33.18 17.71 -15.17
CA ILE A 932 -33.43 17.19 -13.83
C ILE A 932 -32.67 15.87 -13.70
N THR A 933 -31.86 15.76 -12.65
CA THR A 933 -31.01 14.59 -12.52
C THR A 933 -31.86 13.32 -12.41
N ASN A 934 -31.21 12.18 -12.65
CA ASN A 934 -31.93 10.91 -12.77
C ASN A 934 -32.61 10.56 -11.46
N TYR A 935 -31.87 10.66 -10.36
CA TYR A 935 -32.38 10.28 -9.05
C TYR A 935 -33.55 11.12 -8.60
N PHE A 936 -33.56 12.41 -8.93
CA PHE A 936 -34.78 13.17 -8.68
C PHE A 936 -35.89 12.84 -9.66
N HIS A 937 -35.71 11.84 -10.52
CA HIS A 937 -36.85 11.28 -11.21
C HIS A 937 -37.27 9.96 -10.58
N LYS A 938 -36.30 9.08 -10.35
CA LYS A 938 -36.59 7.81 -9.71
C LYS A 938 -37.25 8.03 -8.35
N THR A 939 -36.52 8.66 -7.44
CA THR A 939 -37.02 8.94 -6.09
C THR A 939 -38.44 9.51 -6.12
N LEU A 940 -38.70 10.42 -7.04
CA LEU A 940 -39.96 11.14 -6.99
C LEU A 940 -41.11 10.33 -7.58
N ALA A 941 -40.89 9.69 -8.72
CA ALA A 941 -42.02 9.16 -9.48
C ALA A 941 -42.18 7.65 -9.42
N HIS A 942 -41.16 6.90 -9.02
CA HIS A 942 -41.24 5.45 -9.10
C HIS A 942 -41.27 4.74 -7.76
N VAL A 943 -40.86 5.38 -6.67
CA VAL A 943 -40.86 4.70 -5.37
C VAL A 943 -42.22 4.16 -4.97
N PRO A 944 -43.31 4.94 -5.00
CA PRO A 944 -44.59 4.39 -4.52
C PRO A 944 -45.12 3.23 -5.35
N GLU A 945 -44.41 2.84 -6.40
CA GLU A 945 -44.79 1.66 -7.16
C GLU A 945 -43.77 0.54 -7.06
N ILE A 946 -42.48 0.88 -7.00
CA ILE A 946 -41.49 -0.11 -6.63
C ILE A 946 -41.82 -0.73 -5.29
N ILE A 947 -42.35 0.06 -4.36
CA ILE A 947 -42.80 -0.49 -3.09
C ILE A 947 -43.90 -1.53 -3.30
N GLU A 948 -44.99 -1.12 -3.94
CA GLU A 948 -46.11 -2.02 -4.15
C GLU A 948 -45.73 -3.24 -4.98
N ARG A 949 -44.57 -3.21 -5.65
CA ARG A 949 -44.18 -4.36 -6.46
C ARG A 949 -43.18 -5.26 -5.74
N ASP A 950 -42.32 -4.70 -4.89
CA ASP A 950 -41.27 -5.46 -4.23
C ASP A 950 -41.33 -5.41 -2.71
N GLY A 951 -42.16 -4.57 -2.12
CA GLY A 951 -42.09 -4.41 -0.68
C GLY A 951 -41.23 -3.23 -0.29
N SER A 952 -39.96 -3.46 0.03
CA SER A 952 -39.04 -2.40 0.42
C SER A 952 -38.24 -1.93 -0.79
N ILE A 953 -37.29 -1.03 -0.53
CA ILE A 953 -36.29 -0.64 -1.52
C ILE A 953 -34.92 -0.72 -0.90
N GLY A 954 -34.86 -0.60 0.42
CA GLY A 954 -33.57 -0.67 1.09
C GLY A 954 -32.97 -2.05 1.11
N ALA A 955 -33.80 -3.09 1.13
CA ALA A 955 -33.27 -4.45 1.16
C ALA A 955 -32.64 -4.82 -0.17
N TRP A 956 -33.27 -4.43 -1.28
CA TRP A 956 -32.82 -4.80 -2.61
C TRP A 956 -31.86 -3.70 -3.10
N ALA A 957 -30.65 -3.69 -2.52
CA ALA A 957 -29.68 -2.66 -2.83
C ALA A 957 -28.29 -3.28 -2.83
N SER A 958 -27.31 -2.47 -3.22
CA SER A 958 -25.94 -2.93 -3.44
C SER A 958 -25.05 -2.75 -2.23
N GLU A 959 -25.58 -2.27 -1.11
CA GLU A 959 -24.76 -2.03 0.07
C GLU A 959 -24.01 -3.28 0.49
N GLY A 960 -24.68 -4.43 0.46
CA GLY A 960 -24.03 -5.67 0.88
C GLY A 960 -22.79 -5.96 0.09
N ASN A 961 -22.81 -5.68 -1.21
CA ASN A 961 -21.64 -5.96 -2.03
C ASN A 961 -20.58 -4.87 -1.85
N GLN A 962 -21.03 -3.61 -1.88
CA GLN A 962 -20.15 -2.43 -1.75
C GLN A 962 -19.25 -2.57 -0.50
N SER A 963 -19.73 -3.25 0.54
CA SER A 963 -18.96 -3.40 1.76
C SER A 963 -17.88 -4.46 1.59
N GLY A 964 -18.23 -5.59 1.00
CA GLY A 964 -17.31 -6.71 0.89
C GLY A 964 -15.97 -6.35 0.27
N ASN A 965 -15.94 -5.24 -0.45
CA ASN A 965 -14.69 -4.77 -1.06
C ASN A 965 -13.58 -4.77 -0.04
N LYS A 966 -13.86 -4.25 1.15
CA LYS A 966 -12.90 -4.26 2.25
C LYS A 966 -12.20 -5.60 2.32
N LEU A 967 -13.00 -6.63 2.59
CA LEU A 967 -12.49 -7.98 2.79
C LEU A 967 -11.52 -8.36 1.71
N PHE A 968 -11.92 -8.13 0.46
CA PHE A 968 -11.08 -8.52 -0.67
C PHE A 968 -9.65 -8.08 -0.44
N ARG A 969 -9.45 -6.77 -0.31
CA ARG A 969 -8.10 -6.25 -0.17
C ARG A 969 -7.37 -6.94 0.96
N ARG A 970 -8.03 -7.03 2.12
CA ARG A 970 -7.42 -7.68 3.26
C ARG A 970 -6.93 -9.07 2.90
N PHE A 971 -7.87 -9.92 2.45
CA PHE A 971 -7.49 -11.26 2.03
C PHE A 971 -6.30 -11.21 1.09
N ARG A 972 -6.40 -10.35 0.07
CA ARG A 972 -5.43 -10.40 -1.00
C ARG A 972 -4.01 -10.16 -0.50
N LYS A 973 -3.85 -9.53 0.66
CA LYS A 973 -2.52 -9.35 1.20
C LYS A 973 -2.24 -10.23 2.41
N MET A 974 -3.26 -10.66 3.12
CA MET A 974 -3.03 -11.42 4.35
C MET A 974 -3.26 -12.92 4.19
N ASN A 975 -4.01 -13.34 3.18
CA ASN A 975 -4.32 -14.76 2.98
C ASN A 975 -4.34 -15.00 1.47
N ALA A 976 -3.20 -15.39 0.92
CA ALA A 976 -3.05 -15.61 -0.51
C ALA A 976 -1.69 -16.23 -0.74
N ARG A 977 -1.40 -16.57 -2.00
CA ARG A 977 -0.13 -17.19 -2.33
C ARG A 977 0.65 -16.48 -3.43
N GLN A 978 0.21 -15.29 -3.85
CA GLN A 978 0.94 -14.49 -4.82
C GLN A 978 1.12 -15.19 -6.17
N SER A 979 0.57 -16.39 -6.30
CA SER A 979 0.86 -17.20 -7.48
C SER A 979 0.11 -16.72 -8.71
N LYS A 980 -0.78 -15.74 -8.58
CA LYS A 980 -1.58 -15.16 -9.66
C LYS A 980 -2.57 -16.15 -10.24
N CYS A 981 -2.53 -17.40 -9.82
CA CYS A 981 -3.53 -18.40 -10.16
C CYS A 981 -4.19 -18.96 -8.92
N TYR A 982 -3.39 -19.31 -7.92
CA TYR A 982 -3.90 -19.70 -6.62
C TYR A 982 -4.29 -18.51 -5.78
N GLU A 983 -3.64 -17.37 -6.02
CA GLU A 983 -3.81 -16.15 -5.24
C GLU A 983 -5.19 -15.57 -5.37
N MET A 984 -6.02 -16.11 -6.25
CA MET A 984 -7.37 -15.61 -6.40
C MET A 984 -8.41 -16.60 -5.90
N GLU A 985 -8.16 -17.89 -6.10
CA GLU A 985 -9.04 -18.88 -5.51
C GLU A 985 -8.90 -18.90 -4.00
N ASP A 986 -7.75 -18.48 -3.47
CA ASP A 986 -7.64 -18.34 -2.03
C ASP A 986 -8.54 -17.23 -1.51
N VAL A 987 -8.46 -16.05 -2.10
CA VAL A 987 -9.36 -14.96 -1.76
C VAL A 987 -10.80 -15.42 -1.84
N LEU A 988 -11.14 -16.15 -2.89
CA LEU A 988 -12.54 -16.50 -3.11
C LEU A 988 -13.01 -17.53 -2.10
N LYS A 989 -12.17 -18.51 -1.78
CA LYS A 989 -12.49 -19.49 -0.75
C LYS A 989 -12.66 -18.84 0.61
N HIS A 990 -11.70 -18.01 1.00
CA HIS A 990 -11.80 -17.36 2.31
C HIS A 990 -13.01 -16.44 2.39
N HIS A 991 -13.37 -15.80 1.28
CA HIS A 991 -14.53 -14.92 1.35
C HIS A 991 -15.81 -15.73 1.45
N TRP A 992 -15.88 -16.87 0.75
CA TRP A 992 -16.99 -17.77 0.96
C TRP A 992 -17.10 -18.20 2.42
N LEU A 993 -15.98 -18.55 3.03
CA LEU A 993 -16.00 -18.96 4.43
C LEU A 993 -16.50 -17.83 5.32
N TYR A 994 -15.83 -16.68 5.26
CA TYR A 994 -16.24 -15.51 6.02
C TYR A 994 -17.74 -15.29 5.91
N THR A 995 -18.29 -15.48 4.72
CA THR A 995 -19.70 -15.20 4.50
C THR A 995 -20.60 -16.33 5.00
N SER A 996 -20.03 -17.46 5.44
CA SER A 996 -20.86 -18.57 5.89
C SER A 996 -21.65 -18.16 7.14
N LYS A 997 -22.53 -19.06 7.57
CA LYS A 997 -23.46 -18.78 8.66
C LYS A 997 -23.35 -19.78 9.80
N TYR A 998 -23.06 -21.04 9.45
CA TYR A 998 -22.71 -22.05 10.44
C TYR A 998 -21.51 -21.64 11.27
N LEU A 999 -20.85 -20.55 10.91
CA LEU A 999 -19.76 -19.99 11.69
C LEU A 999 -20.14 -18.67 12.34
N GLN A 1000 -21.01 -17.89 11.71
CA GLN A 1000 -21.47 -16.68 12.35
C GLN A 1000 -22.31 -16.99 13.58
N LYS A 1001 -22.99 -18.13 13.60
CA LYS A 1001 -23.68 -18.50 14.83
C LYS A 1001 -22.76 -19.20 15.83
N PHE A 1002 -21.47 -19.27 15.56
CA PHE A 1002 -20.47 -19.51 16.60
C PHE A 1002 -19.86 -18.21 17.09
N MET A 1003 -19.52 -17.31 16.18
CA MET A 1003 -18.97 -16.02 16.59
C MET A 1003 -20.04 -15.10 17.15
N ASN A 1004 -21.30 -15.51 17.19
CA ASN A 1004 -22.34 -14.81 17.92
C ASN A 1004 -22.82 -15.58 19.13
N ALA A 1005 -22.03 -16.55 19.61
CA ALA A 1005 -22.46 -17.35 20.75
C ALA A 1005 -22.50 -16.54 22.03
N HIS A 1006 -21.68 -15.49 22.13
CA HIS A 1006 -21.65 -14.71 23.37
C HIS A 1006 -22.99 -14.07 23.65
N ASN A 1007 -23.68 -13.58 22.61
CA ASN A 1007 -25.03 -13.05 22.83
C ASN A 1007 -25.97 -14.13 23.34
N ALA A 1008 -26.19 -15.17 22.54
CA ALA A 1008 -27.08 -16.25 22.94
C ALA A 1008 -26.41 -17.15 23.98
N MET B 1 7.57 -1.92 -48.83
CA MET B 1 8.29 -2.25 -47.60
C MET B 1 8.91 -1.01 -46.97
N SER B 2 8.06 -0.09 -46.50
CA SER B 2 8.51 1.15 -45.87
C SER B 2 7.68 1.35 -44.60
N LEU B 3 8.18 0.82 -43.49
CA LEU B 3 7.49 0.94 -42.21
C LEU B 3 7.46 2.39 -41.75
N GLN B 4 6.39 2.75 -41.02
CA GLN B 4 6.22 4.13 -40.61
C GLN B 4 5.24 4.19 -39.44
N MET B 5 5.69 4.73 -38.30
CA MET B 5 4.82 4.84 -37.13
C MET B 5 3.70 5.84 -37.39
N VAL B 6 2.57 5.64 -36.72
CA VAL B 6 1.39 6.47 -36.89
C VAL B 6 0.94 6.95 -35.52
N THR B 7 0.34 8.14 -35.51
CA THR B 7 -0.27 8.70 -34.30
C THR B 7 -1.77 8.79 -34.51
N VAL B 8 -2.53 8.53 -33.45
CA VAL B 8 -3.97 8.40 -33.54
C VAL B 8 -4.62 9.55 -32.80
N GLY B 9 -5.89 9.79 -33.10
CA GLY B 9 -6.64 10.86 -32.48
C GLY B 9 -7.01 10.56 -31.04
N HIS B 10 -8.17 11.05 -30.63
CA HIS B 10 -8.61 10.85 -29.26
C HIS B 10 -9.30 9.50 -29.08
N ASN B 11 -10.22 9.15 -29.98
CA ASN B 11 -10.89 7.86 -29.93
C ASN B 11 -9.98 6.77 -30.50
N ILE B 12 -8.86 6.58 -29.81
CA ILE B 12 -7.90 5.57 -30.19
C ILE B 12 -8.31 4.20 -29.67
N ALA B 13 -8.95 4.17 -28.51
CA ALA B 13 -9.25 2.90 -27.85
C ALA B 13 -10.23 2.04 -28.64
N LEU B 14 -10.93 2.60 -29.61
CA LEU B 14 -11.88 1.81 -30.38
C LEU B 14 -11.23 0.70 -31.18
N ILE B 15 -9.97 0.86 -31.54
CA ILE B 15 -9.29 -0.14 -32.36
C ILE B 15 -8.87 -1.30 -31.48
N GLN B 16 -9.18 -2.50 -31.92
CA GLN B 16 -9.02 -3.72 -31.14
C GLN B 16 -8.54 -4.84 -32.05
N PRO B 17 -7.88 -5.85 -31.49
CA PRO B 17 -7.48 -7.00 -32.31
C PRO B 17 -8.69 -7.65 -32.97
N GLY B 18 -8.75 -7.57 -34.28
CA GLY B 18 -9.83 -8.17 -35.02
C GLY B 18 -10.63 -7.20 -35.87
N PHE B 19 -10.14 -5.97 -35.98
CA PHE B 19 -10.90 -4.96 -36.69
C PHE B 19 -10.85 -5.20 -38.19
N SER B 20 -11.82 -4.64 -38.89
CA SER B 20 -11.89 -4.74 -40.33
C SER B 20 -11.63 -3.37 -40.96
N LEU B 21 -11.07 -3.40 -42.18
CA LEU B 21 -10.82 -2.19 -42.94
C LEU B 21 -11.43 -2.37 -44.33
N MET B 22 -12.68 -1.97 -44.47
CA MET B 22 -13.28 -2.02 -45.79
C MET B 22 -12.77 -0.86 -46.63
N ASN B 23 -12.99 -0.93 -47.94
CA ASN B 23 -12.38 0.05 -48.85
C ASN B 23 -13.35 0.37 -49.98
N PHE B 24 -13.53 1.66 -50.24
CA PHE B 24 -14.39 2.15 -51.31
C PHE B 24 -13.67 3.29 -52.01
N ASP B 25 -13.15 3.01 -53.20
CA ASP B 25 -12.52 4.01 -54.06
C ASP B 25 -11.40 4.75 -53.32
N GLY B 26 -10.42 3.97 -52.87
CA GLY B 26 -9.32 4.54 -52.12
C GLY B 26 -9.68 5.11 -50.77
N GLN B 27 -10.97 5.16 -50.45
CA GLN B 27 -11.43 5.69 -49.17
C GLN B 27 -11.65 4.52 -48.22
N VAL B 28 -10.85 4.46 -47.16
CA VAL B 28 -10.84 3.32 -46.25
C VAL B 28 -11.78 3.59 -45.08
N PHE B 29 -12.40 2.52 -44.59
CA PHE B 29 -13.38 2.62 -43.52
C PHE B 29 -13.11 1.56 -42.47
N PHE B 30 -12.85 2.02 -41.26
CA PHE B 30 -12.68 1.16 -40.10
C PHE B 30 -14.03 0.59 -39.68
N PHE B 31 -14.01 -0.66 -39.21
CA PHE B 31 -15.21 -1.33 -38.77
C PHE B 31 -14.85 -2.32 -37.67
N GLY B 32 -15.79 -2.55 -36.76
CA GLY B 32 -15.55 -3.50 -35.69
C GLY B 32 -14.82 -2.90 -34.51
N GLN B 33 -15.39 -1.86 -33.92
CA GLN B 33 -14.77 -1.20 -32.78
C GLN B 33 -14.89 -2.06 -31.53
N LYS B 34 -14.42 -1.51 -30.42
CA LYS B 34 -14.46 -2.19 -29.14
C LYS B 34 -15.65 -1.69 -28.34
N GLY B 35 -16.47 -2.63 -27.87
CA GLY B 35 -17.69 -2.27 -27.18
C GLY B 35 -18.80 -1.89 -28.14
N TRP B 36 -20.02 -1.95 -27.64
CA TRP B 36 -21.18 -1.64 -28.45
C TRP B 36 -21.10 -0.21 -28.99
N PRO B 37 -21.82 0.09 -30.06
CA PRO B 37 -21.68 1.41 -30.69
C PRO B 37 -22.14 2.52 -29.75
N LYS B 38 -21.31 3.54 -29.64
CA LYS B 38 -21.57 4.66 -28.74
C LYS B 38 -22.64 5.56 -29.35
N ARG B 39 -22.84 6.73 -28.75
CA ARG B 39 -23.76 7.70 -29.33
C ARG B 39 -23.03 8.78 -30.12
N SER B 40 -21.71 8.90 -29.96
CA SER B 40 -20.95 9.77 -30.84
C SER B 40 -20.76 9.16 -32.23
N CYS B 41 -20.96 7.85 -32.36
CA CYS B 41 -20.96 7.19 -33.67
C CYS B 41 -21.95 6.05 -33.62
N PRO B 42 -23.20 6.29 -33.99
CA PRO B 42 -24.25 5.28 -33.78
C PRO B 42 -24.08 4.01 -34.58
N THR B 43 -23.24 3.97 -35.60
CA THR B 43 -23.21 2.82 -36.50
C THR B 43 -21.98 1.93 -36.35
N GLY B 44 -20.85 2.47 -35.96
CA GLY B 44 -19.66 1.65 -35.84
C GLY B 44 -18.65 1.93 -36.91
N VAL B 45 -19.13 2.19 -38.12
CA VAL B 45 -18.25 2.48 -39.24
C VAL B 45 -17.51 3.79 -39.02
N PHE B 46 -16.33 3.92 -39.61
CA PHE B 46 -15.57 5.16 -39.50
C PHE B 46 -14.79 5.42 -40.78
N HIS B 47 -14.75 6.68 -41.20
CA HIS B 47 -13.71 7.14 -42.12
C HIS B 47 -12.36 6.93 -41.45
N PHE B 48 -11.53 6.09 -42.06
CA PHE B 48 -10.21 5.75 -41.52
C PHE B 48 -9.13 6.62 -42.16
N ASP B 49 -9.31 7.93 -42.11
CA ASP B 49 -8.55 8.85 -42.94
C ASP B 49 -7.18 9.10 -42.32
N ILE B 50 -6.13 8.64 -42.99
CA ILE B 50 -4.75 8.82 -42.57
C ILE B 50 -4.12 9.91 -43.42
N LYS B 51 -3.55 10.92 -42.76
CA LYS B 51 -2.82 11.99 -43.43
C LYS B 51 -1.67 12.39 -42.51
N GLN B 52 -0.46 12.44 -43.06
CA GLN B 52 0.71 12.91 -42.33
C GLN B 52 0.95 12.09 -41.07
N ASN B 53 0.81 10.78 -41.19
CA ASN B 53 1.02 9.83 -40.08
C ASN B 53 0.00 10.05 -38.96
N HIS B 54 -1.09 10.75 -39.25
CA HIS B 54 -2.12 11.03 -38.26
C HIS B 54 -3.45 10.62 -38.86
N LEU B 55 -4.16 9.72 -38.18
CA LEU B 55 -5.46 9.28 -38.66
C LEU B 55 -6.57 9.87 -37.79
N LYS B 56 -7.66 10.22 -38.45
CA LYS B 56 -8.84 10.77 -37.79
C LYS B 56 -9.99 9.80 -38.00
N LEU B 57 -10.33 9.04 -36.98
CA LEU B 57 -11.49 8.16 -37.05
C LEU B 57 -12.73 9.03 -37.08
N LYS B 58 -13.36 9.12 -38.23
CA LYS B 58 -14.50 10.03 -38.26
C LYS B 58 -15.80 9.27 -38.40
N PRO B 59 -16.82 9.62 -37.65
CA PRO B 59 -18.12 8.95 -37.78
C PRO B 59 -18.63 8.94 -39.21
N ALA B 60 -19.42 7.96 -39.57
CA ALA B 60 -19.95 7.84 -40.92
C ALA B 60 -21.35 7.26 -40.85
N ILE B 61 -22.32 7.98 -41.39
CA ILE B 61 -23.71 7.59 -41.23
C ILE B 61 -24.06 6.48 -42.21
N PHE B 62 -25.20 5.82 -42.00
CA PHE B 62 -25.74 4.85 -42.94
C PHE B 62 -26.86 5.50 -43.75
N SER B 63 -27.53 4.66 -44.53
CA SER B 63 -28.65 5.09 -45.34
C SER B 63 -29.90 5.19 -44.49
N LYS B 64 -31.04 5.31 -45.15
CA LYS B 64 -32.32 5.37 -44.48
C LYS B 64 -33.00 4.02 -44.42
N ASP B 65 -32.58 3.06 -45.24
CA ASP B 65 -33.16 1.72 -45.26
C ASP B 65 -32.15 0.63 -44.96
N SER B 66 -30.96 0.99 -44.48
CA SER B 66 -29.94 0.00 -44.17
C SER B 66 -30.31 -0.74 -42.89
N CYS B 67 -29.40 -1.59 -42.43
CA CYS B 67 -29.57 -2.35 -41.20
C CYS B 67 -28.32 -2.16 -40.35
N TYR B 68 -28.51 -1.72 -39.12
CA TYR B 68 -27.39 -1.45 -38.23
C TYR B 68 -26.81 -2.76 -37.72
N LEU B 69 -25.66 -3.01 -38.05
CA LEU B 69 -25.04 -4.29 -37.72
C LEU B 69 -24.12 -4.14 -36.52
N PRO B 70 -24.01 -5.15 -35.69
CA PRO B 70 -23.15 -5.05 -34.51
C PRO B 70 -21.69 -4.99 -34.92
N PRO B 71 -20.83 -4.54 -34.04
CA PRO B 71 -19.39 -4.58 -34.34
C PRO B 71 -18.83 -5.98 -34.17
N LEU B 72 -18.58 -6.65 -35.27
CA LEU B 72 -18.02 -7.98 -35.28
C LEU B 72 -16.51 -7.90 -35.07
N ARG B 73 -15.87 -9.03 -34.83
CA ARG B 73 -14.45 -9.01 -34.52
C ARG B 73 -13.59 -9.97 -35.33
N TYR B 74 -14.15 -10.96 -36.02
CA TYR B 74 -13.36 -11.78 -36.95
C TYR B 74 -14.25 -12.21 -38.10
N PRO B 75 -14.82 -11.27 -38.81
CA PRO B 75 -15.79 -11.62 -39.85
C PRO B 75 -15.09 -12.24 -41.05
N ALA B 76 -15.90 -12.58 -42.04
CA ALA B 76 -15.42 -12.95 -43.36
C ALA B 76 -15.78 -11.81 -44.29
N THR B 77 -14.75 -11.16 -44.85
CA THR B 77 -14.90 -9.95 -45.63
C THR B 77 -14.45 -10.22 -47.05
N CYS B 78 -15.38 -10.23 -47.99
CA CYS B 78 -15.00 -10.43 -49.39
C CYS B 78 -15.52 -9.29 -50.24
N SER B 79 -14.69 -8.83 -51.17
CA SER B 79 -15.01 -7.69 -52.02
C SER B 79 -15.70 -8.19 -53.28
N TYR B 80 -17.03 -8.16 -53.27
CA TYR B 80 -17.80 -8.57 -54.45
C TYR B 80 -17.76 -7.44 -55.47
N LYS B 81 -16.57 -7.22 -56.04
CA LYS B 81 -16.35 -6.10 -56.96
C LYS B 81 -17.04 -6.41 -58.28
N GLY B 82 -18.37 -6.36 -58.25
CA GLY B 82 -19.18 -6.64 -59.42
C GLY B 82 -20.55 -6.01 -59.28
N LYS B 88 -21.20 -1.90 -59.47
CA LYS B 88 -21.77 -1.79 -58.14
C LYS B 88 -20.85 -2.44 -57.10
N HIS B 89 -19.74 -1.77 -56.82
CA HIS B 89 -18.80 -2.25 -55.81
C HIS B 89 -19.49 -2.42 -54.47
N GLN B 90 -19.20 -3.52 -53.78
CA GLN B 90 -19.82 -3.80 -52.50
C GLN B 90 -19.04 -4.88 -51.78
N TYR B 91 -19.17 -4.91 -50.46
CA TYR B 91 -18.52 -5.92 -49.64
C TYR B 91 -19.54 -6.85 -49.00
N ILE B 92 -19.04 -8.02 -48.61
CA ILE B 92 -19.83 -9.04 -47.94
C ILE B 92 -19.16 -9.38 -46.62
N ILE B 93 -19.95 -9.31 -45.54
CA ILE B 93 -19.52 -9.64 -44.19
C ILE B 93 -20.28 -10.88 -43.75
N HIS B 94 -19.57 -11.86 -43.20
CA HIS B 94 -20.22 -13.08 -42.74
C HIS B 94 -19.64 -13.49 -41.38
N GLY B 95 -20.52 -13.61 -40.38
CA GLY B 95 -20.12 -14.15 -39.10
C GLY B 95 -19.14 -13.26 -38.35
N GLY B 96 -18.94 -13.60 -37.09
CA GLY B 96 -18.05 -12.86 -36.22
C GLY B 96 -18.44 -12.98 -34.76
N LYS B 97 -17.87 -12.10 -33.95
CA LYS B 97 -18.09 -12.13 -32.51
C LYS B 97 -18.74 -10.81 -32.08
N THR B 98 -20.06 -10.82 -31.97
CA THR B 98 -20.84 -9.78 -31.32
C THR B 98 -20.18 -9.40 -30.00
N PRO B 99 -20.23 -8.13 -29.58
CA PRO B 99 -19.57 -7.76 -28.31
C PRO B 99 -20.06 -8.54 -27.11
N ASN B 100 -21.07 -9.40 -27.26
CA ASN B 100 -21.49 -10.27 -26.18
C ASN B 100 -20.84 -11.63 -26.26
N ASN B 101 -19.73 -11.74 -26.98
CA ASN B 101 -19.02 -13.01 -27.19
C ASN B 101 -19.98 -14.11 -27.60
N GLU B 102 -20.89 -13.77 -28.51
CA GLU B 102 -21.71 -14.78 -29.18
C GLU B 102 -21.51 -14.63 -30.66
N LEU B 103 -21.54 -15.75 -31.38
CA LEU B 103 -21.23 -15.73 -32.79
C LEU B 103 -22.47 -15.37 -33.60
N SER B 104 -22.25 -14.94 -34.83
CA SER B 104 -23.34 -14.52 -35.70
C SER B 104 -23.33 -15.35 -36.98
N ASP B 105 -24.47 -15.32 -37.68
CA ASP B 105 -24.62 -16.06 -38.91
C ASP B 105 -25.22 -15.25 -40.05
N LYS B 106 -25.70 -14.05 -39.80
CA LYS B 106 -26.24 -13.24 -40.87
C LYS B 106 -25.13 -12.84 -41.84
N ILE B 107 -25.53 -12.54 -43.08
CA ILE B 107 -24.65 -11.93 -44.05
C ILE B 107 -25.05 -10.47 -44.18
N TYR B 108 -24.06 -9.59 -44.24
CA TYR B 108 -24.31 -8.18 -44.45
C TYR B 108 -23.64 -7.72 -45.73
N ILE B 109 -24.31 -6.83 -46.46
CA ILE B 109 -23.84 -6.34 -47.74
C ILE B 109 -23.63 -4.84 -47.61
N MET B 110 -22.39 -4.39 -47.80
CA MET B 110 -22.01 -2.99 -47.68
C MET B 110 -21.89 -2.38 -49.07
N SER B 111 -22.83 -1.51 -49.42
CA SER B 111 -22.69 -0.66 -50.60
C SER B 111 -22.67 0.81 -50.18
N VAL B 112 -22.54 1.69 -51.14
CA VAL B 112 -22.51 3.12 -50.90
C VAL B 112 -23.68 3.76 -51.65
N ALA B 113 -24.69 4.21 -50.91
CA ALA B 113 -25.90 4.70 -51.53
C ALA B 113 -25.81 6.16 -51.93
N CYS B 114 -24.95 6.94 -51.29
CA CYS B 114 -24.84 8.36 -51.61
C CYS B 114 -23.51 8.90 -51.11
N LYS B 115 -22.85 9.69 -51.94
CA LYS B 115 -21.60 10.33 -51.58
C LYS B 115 -21.58 11.75 -52.14
N ASN B 116 -21.07 12.68 -51.35
CA ASN B 116 -21.00 14.08 -51.77
C ASN B 116 -19.86 14.78 -51.04
N ASN B 117 -18.74 14.97 -51.74
CA ASN B 117 -17.63 15.79 -51.25
C ASN B 117 -17.10 15.28 -49.91
N LYS B 118 -16.53 14.07 -49.96
CA LYS B 118 -15.92 13.45 -48.78
C LYS B 118 -16.96 13.21 -47.68
N LYS B 119 -18.17 12.85 -48.09
CA LYS B 119 -19.26 12.53 -47.16
C LYS B 119 -20.03 11.37 -47.75
N VAL B 120 -19.78 10.17 -47.23
CA VAL B 120 -20.36 8.97 -47.77
C VAL B 120 -21.54 8.53 -46.91
N THR B 121 -22.50 7.88 -47.56
CA THR B 121 -23.66 7.33 -46.87
C THR B 121 -23.75 5.86 -47.27
N PHE B 122 -23.38 4.97 -46.35
CA PHE B 122 -23.35 3.56 -46.66
C PHE B 122 -24.77 3.00 -46.78
N ARG B 123 -24.83 1.71 -47.05
CA ARG B 123 -26.08 0.98 -47.17
C ARG B 123 -25.77 -0.47 -46.87
N CYS B 124 -26.10 -0.90 -45.65
CA CYS B 124 -25.81 -2.23 -45.17
C CYS B 124 -27.11 -3.02 -45.14
N THR B 125 -27.21 -4.04 -45.99
CA THR B 125 -28.43 -4.83 -46.08
C THR B 125 -28.18 -6.23 -45.55
N GLU B 126 -29.18 -6.77 -44.85
CA GLU B 126 -29.08 -8.07 -44.20
C GLU B 126 -29.54 -9.16 -45.16
N LYS B 127 -28.59 -9.87 -45.73
CA LYS B 127 -28.86 -11.05 -46.55
C LYS B 127 -28.82 -12.28 -45.68
N ASP B 128 -29.88 -13.08 -45.74
CA ASP B 128 -29.99 -14.31 -44.99
C ASP B 128 -29.97 -15.51 -45.95
N LEU B 129 -29.51 -16.64 -45.42
CA LEU B 129 -29.21 -17.81 -46.24
C LEU B 129 -30.29 -18.87 -46.08
N VAL B 130 -30.30 -19.80 -47.03
CA VAL B 130 -31.20 -20.95 -47.03
C VAL B 130 -30.41 -22.19 -47.39
N GLY B 131 -31.11 -23.32 -47.49
CA GLY B 131 -30.45 -24.56 -47.86
C GLY B 131 -29.55 -25.06 -46.76
N ASP B 132 -28.28 -25.29 -47.11
CA ASP B 132 -27.29 -25.79 -46.16
C ASP B 132 -26.50 -24.61 -45.59
N VAL B 133 -27.19 -23.83 -44.76
CA VAL B 133 -26.60 -22.63 -44.16
C VAL B 133 -25.37 -23.03 -43.36
N PRO B 134 -24.27 -22.30 -43.48
CA PRO B 134 -23.06 -22.64 -42.71
C PRO B 134 -23.26 -22.32 -41.24
N GLU B 135 -22.33 -22.78 -40.46
CA GLU B 135 -22.44 -22.66 -39.02
C GLU B 135 -22.01 -21.27 -38.57
N PRO B 136 -22.70 -20.69 -37.60
CA PRO B 136 -22.21 -19.44 -37.00
C PRO B 136 -20.80 -19.62 -36.45
N ARG B 137 -19.85 -18.91 -37.04
CA ARG B 137 -18.44 -19.18 -36.79
C ARG B 137 -17.65 -17.90 -36.96
N TYR B 138 -16.41 -17.92 -36.52
CA TYR B 138 -15.51 -16.80 -36.77
C TYR B 138 -14.17 -17.34 -37.23
N GLY B 139 -13.31 -16.44 -37.66
CA GLY B 139 -11.99 -16.80 -38.12
C GLY B 139 -11.93 -17.39 -39.51
N HIS B 140 -13.07 -17.61 -40.16
CA HIS B 140 -13.12 -18.28 -41.44
C HIS B 140 -12.77 -17.29 -42.54
N SER B 141 -13.04 -17.68 -43.80
CA SER B 141 -12.67 -16.84 -44.92
C SER B 141 -13.61 -17.10 -46.09
N ILE B 142 -14.13 -16.02 -46.66
CA ILE B 142 -15.01 -16.08 -47.81
C ILE B 142 -14.36 -15.29 -48.95
N ASP B 143 -14.57 -15.77 -50.17
CA ASP B 143 -14.05 -15.11 -51.36
C ASP B 143 -15.02 -15.31 -52.52
N VAL B 144 -15.24 -14.25 -53.28
CA VAL B 144 -16.08 -14.33 -54.47
C VAL B 144 -15.23 -14.83 -55.62
N VAL B 145 -15.72 -15.84 -56.31
CA VAL B 145 -15.01 -16.46 -57.42
C VAL B 145 -15.94 -16.51 -58.62
N TYR B 146 -15.37 -16.28 -59.80
CA TYR B 146 -16.15 -16.16 -61.02
C TYR B 146 -15.93 -17.37 -61.92
N SER B 147 -16.95 -17.68 -62.72
CA SER B 147 -16.87 -18.82 -63.64
C SER B 147 -18.00 -18.70 -64.65
N ARG B 148 -17.64 -18.75 -65.93
CA ARG B 148 -18.62 -18.82 -67.02
C ARG B 148 -19.65 -17.70 -66.91
N GLY B 149 -19.17 -16.48 -66.66
CA GLY B 149 -20.02 -15.31 -66.61
C GLY B 149 -20.83 -15.17 -65.34
N LYS B 150 -20.80 -16.14 -64.44
CA LYS B 150 -21.50 -16.03 -63.17
C LYS B 150 -20.49 -15.95 -62.04
N SER B 151 -21.01 -15.71 -60.84
CA SER B 151 -20.18 -15.58 -59.66
C SER B 151 -20.76 -16.43 -58.53
N MET B 152 -19.91 -16.70 -57.54
CA MET B 152 -20.34 -17.48 -56.40
C MET B 152 -19.43 -17.11 -55.23
N GLY B 153 -19.85 -17.47 -54.02
CA GLY B 153 -19.01 -17.23 -52.87
C GLY B 153 -18.51 -18.52 -52.27
N VAL B 154 -17.19 -18.66 -52.20
CA VAL B 154 -16.56 -19.83 -51.58
C VAL B 154 -16.20 -19.46 -50.16
N LEU B 155 -16.83 -20.14 -49.21
CA LEU B 155 -16.59 -19.93 -47.79
C LEU B 155 -15.93 -21.21 -47.27
N PHE B 156 -14.74 -21.07 -46.70
CA PHE B 156 -14.05 -22.22 -46.15
C PHE B 156 -13.97 -22.09 -44.63
N GLY B 157 -14.15 -23.21 -43.95
CA GLY B 157 -14.45 -23.19 -42.54
C GLY B 157 -13.43 -22.47 -41.68
N GLY B 158 -13.91 -22.07 -40.51
CA GLY B 158 -13.10 -21.54 -39.44
C GLY B 158 -13.67 -22.03 -38.13
N ARG B 159 -13.03 -21.72 -37.01
CA ARG B 159 -13.46 -22.32 -35.76
C ARG B 159 -14.76 -21.70 -35.26
N SER B 160 -15.33 -22.31 -34.23
CA SER B 160 -16.65 -21.93 -33.73
C SER B 160 -16.80 -22.48 -32.32
N TYR B 161 -17.95 -22.21 -31.72
CA TYR B 161 -18.30 -22.77 -30.43
C TYR B 161 -18.89 -24.15 -30.60
N MET B 162 -18.86 -24.91 -29.51
CA MET B 162 -19.45 -26.23 -29.50
C MET B 162 -20.94 -26.11 -29.85
N PRO B 163 -21.54 -27.19 -30.35
CA PRO B 163 -22.99 -27.13 -30.64
C PRO B 163 -23.80 -27.09 -29.36
N SER B 164 -25.11 -26.94 -29.49
CA SER B 164 -25.96 -26.77 -28.30
C SER B 164 -26.18 -28.06 -27.55
N THR B 165 -25.44 -29.12 -27.85
CA THR B 165 -25.54 -30.38 -27.16
C THR B 165 -24.33 -30.67 -26.29
N GLN B 166 -23.13 -30.62 -26.87
CA GLN B 166 -21.90 -30.90 -26.16
C GLN B 166 -21.29 -29.67 -25.54
N ARG B 167 -22.09 -28.63 -25.32
CA ARG B 167 -21.60 -27.37 -24.76
C ARG B 167 -21.95 -27.37 -23.28
N THR B 168 -20.99 -27.75 -22.45
CA THR B 168 -21.16 -27.66 -21.01
C THR B 168 -20.76 -26.28 -20.53
N THR B 169 -21.23 -25.92 -19.35
CA THR B 169 -20.98 -24.58 -18.84
C THR B 169 -19.63 -24.46 -18.14
N GLU B 170 -19.03 -25.55 -17.73
CA GLU B 170 -17.70 -25.48 -17.15
C GLU B 170 -16.65 -25.20 -18.22
N LYS B 171 -16.97 -25.43 -19.49
CA LYS B 171 -16.12 -25.13 -20.63
C LYS B 171 -16.94 -24.38 -21.68
N TRP B 172 -17.69 -23.38 -21.22
CA TRP B 172 -18.66 -22.71 -22.07
C TRP B 172 -18.03 -21.99 -23.25
N ASN B 173 -16.77 -21.57 -23.12
CA ASN B 173 -16.13 -20.74 -24.13
C ASN B 173 -15.13 -21.51 -24.98
N SER B 174 -15.07 -22.83 -24.85
CA SER B 174 -14.15 -23.61 -25.68
C SER B 174 -14.59 -23.59 -27.12
N VAL B 175 -13.64 -23.81 -28.03
CA VAL B 175 -13.89 -23.69 -29.46
C VAL B 175 -13.37 -24.92 -30.18
N ALA B 176 -14.06 -25.27 -31.26
CA ALA B 176 -13.70 -26.38 -32.12
C ALA B 176 -13.68 -25.90 -33.56
N ASP B 177 -12.72 -26.35 -34.33
CA ASP B 177 -12.69 -26.03 -35.76
C ASP B 177 -13.89 -26.66 -36.45
N CYS B 178 -14.59 -25.86 -37.25
CA CYS B 178 -15.68 -26.41 -38.03
C CYS B 178 -15.16 -27.43 -39.02
N LEU B 179 -16.06 -28.33 -39.43
CA LEU B 179 -15.67 -29.39 -40.33
C LEU B 179 -15.20 -28.81 -41.66
N PRO B 180 -14.12 -29.31 -42.23
CA PRO B 180 -13.58 -28.74 -43.47
C PRO B 180 -14.48 -29.04 -44.67
N HIS B 181 -15.56 -28.28 -44.77
CA HIS B 181 -16.39 -28.31 -45.95
C HIS B 181 -16.03 -27.13 -46.83
N VAL B 182 -16.78 -26.95 -47.93
CA VAL B 182 -16.66 -25.76 -48.77
C VAL B 182 -18.07 -25.32 -49.11
N PHE B 183 -18.41 -24.08 -48.76
CA PHE B 183 -19.76 -23.58 -48.95
C PHE B 183 -19.80 -22.67 -50.16
N LEU B 184 -20.66 -23.02 -51.12
CA LEU B 184 -20.92 -22.19 -52.28
C LEU B 184 -22.17 -21.38 -51.98
N ILE B 185 -22.08 -20.06 -52.13
CA ILE B 185 -23.13 -19.15 -51.70
C ILE B 185 -23.54 -18.31 -52.90
N ASP B 186 -24.80 -18.41 -53.27
CA ASP B 186 -25.39 -17.57 -54.31
C ASP B 186 -25.95 -16.32 -53.66
N PHE B 187 -25.41 -15.17 -54.04
CA PHE B 187 -25.88 -13.89 -53.53
C PHE B 187 -27.16 -13.44 -54.20
N GLU B 188 -27.39 -13.84 -55.45
CA GLU B 188 -28.62 -13.47 -56.13
C GLU B 188 -29.84 -14.01 -55.38
N PHE B 189 -29.67 -15.09 -54.64
CA PHE B 189 -30.75 -15.67 -53.85
C PHE B 189 -30.32 -16.04 -52.44
N GLY B 190 -29.07 -15.84 -52.08
CA GLY B 190 -28.59 -16.22 -50.77
C GLY B 190 -28.74 -17.70 -50.47
N CYS B 191 -28.33 -18.55 -51.40
CA CYS B 191 -28.51 -19.99 -51.27
C CYS B 191 -27.16 -20.66 -51.03
N ALA B 192 -27.11 -21.53 -50.03
CA ALA B 192 -25.87 -22.19 -49.65
C ALA B 192 -25.87 -23.64 -50.10
N THR B 193 -24.66 -24.15 -50.35
CA THR B 193 -24.50 -25.54 -50.75
C THR B 193 -23.14 -26.03 -50.25
N SER B 194 -23.13 -27.08 -49.43
CA SER B 194 -21.91 -27.56 -48.82
C SER B 194 -21.35 -28.75 -49.58
N TYR B 195 -20.05 -28.72 -49.82
CA TYR B 195 -19.34 -29.78 -50.55
C TYR B 195 -18.22 -30.30 -49.67
N ILE B 196 -18.09 -31.62 -49.58
CA ILE B 196 -17.06 -32.24 -48.77
C ILE B 196 -15.95 -32.69 -49.72
N LEU B 197 -14.96 -31.84 -49.89
CA LEU B 197 -13.80 -32.21 -50.69
C LEU B 197 -12.99 -33.27 -49.95
N PRO B 198 -12.83 -34.47 -50.50
CA PRO B 198 -12.06 -35.50 -49.79
C PRO B 198 -10.60 -35.15 -49.64
N GLU B 199 -10.11 -34.12 -50.31
CA GLU B 199 -8.71 -33.75 -50.19
C GLU B 199 -8.47 -32.86 -48.99
N LEU B 200 -9.51 -32.14 -48.54
CA LEU B 200 -9.43 -31.36 -47.31
C LEU B 200 -9.76 -32.25 -46.13
N GLN B 201 -8.83 -32.35 -45.17
CA GLN B 201 -8.98 -33.29 -44.07
C GLN B 201 -9.21 -32.62 -42.73
N ASP B 202 -8.30 -31.75 -42.29
CA ASP B 202 -8.35 -31.23 -40.93
C ASP B 202 -8.90 -29.81 -40.91
N GLY B 203 -9.48 -29.44 -39.77
CA GLY B 203 -10.03 -28.11 -39.62
C GLY B 203 -8.95 -27.04 -39.72
N LEU B 204 -9.38 -25.84 -40.07
CA LEU B 204 -8.44 -24.76 -40.33
C LEU B 204 -9.13 -23.44 -40.08
N SER B 205 -8.43 -22.52 -39.42
CA SER B 205 -8.95 -21.19 -39.17
C SER B 205 -7.81 -20.20 -39.30
N PHE B 206 -8.17 -18.92 -39.44
CA PHE B 206 -7.19 -17.84 -39.47
C PHE B 206 -6.21 -17.98 -40.63
N HIS B 207 -6.66 -18.61 -41.71
CA HIS B 207 -5.81 -18.86 -42.85
C HIS B 207 -5.81 -17.65 -43.78
N VAL B 208 -5.23 -17.81 -44.97
CA VAL B 208 -5.13 -16.75 -45.95
C VAL B 208 -5.71 -17.29 -47.25
N SER B 209 -6.60 -16.53 -47.87
CA SER B 209 -7.32 -17.00 -49.04
C SER B 209 -7.21 -15.98 -50.17
N ILE B 210 -6.64 -16.41 -51.29
CA ILE B 210 -6.41 -15.55 -52.44
C ILE B 210 -7.26 -16.06 -53.59
N ALA B 211 -8.12 -15.20 -54.14
CA ALA B 211 -8.98 -15.60 -55.24
C ALA B 211 -8.42 -15.07 -56.55
N ARG B 212 -8.33 -15.95 -57.55
CA ARG B 212 -7.92 -15.55 -58.90
C ARG B 212 -8.96 -16.11 -59.88
N ASN B 213 -10.08 -15.42 -59.97
CA ASN B 213 -11.03 -15.35 -61.08
C ASN B 213 -11.62 -16.70 -61.48
N ASP B 214 -11.04 -17.80 -61.02
CA ASP B 214 -11.71 -19.09 -61.17
C ASP B 214 -11.39 -20.06 -60.04
N THR B 215 -10.58 -19.68 -59.06
CA THR B 215 -10.11 -20.62 -58.05
C THR B 215 -10.08 -19.92 -56.71
N VAL B 216 -9.65 -20.67 -55.70
CA VAL B 216 -9.34 -20.12 -54.39
C VAL B 216 -8.06 -20.80 -53.90
N TYR B 217 -7.05 -20.00 -53.58
CA TYR B 217 -5.78 -20.48 -53.06
C TYR B 217 -5.84 -20.30 -51.55
N ILE B 218 -6.06 -21.40 -50.84
CA ILE B 218 -6.06 -21.39 -49.39
C ILE B 218 -4.67 -21.74 -48.89
N LEU B 219 -4.22 -21.02 -47.87
CA LEU B 219 -2.80 -21.08 -47.54
C LEU B 219 -2.64 -20.80 -46.05
N GLY B 220 -1.71 -21.51 -45.43
CA GLY B 220 -1.41 -21.29 -44.03
C GLY B 220 -2.59 -21.57 -43.14
N GLY B 221 -2.60 -20.93 -41.99
CA GLY B 221 -3.69 -21.05 -41.04
C GLY B 221 -3.33 -21.95 -39.86
N HIS B 222 -4.24 -21.96 -38.90
CA HIS B 222 -4.09 -22.72 -37.68
C HIS B 222 -5.10 -23.86 -37.66
N SER B 223 -4.70 -25.00 -37.13
CA SER B 223 -5.55 -26.18 -37.03
C SER B 223 -5.63 -26.56 -35.57
N LEU B 224 -6.74 -26.23 -34.91
CA LEU B 224 -6.83 -26.39 -33.47
C LEU B 224 -7.00 -27.85 -33.06
N ALA B 225 -7.56 -28.68 -33.95
CA ALA B 225 -7.75 -30.10 -33.63
C ALA B 225 -6.46 -30.77 -33.20
N SER B 226 -5.31 -30.23 -33.58
CA SER B 226 -4.04 -30.81 -33.15
C SER B 226 -2.99 -29.76 -32.78
N ASN B 227 -3.35 -28.47 -32.78
CA ASN B 227 -2.45 -27.38 -32.43
C ASN B 227 -1.18 -27.43 -33.27
N ILE B 228 -1.37 -27.32 -34.58
CA ILE B 228 -0.27 -27.25 -35.54
C ILE B 228 -0.65 -26.20 -36.58
N ARG B 229 0.24 -26.01 -37.56
CA ARG B 229 0.04 -25.06 -38.64
C ARG B 229 0.40 -25.74 -39.95
N PRO B 230 -0.58 -26.30 -40.66
CA PRO B 230 -0.28 -27.02 -41.91
C PRO B 230 0.41 -26.13 -42.92
N ALA B 231 1.65 -26.46 -43.21
CA ALA B 231 2.41 -25.71 -44.21
C ALA B 231 1.90 -25.95 -45.62
N ASN B 232 0.88 -26.76 -45.80
CA ASN B 232 0.39 -27.07 -47.13
C ASN B 232 -0.37 -25.87 -47.71
N LEU B 233 -0.94 -26.07 -48.88
CA LEU B 233 -1.89 -25.12 -49.44
C LEU B 233 -2.82 -25.88 -50.37
N TYR B 234 -3.92 -25.24 -50.71
CA TYR B 234 -4.96 -25.87 -51.51
C TYR B 234 -5.37 -24.93 -52.63
N ARG B 235 -5.65 -25.51 -53.79
CA ARG B 235 -6.19 -24.79 -54.93
C ARG B 235 -7.57 -25.39 -55.18
N ILE B 236 -8.60 -24.67 -54.78
CA ILE B 236 -9.98 -25.07 -55.05
C ILE B 236 -10.35 -24.49 -56.41
N ARG B 237 -10.37 -25.33 -57.43
CA ARG B 237 -10.92 -24.97 -58.73
C ARG B 237 -12.43 -25.15 -58.67
N VAL B 238 -13.16 -24.14 -59.13
CA VAL B 238 -14.61 -24.21 -59.22
C VAL B 238 -14.99 -24.10 -60.69
N ASP B 239 -16.13 -24.68 -61.04
CA ASP B 239 -16.70 -24.45 -62.36
C ASP B 239 -18.22 -24.51 -62.24
N LEU B 240 -18.90 -23.65 -63.01
CA LEU B 240 -20.33 -23.46 -62.87
C LEU B 240 -21.04 -23.95 -64.12
N PRO B 241 -21.47 -25.21 -64.16
CA PRO B 241 -22.24 -25.68 -65.31
C PRO B 241 -23.61 -25.04 -65.40
N LEU B 242 -24.40 -25.45 -66.38
CA LEU B 242 -25.76 -24.96 -66.50
C LEU B 242 -26.60 -25.30 -65.28
N GLY B 243 -26.29 -26.40 -64.60
CA GLY B 243 -27.04 -26.81 -63.43
C GLY B 243 -26.27 -26.68 -62.13
N THR B 244 -25.93 -27.82 -61.54
CA THR B 244 -25.26 -27.80 -60.24
C THR B 244 -23.78 -27.48 -60.42
N PRO B 245 -23.23 -26.55 -59.66
CA PRO B 245 -21.79 -26.28 -59.74
C PRO B 245 -20.97 -27.48 -59.34
N ALA B 246 -19.68 -27.41 -59.65
CA ALA B 246 -18.74 -28.46 -59.28
C ALA B 246 -17.45 -27.84 -58.77
N VAL B 247 -16.79 -28.56 -57.86
CA VAL B 247 -15.54 -28.10 -57.27
C VAL B 247 -14.55 -29.26 -57.23
N ASN B 248 -13.27 -28.92 -57.40
CA ASN B 248 -12.18 -29.85 -57.21
C ASN B 248 -11.09 -29.13 -56.44
N CYS B 249 -10.19 -29.89 -55.84
CA CYS B 249 -9.07 -29.31 -55.12
C CYS B 249 -7.78 -29.96 -55.55
N THR B 250 -6.67 -29.25 -55.35
CA THR B 250 -5.33 -29.77 -55.62
C THR B 250 -4.40 -29.24 -54.54
N VAL B 251 -3.68 -30.13 -53.86
CA VAL B 251 -2.58 -29.68 -53.02
C VAL B 251 -1.40 -29.30 -53.90
N LEU B 252 -0.59 -28.36 -53.42
CA LEU B 252 0.58 -27.88 -54.11
C LEU B 252 1.72 -27.75 -53.12
N PRO B 253 2.97 -27.68 -53.59
CA PRO B 253 4.08 -27.48 -52.68
C PRO B 253 4.35 -26.01 -52.39
N GLY B 254 5.38 -25.73 -51.60
CA GLY B 254 5.79 -24.37 -51.34
C GLY B 254 4.86 -23.56 -50.46
N GLY B 255 3.93 -24.21 -49.77
CA GLY B 255 3.01 -23.48 -48.93
C GLY B 255 3.69 -22.90 -47.70
N ILE B 256 3.29 -21.69 -47.33
CA ILE B 256 3.78 -21.02 -46.15
C ILE B 256 3.25 -21.79 -44.93
N SER B 257 3.83 -21.56 -43.76
CA SER B 257 3.33 -22.10 -42.50
C SER B 257 3.08 -20.91 -41.59
N VAL B 258 1.86 -20.37 -41.63
CA VAL B 258 1.54 -19.15 -40.92
C VAL B 258 0.05 -19.16 -40.61
N SER B 259 -0.31 -18.46 -39.53
CA SER B 259 -1.69 -18.16 -39.22
C SER B 259 -1.78 -16.68 -38.88
N SER B 260 -2.93 -16.07 -39.17
CA SER B 260 -3.18 -14.66 -38.92
C SER B 260 -2.31 -13.76 -39.79
N ALA B 261 -1.96 -14.23 -40.99
CA ALA B 261 -1.16 -13.44 -41.91
C ALA B 261 -2.06 -12.51 -42.72
N ILE B 262 -1.61 -11.28 -42.90
CA ILE B 262 -2.40 -10.27 -43.59
C ILE B 262 -2.14 -10.33 -45.08
N LEU B 263 -3.16 -10.00 -45.87
CA LEU B 263 -3.08 -10.05 -47.32
C LEU B 263 -3.41 -8.70 -47.91
N THR B 264 -2.74 -8.35 -49.00
CA THR B 264 -3.16 -7.24 -49.84
C THR B 264 -2.67 -7.49 -51.25
N GLN B 265 -3.28 -6.79 -52.20
CA GLN B 265 -2.94 -6.94 -53.61
C GLN B 265 -2.02 -5.81 -54.01
N THR B 266 -0.71 -6.03 -53.80
CA THR B 266 0.28 -5.03 -54.13
C THR B 266 0.19 -4.62 -55.59
N ASN B 267 0.44 -5.57 -56.49
CA ASN B 267 0.31 -5.32 -57.91
C ASN B 267 -0.80 -6.19 -58.47
N ASN B 268 -1.28 -5.84 -59.66
CA ASN B 268 -2.23 -6.70 -60.33
C ASN B 268 -1.63 -8.11 -60.43
N ASP B 269 -2.48 -9.11 -60.17
CA ASP B 269 -2.15 -10.52 -60.00
C ASP B 269 -0.81 -10.75 -59.31
N GLU B 270 -0.53 -9.96 -58.27
CA GLU B 270 0.68 -10.12 -57.47
C GLU B 270 0.40 -9.63 -56.06
N PHE B 271 0.34 -10.57 -55.12
CA PHE B 271 -0.06 -10.28 -53.75
C PHE B 271 1.18 -10.27 -52.87
N VAL B 272 1.09 -9.62 -51.72
CA VAL B 272 2.09 -9.73 -50.71
C VAL B 272 1.44 -10.38 -49.50
N ILE B 273 2.25 -10.85 -48.56
CA ILE B 273 1.74 -11.38 -47.31
C ILE B 273 2.78 -11.10 -46.23
N VAL B 274 2.29 -10.67 -45.07
CA VAL B 274 3.15 -10.22 -44.00
C VAL B 274 2.94 -11.12 -42.80
N GLY B 275 3.66 -10.84 -41.71
CA GLY B 275 3.74 -11.78 -40.62
C GLY B 275 2.46 -12.08 -39.87
N GLY B 276 2.20 -13.37 -39.71
CA GLY B 276 1.22 -13.85 -38.76
C GLY B 276 1.93 -14.44 -37.56
N TYR B 277 1.92 -15.77 -37.42
CA TYR B 277 2.64 -16.42 -36.34
C TYR B 277 3.21 -17.73 -36.86
N GLN B 278 4.48 -17.99 -36.57
CA GLN B 278 5.13 -19.24 -36.93
C GLN B 278 4.93 -20.27 -35.84
N LEU B 279 5.40 -19.96 -34.63
CA LEU B 279 5.19 -20.77 -33.44
C LEU B 279 4.57 -19.89 -32.37
N GLU B 280 4.00 -20.53 -31.35
CA GLU B 280 3.33 -19.80 -30.29
C GLU B 280 4.25 -18.86 -29.55
N ASN B 281 5.56 -18.92 -29.82
CA ASN B 281 6.51 -17.95 -29.31
C ASN B 281 7.17 -17.12 -30.41
N GLN B 282 7.09 -17.55 -31.66
CA GLN B 282 7.73 -16.87 -32.78
C GLN B 282 6.66 -16.21 -33.65
N LYS B 283 6.49 -14.92 -33.46
CA LYS B 283 5.78 -14.12 -34.45
C LYS B 283 6.56 -14.11 -35.76
N ARG B 284 5.85 -14.23 -36.87
CA ARG B 284 6.50 -14.29 -38.17
C ARG B 284 7.04 -12.92 -38.54
N MET B 285 8.27 -12.88 -39.03
CA MET B 285 8.93 -11.64 -39.43
C MET B 285 9.06 -11.48 -40.92
N VAL B 286 9.32 -12.57 -41.64
CA VAL B 286 9.63 -12.49 -43.06
C VAL B 286 8.37 -12.17 -43.85
N CYS B 287 8.53 -11.42 -44.94
CA CYS B 287 7.42 -11.12 -45.83
C CYS B 287 7.56 -11.90 -47.13
N SER B 288 6.44 -12.39 -47.64
CA SER B 288 6.46 -13.27 -48.81
C SER B 288 5.55 -12.71 -49.89
N LEU B 289 6.11 -12.56 -51.08
CA LEU B 289 5.31 -12.13 -52.22
C LEU B 289 4.79 -13.36 -52.95
N VAL B 290 3.50 -13.38 -53.22
CA VAL B 290 2.85 -14.47 -53.93
C VAL B 290 2.60 -13.99 -55.35
N SER B 291 3.35 -14.55 -56.30
CA SER B 291 3.15 -14.26 -57.72
C SER B 291 2.07 -15.20 -58.22
N LEU B 292 0.90 -14.64 -58.50
CA LEU B 292 -0.14 -15.39 -59.17
C LEU B 292 0.17 -15.48 -60.66
N GLY B 293 -0.75 -16.08 -61.39
CA GLY B 293 -0.61 -16.18 -62.82
C GLY B 293 -1.87 -16.70 -63.45
N ASP B 294 -1.73 -17.32 -64.60
CA ASP B 294 -2.87 -17.95 -65.24
C ASP B 294 -3.30 -19.19 -64.48
N ASN B 295 -2.36 -20.11 -64.26
CA ASN B 295 -2.65 -21.34 -63.53
C ASN B 295 -1.71 -21.61 -62.37
N THR B 296 -0.48 -21.10 -62.40
CA THR B 296 0.55 -21.47 -61.43
C THR B 296 0.74 -20.37 -60.40
N ILE B 297 0.51 -20.71 -59.15
CA ILE B 297 0.89 -19.87 -58.02
C ILE B 297 2.38 -20.03 -57.79
N GLU B 298 3.00 -19.02 -57.17
CA GLU B 298 4.41 -19.13 -56.81
C GLU B 298 4.67 -18.23 -55.61
N ILE B 299 4.76 -18.83 -54.43
CA ILE B 299 5.16 -18.09 -53.24
C ILE B 299 6.68 -17.90 -53.27
N SER B 300 7.14 -16.72 -52.88
CA SER B 300 8.56 -16.46 -52.77
C SER B 300 8.80 -15.45 -51.67
N GLU B 301 10.05 -15.28 -51.30
CA GLU B 301 10.44 -14.43 -50.18
C GLU B 301 10.86 -13.07 -50.70
N MET B 302 10.58 -12.01 -49.94
CA MET B 302 10.93 -10.67 -50.40
C MET B 302 11.78 -9.94 -49.36
N GLU B 303 11.97 -8.63 -49.57
CA GLU B 303 13.08 -7.94 -48.94
C GLU B 303 12.88 -7.64 -47.46
N THR B 304 12.51 -8.67 -46.68
CA THR B 304 12.60 -8.76 -45.22
C THR B 304 12.50 -7.40 -44.52
N PRO B 305 11.36 -6.71 -44.65
CA PRO B 305 11.28 -5.32 -44.20
C PRO B 305 11.78 -5.12 -42.78
N ASP B 306 12.51 -4.03 -42.58
CA ASP B 306 13.17 -3.75 -41.31
C ASP B 306 12.13 -3.47 -40.25
N TRP B 307 12.10 -4.30 -39.21
CA TRP B 307 11.19 -4.09 -38.11
C TRP B 307 11.87 -3.28 -37.02
N THR B 308 11.11 -2.38 -36.42
CA THR B 308 11.63 -1.57 -35.33
C THR B 308 11.87 -2.44 -34.10
N SER B 309 12.39 -1.81 -33.04
CA SER B 309 12.69 -2.56 -31.82
C SER B 309 11.43 -3.07 -31.16
N ASP B 310 10.41 -2.21 -31.03
CA ASP B 310 9.17 -2.61 -30.40
C ASP B 310 8.57 -3.82 -31.10
N ILE B 311 8.38 -3.74 -32.42
CA ILE B 311 7.76 -4.82 -33.17
C ILE B 311 8.54 -6.12 -33.02
N LYS B 312 9.85 -6.04 -32.78
CA LYS B 312 10.60 -7.25 -32.50
C LYS B 312 10.50 -7.68 -31.04
N HIS B 313 10.05 -6.78 -30.16
CA HIS B 313 9.88 -7.13 -28.75
C HIS B 313 8.51 -7.71 -28.45
N SER B 314 7.44 -7.02 -28.87
CA SER B 314 6.09 -7.47 -28.59
C SER B 314 5.84 -8.84 -29.21
N LYS B 315 4.92 -9.59 -28.61
CA LYS B 315 4.69 -10.98 -28.99
C LYS B 315 3.41 -11.19 -29.79
N ILE B 316 2.46 -10.27 -29.72
CA ILE B 316 1.24 -10.36 -30.51
C ILE B 316 1.11 -9.08 -31.33
N TRP B 317 0.51 -9.21 -32.50
CA TRP B 317 0.43 -8.07 -33.42
C TRP B 317 -0.52 -8.42 -34.54
N PHE B 318 -1.27 -7.42 -34.99
CA PHE B 318 -2.44 -7.62 -35.82
C PHE B 318 -2.52 -6.47 -36.80
N GLY B 319 -3.58 -6.46 -37.59
CA GLY B 319 -3.84 -5.38 -38.51
C GLY B 319 -4.67 -5.86 -39.67
N SER B 320 -4.63 -5.09 -40.75
CA SER B 320 -5.27 -5.50 -41.99
C SER B 320 -4.83 -4.57 -43.11
N ASN B 321 -5.20 -4.94 -44.33
CA ASN B 321 -4.86 -4.14 -45.50
C ASN B 321 -5.80 -2.97 -45.63
N MET B 322 -5.25 -1.82 -46.03
CA MET B 322 -6.08 -0.69 -46.40
C MET B 322 -6.58 -0.79 -47.83
N GLY B 323 -5.94 -1.59 -48.67
CA GLY B 323 -6.42 -1.84 -50.01
C GLY B 323 -5.41 -1.53 -51.09
N ASN B 324 -4.69 -0.43 -50.96
CA ASN B 324 -3.66 -0.07 -51.92
C ASN B 324 -2.28 -0.42 -51.35
N GLY B 325 -2.01 -1.71 -51.33
CA GLY B 325 -0.72 -2.22 -50.87
C GLY B 325 -0.23 -1.59 -49.59
N THR B 326 -1.14 -1.30 -48.66
CA THR B 326 -0.79 -0.61 -47.43
C THR B 326 -1.38 -1.38 -46.25
N ILE B 327 -0.51 -1.98 -45.46
CA ILE B 327 -0.92 -2.83 -44.34
C ILE B 327 -0.83 -1.99 -43.08
N PHE B 328 -1.96 -1.80 -42.42
CA PHE B 328 -1.99 -1.14 -41.12
C PHE B 328 -1.81 -2.20 -40.03
N LEU B 329 -0.93 -1.91 -39.08
CA LEU B 329 -0.55 -2.85 -38.04
C LEU B 329 -0.91 -2.31 -36.66
N GLY B 330 -0.65 -3.13 -35.65
CA GLY B 330 -0.85 -2.73 -34.27
C GLY B 330 0.08 -3.48 -33.35
N ILE B 331 0.40 -2.82 -32.24
CA ILE B 331 1.32 -3.36 -31.23
C ILE B 331 0.74 -3.04 -29.86
N PRO B 332 0.69 -3.99 -28.93
CA PRO B 332 0.10 -3.68 -27.62
C PRO B 332 0.85 -2.60 -26.86
N GLY B 333 2.15 -2.78 -26.64
CA GLY B 333 2.88 -1.80 -25.87
C GLY B 333 3.23 -2.32 -24.49
N ASP B 334 4.42 -1.94 -23.99
CA ASP B 334 4.91 -2.43 -22.71
C ASP B 334 3.92 -2.14 -21.58
N ASN B 335 3.39 -3.20 -20.97
CA ASN B 335 2.47 -3.04 -19.85
C ASN B 335 3.18 -2.36 -18.68
N LYS B 336 4.22 -3.01 -18.16
CA LYS B 336 5.05 -2.42 -17.10
C LYS B 336 5.96 -1.37 -17.73
N GLN B 337 5.43 -0.17 -17.86
CA GLN B 337 6.15 0.93 -18.47
C GLN B 337 5.62 2.25 -17.90
N ALA B 338 6.18 3.36 -18.38
CA ALA B 338 5.79 4.69 -17.93
C ALA B 338 4.47 5.10 -18.59
N MET B 339 3.41 4.38 -18.22
CA MET B 339 2.07 4.60 -18.73
C MET B 339 2.05 4.55 -20.26
N SER B 340 2.65 3.49 -20.81
CA SER B 340 2.60 3.26 -22.24
C SER B 340 1.16 3.07 -22.68
N GLU B 341 0.83 3.61 -23.85
CA GLU B 341 -0.53 3.53 -24.35
C GLU B 341 -0.95 2.08 -24.58
N ALA B 342 -2.25 1.87 -24.74
CA ALA B 342 -2.76 0.52 -24.90
C ALA B 342 -2.42 -0.07 -26.25
N PHE B 343 -2.19 0.76 -27.26
CA PHE B 343 -1.85 0.27 -28.59
C PHE B 343 -1.08 1.35 -29.34
N TYR B 344 0.05 0.96 -29.92
CA TYR B 344 0.73 1.77 -30.90
C TYR B 344 0.45 1.21 -32.29
N PHE B 345 0.61 2.04 -33.31
CA PHE B 345 0.20 1.63 -34.64
C PHE B 345 1.27 1.99 -35.67
N TYR B 346 1.37 1.14 -36.68
CA TYR B 346 2.33 1.30 -37.76
C TYR B 346 1.63 1.13 -39.08
N THR B 347 2.27 1.60 -40.13
CA THR B 347 1.77 1.41 -41.49
C THR B 347 2.93 0.99 -42.38
N LEU B 348 2.65 0.07 -43.29
CA LEU B 348 3.66 -0.44 -44.22
C LEU B 348 3.13 -0.32 -45.63
N ARG B 349 3.75 0.55 -46.42
CA ARG B 349 3.46 0.59 -47.84
C ARG B 349 4.16 -0.57 -48.54
N CYS B 350 3.67 -0.88 -49.74
CA CYS B 350 4.27 -1.94 -50.54
C CYS B 350 4.35 -1.57 -52.02
N SER B 351 3.93 -0.36 -52.39
CA SER B 351 3.94 0.08 -53.78
C SER B 351 3.13 -0.85 -54.66
N ARG C 393 -33.19 -27.93 51.00
CA ARG C 393 -33.55 -28.97 51.96
C ARG C 393 -33.57 -30.35 51.30
N GLN C 394 -33.70 -30.37 49.97
CA GLN C 394 -33.84 -31.61 49.22
C GLN C 394 -32.57 -31.96 48.44
N HIS C 395 -32.13 -31.06 47.57
CA HIS C 395 -30.94 -31.32 46.76
C HIS C 395 -30.25 -29.99 46.51
N LEU C 396 -29.16 -30.02 45.74
CA LEU C 396 -28.31 -28.84 45.57
C LEU C 396 -27.95 -28.50 44.12
N LEU C 397 -28.00 -29.45 43.17
CA LEU C 397 -27.71 -29.06 41.80
C LEU C 397 -28.78 -28.13 41.25
N SER C 398 -30.04 -28.36 41.64
CA SER C 398 -31.14 -27.49 41.25
C SER C 398 -31.38 -26.35 42.23
N LEU C 399 -30.88 -26.46 43.45
CA LEU C 399 -31.01 -25.39 44.42
C LEU C 399 -30.14 -24.21 44.02
N THR C 400 -30.73 -23.03 43.97
CA THR C 400 -30.07 -21.85 43.43
C THR C 400 -29.01 -21.35 44.42
N ARG C 401 -28.37 -20.23 44.06
CA ARG C 401 -27.27 -19.71 44.87
C ARG C 401 -27.73 -19.39 46.28
N ARG C 402 -28.87 -18.71 46.43
CA ARG C 402 -29.32 -18.35 47.76
C ARG C 402 -30.16 -19.44 48.40
N ALA C 403 -30.76 -20.32 47.59
CA ALA C 403 -31.43 -21.50 48.16
C ALA C 403 -30.43 -22.37 48.88
N GLN C 404 -29.31 -22.67 48.22
CA GLN C 404 -28.20 -23.34 48.89
C GLN C 404 -27.70 -22.53 50.08
N LYS C 405 -27.69 -21.20 49.94
CA LYS C 405 -27.27 -20.35 51.06
C LYS C 405 -28.12 -20.61 52.29
N HIS C 406 -29.45 -20.60 52.15
CA HIS C 406 -30.31 -20.89 53.28
C HIS C 406 -30.23 -22.35 53.70
N ARG C 407 -29.87 -23.24 52.78
CA ARG C 407 -29.70 -24.64 53.14
C ARG C 407 -28.56 -24.82 54.14
N LEU C 408 -27.40 -24.23 53.84
CA LEU C 408 -26.18 -24.38 54.66
C LEU C 408 -25.80 -23.08 55.36
N ARG C 409 -26.78 -22.25 55.74
CA ARG C 409 -26.47 -21.09 56.58
C ARG C 409 -25.62 -21.48 57.78
N GLU C 410 -26.01 -22.54 58.49
CA GLU C 410 -25.32 -22.86 59.73
C GLU C 410 -23.97 -23.49 59.45
N LEU C 411 -23.87 -24.28 58.36
CA LEU C 411 -22.56 -24.68 57.88
C LEU C 411 -21.65 -23.46 57.73
N LYS C 412 -22.13 -22.44 57.01
CA LYS C 412 -21.35 -21.23 56.80
C LYS C 412 -20.98 -20.58 58.12
N ILE C 413 -21.94 -20.51 59.05
CA ILE C 413 -21.70 -19.91 60.36
C ILE C 413 -20.51 -20.58 61.04
N GLN C 414 -20.60 -21.91 61.23
CA GLN C 414 -19.53 -22.62 61.93
C GLN C 414 -18.20 -22.49 61.19
N VAL C 415 -18.23 -22.64 59.86
CA VAL C 415 -16.96 -22.66 59.15
C VAL C 415 -16.29 -21.29 59.22
N LYS C 416 -17.07 -20.21 59.05
CA LYS C 416 -16.47 -18.89 59.08
C LYS C 416 -15.93 -18.56 60.46
N GLU C 417 -16.67 -18.91 61.52
CA GLU C 417 -16.17 -18.60 62.86
C GLU C 417 -14.90 -19.39 63.16
N PHE C 418 -14.92 -20.71 62.95
CA PHE C 418 -13.74 -21.51 63.23
C PHE C 418 -12.56 -21.04 62.41
N ALA C 419 -12.78 -20.74 61.13
CA ALA C 419 -11.70 -20.30 60.26
C ALA C 419 -11.10 -18.99 60.76
N ASP C 420 -11.91 -17.93 60.80
CA ASP C 420 -11.33 -16.63 61.15
C ASP C 420 -10.91 -16.53 62.61
N LYS C 421 -11.16 -17.55 63.44
CA LYS C 421 -10.52 -17.55 64.75
C LYS C 421 -9.29 -18.44 64.83
N GLU C 422 -9.17 -19.45 63.97
CA GLU C 422 -8.04 -20.38 64.05
C GLU C 422 -6.90 -20.00 63.11
N GLU C 423 -7.20 -19.65 61.86
CA GLU C 423 -6.18 -19.25 60.90
C GLU C 423 -5.91 -17.76 60.91
N GLY C 424 -6.33 -17.04 61.95
CA GLY C 424 -6.08 -15.62 62.06
C GLY C 424 -6.64 -14.81 60.92
N GLY C 425 -7.97 -14.81 60.78
CA GLY C 425 -8.63 -14.04 59.74
C GLY C 425 -8.40 -14.58 58.35
N ASP C 426 -8.94 -15.76 58.06
CA ASP C 426 -8.83 -16.35 56.73
C ASP C 426 -9.91 -17.41 56.56
N VAL C 427 -10.50 -17.46 55.37
CA VAL C 427 -11.46 -18.51 55.04
C VAL C 427 -11.13 -19.20 53.72
N LYS C 428 -10.35 -18.57 52.84
CA LYS C 428 -10.02 -19.14 51.54
C LYS C 428 -9.34 -20.49 51.68
N ALA C 429 -8.21 -20.52 52.40
CA ALA C 429 -7.42 -21.74 52.50
C ALA C 429 -8.19 -22.86 53.18
N VAL C 430 -8.98 -22.52 54.20
CA VAL C 430 -9.67 -23.57 54.96
C VAL C 430 -10.79 -24.18 54.14
N CYS C 431 -11.57 -23.35 53.44
CA CYS C 431 -12.61 -23.93 52.60
C CYS C 431 -12.01 -24.66 51.41
N LEU C 432 -10.86 -24.18 50.92
CA LEU C 432 -10.14 -24.87 49.87
C LEU C 432 -9.78 -26.29 50.29
N THR C 433 -9.04 -26.41 51.39
CA THR C 433 -8.63 -27.72 51.87
C THR C 433 -9.84 -28.57 52.28
N LEU C 434 -10.90 -27.93 52.77
CA LEU C 434 -12.11 -28.67 53.12
C LEU C 434 -12.71 -29.34 51.88
N PHE C 435 -12.84 -28.60 50.78
CA PHE C 435 -13.38 -29.20 49.57
C PHE C 435 -12.41 -30.23 49.00
N LEU C 436 -11.10 -29.95 49.04
CA LEU C 436 -10.12 -30.93 48.60
C LEU C 436 -10.28 -32.26 49.34
N LEU C 437 -10.41 -32.20 50.67
CA LEU C 437 -10.56 -33.41 51.45
C LEU C 437 -11.88 -34.10 51.16
N ALA C 438 -12.98 -33.33 51.14
CA ALA C 438 -14.29 -33.94 50.95
C ALA C 438 -14.50 -34.46 49.54
N LEU C 439 -13.65 -34.08 48.59
CA LEU C 439 -13.70 -34.69 47.27
C LEU C 439 -12.67 -35.81 47.13
N ARG C 440 -11.56 -35.71 47.86
CA ARG C 440 -10.51 -36.71 47.85
C ARG C 440 -10.87 -37.94 48.68
N ALA C 441 -11.89 -37.83 49.53
CA ALA C 441 -12.49 -39.02 50.12
C ALA C 441 -12.91 -40.03 49.07
N ARG C 442 -13.21 -39.56 47.86
CA ARG C 442 -13.46 -40.43 46.71
C ARG C 442 -12.24 -40.52 45.80
N ASN C 443 -11.03 -40.45 46.36
CA ASN C 443 -9.74 -40.71 45.71
C ASN C 443 -9.72 -40.24 44.25
N GLU C 444 -9.92 -38.94 44.10
CA GLU C 444 -9.98 -38.32 42.78
C GLU C 444 -8.83 -37.32 42.65
N HIS C 445 -7.62 -37.80 42.97
CA HIS C 445 -6.41 -36.98 42.90
C HIS C 445 -6.22 -36.31 41.55
N ARG C 446 -6.87 -36.80 40.49
CA ARG C 446 -6.88 -36.07 39.23
C ARG C 446 -7.52 -34.70 39.40
N GLN C 447 -8.78 -34.67 39.85
CA GLN C 447 -9.44 -33.40 40.08
C GLN C 447 -8.80 -32.62 41.21
N ALA C 448 -8.29 -33.31 42.24
CA ALA C 448 -7.57 -32.62 43.30
C ALA C 448 -6.38 -31.84 42.74
N ASP C 449 -5.56 -32.52 41.93
CA ASP C 449 -4.39 -31.86 41.35
C ASP C 449 -4.79 -30.76 40.39
N GLU C 450 -5.87 -30.97 39.62
CA GLU C 450 -6.35 -29.92 38.73
C GLU C 450 -6.78 -28.67 39.50
N LEU C 451 -7.46 -28.87 40.63
CA LEU C 451 -7.92 -27.74 41.40
C LEU C 451 -6.77 -27.06 42.11
N GLU C 452 -5.79 -27.84 42.59
CA GLU C 452 -4.59 -27.23 43.16
C GLU C 452 -3.81 -26.47 42.10
N ALA C 453 -3.88 -26.91 40.84
CA ALA C 453 -3.21 -26.20 39.77
C ALA C 453 -3.90 -24.87 39.47
N ILE C 454 -5.22 -24.88 39.39
CA ILE C 454 -5.93 -23.63 39.15
C ILE C 454 -5.77 -22.69 40.34
N MET C 455 -5.59 -23.24 41.54
CA MET C 455 -5.24 -22.40 42.69
C MET C 455 -3.78 -21.95 42.64
N GLN C 456 -2.93 -22.64 41.88
CA GLN C 456 -1.54 -22.26 41.71
C GLN C 456 -1.28 -21.52 40.40
N GLY C 457 -2.33 -21.17 39.67
CA GLY C 457 -2.18 -20.39 38.45
C GLY C 457 -1.42 -21.10 37.35
N ARG C 458 -1.75 -22.36 37.09
CA ARG C 458 -1.08 -23.12 36.04
C ARG C 458 -2.06 -24.15 35.50
N GLY C 459 -2.68 -23.82 34.38
CA GLY C 459 -3.53 -24.76 33.67
C GLY C 459 -4.85 -24.17 33.25
N SER C 460 -5.11 -24.19 31.93
CA SER C 460 -6.32 -23.61 31.34
C SER C 460 -6.58 -22.19 31.83
N GLY C 461 -5.53 -21.47 32.21
CA GLY C 461 -5.74 -20.12 32.70
C GLY C 461 -5.09 -19.03 31.87
N LEU C 462 -3.92 -19.29 31.32
CA LEU C 462 -3.21 -18.33 30.48
C LEU C 462 -3.03 -16.99 31.20
N GLN C 463 -2.17 -17.00 32.21
CA GLN C 463 -1.76 -15.79 32.92
C GLN C 463 -1.55 -14.63 31.96
N PRO C 464 -1.92 -13.40 32.35
CA PRO C 464 -2.02 -12.31 31.38
C PRO C 464 -0.76 -12.08 30.55
N ALA C 465 0.42 -12.32 31.10
CA ALA C 465 1.63 -12.19 30.30
C ALA C 465 1.60 -13.14 29.11
N VAL C 466 1.02 -14.33 29.28
CA VAL C 466 0.99 -15.29 28.18
C VAL C 466 0.06 -14.81 27.07
N CYS C 467 -1.14 -14.38 27.45
CA CYS C 467 -2.08 -13.87 26.44
C CYS C 467 -1.52 -12.63 25.78
N LEU C 468 -0.76 -11.82 26.51
CA LEU C 468 -0.14 -10.65 25.91
C LEU C 468 0.92 -11.08 24.90
N ALA C 469 1.70 -12.11 25.25
CA ALA C 469 2.67 -12.66 24.30
C ALA C 469 1.98 -13.12 23.03
N ILE C 470 0.86 -13.81 23.17
CA ILE C 470 0.16 -14.32 21.99
C ILE C 470 -0.40 -13.17 21.16
N ARG C 471 -0.98 -12.16 21.81
CA ARG C 471 -1.54 -11.06 21.04
C ARG C 471 -0.46 -10.25 20.34
N VAL C 472 0.71 -10.11 20.96
CA VAL C 472 1.79 -9.37 20.33
C VAL C 472 2.37 -10.17 19.16
N ASN C 473 2.89 -11.37 19.46
CA ASN C 473 3.54 -12.17 18.43
C ASN C 473 2.59 -12.69 17.36
N THR C 474 1.29 -12.53 17.54
CA THR C 474 0.33 -12.92 16.51
C THR C 474 -0.22 -11.72 15.75
N PHE C 475 0.19 -10.51 16.13
CA PHE C 475 -0.21 -9.29 15.43
C PHE C 475 -1.71 -9.08 15.48
N LEU C 476 -2.38 -9.66 16.46
CA LEU C 476 -3.79 -9.40 16.66
C LEU C 476 -4.00 -7.97 17.10
N SER C 477 -5.19 -7.44 16.86
CA SER C 477 -5.55 -6.14 17.37
C SER C 477 -6.45 -6.32 18.57
N CYS C 478 -6.93 -5.21 19.16
CA CYS C 478 -7.70 -5.34 20.37
C CYS C 478 -9.12 -5.82 20.10
N SER C 479 -9.74 -5.33 19.02
CA SER C 479 -11.09 -5.79 18.70
C SER C 479 -11.08 -7.25 18.28
N GLN C 480 -10.07 -7.68 17.53
CA GLN C 480 -9.98 -9.07 17.11
C GLN C 480 -9.67 -9.98 18.29
N TYR C 481 -8.74 -9.55 19.15
CA TYR C 481 -8.48 -10.32 20.36
C TYR C 481 -9.73 -10.41 21.23
N HIS C 482 -10.53 -9.36 21.26
CA HIS C 482 -11.75 -9.43 22.04
C HIS C 482 -12.76 -10.39 21.44
N LYS C 483 -12.87 -10.40 20.11
CA LYS C 483 -13.69 -11.40 19.44
C LYS C 483 -13.30 -12.80 19.86
N MET C 484 -12.01 -13.11 19.72
CA MET C 484 -11.53 -14.44 20.06
C MET C 484 -11.76 -14.75 21.54
N TYR C 485 -11.46 -13.79 22.41
CA TYR C 485 -11.71 -13.97 23.84
C TYR C 485 -13.14 -14.36 24.12
N ARG C 486 -14.10 -13.50 23.73
CA ARG C 486 -15.48 -13.78 24.07
C ARG C 486 -16.00 -15.05 23.41
N THR C 487 -15.48 -15.39 22.23
CA THR C 487 -15.96 -16.60 21.57
C THR C 487 -15.48 -17.85 22.29
N VAL C 488 -14.17 -17.94 22.56
CA VAL C 488 -13.66 -19.07 23.32
C VAL C 488 -14.37 -19.16 24.67
N LYS C 489 -14.63 -18.02 25.30
CA LYS C 489 -15.29 -18.03 26.59
C LYS C 489 -16.70 -18.59 26.49
N ALA C 490 -17.49 -18.06 25.56
CA ALA C 490 -18.89 -18.47 25.48
C ALA C 490 -19.04 -19.91 25.02
N ILE C 491 -18.10 -20.41 24.22
CA ILE C 491 -18.19 -21.80 23.78
C ILE C 491 -17.72 -22.74 24.89
N THR C 492 -16.50 -22.54 25.37
CA THR C 492 -15.96 -23.42 26.39
C THR C 492 -16.69 -23.28 27.72
N GLY C 493 -17.10 -22.07 28.07
CA GLY C 493 -17.62 -21.78 29.39
C GLY C 493 -16.55 -21.27 30.31
N ARG C 494 -15.36 -21.84 30.22
CA ARG C 494 -14.21 -21.37 30.96
C ARG C 494 -13.81 -19.97 30.48
N GLN C 495 -12.77 -19.43 31.08
CA GLN C 495 -12.16 -18.17 30.64
C GLN C 495 -10.70 -18.47 30.36
N ILE C 496 -10.41 -18.97 29.15
CA ILE C 496 -9.06 -19.38 28.83
C ILE C 496 -8.19 -18.16 28.55
N PHE C 497 -8.70 -17.21 27.77
CA PHE C 497 -7.96 -15.99 27.52
C PHE C 497 -8.35 -14.91 28.53
N GLN C 498 -7.50 -13.95 28.67
CA GLN C 498 -7.77 -12.93 29.65
C GLN C 498 -8.29 -11.66 28.98
N PRO C 499 -9.08 -10.85 29.67
CA PRO C 499 -9.67 -9.68 29.04
C PRO C 499 -8.65 -8.61 28.70
N LEU C 500 -9.10 -7.52 28.08
CA LEU C 500 -8.15 -6.54 27.56
C LEU C 500 -7.46 -5.77 28.68
N HIS C 501 -8.22 -5.33 29.70
CA HIS C 501 -7.58 -4.56 30.75
C HIS C 501 -6.55 -5.38 31.50
N ALA C 502 -6.75 -6.70 31.61
CA ALA C 502 -5.71 -7.51 32.20
C ALA C 502 -4.50 -7.64 31.30
N LEU C 503 -4.62 -7.22 30.04
CA LEU C 503 -3.45 -7.11 29.17
C LEU C 503 -2.80 -5.74 29.25
N ARG C 504 -3.59 -4.66 29.36
CA ARG C 504 -2.99 -3.35 29.59
C ARG C 504 -2.20 -3.32 30.89
N ASN C 505 -2.76 -3.91 31.95
CA ASN C 505 -2.04 -3.93 33.22
C ASN C 505 -0.76 -4.74 33.11
N ALA C 506 -0.82 -5.90 32.46
CA ALA C 506 0.37 -6.73 32.31
C ALA C 506 1.35 -6.14 31.33
N GLU C 507 0.90 -5.18 30.52
CA GLU C 507 1.76 -4.46 29.61
C GLU C 507 2.52 -3.35 30.30
N LYS C 508 1.84 -2.63 31.20
CA LYS C 508 2.51 -1.58 31.98
C LYS C 508 3.77 -2.08 32.64
N VAL C 509 3.84 -3.37 32.96
CA VAL C 509 4.99 -3.93 33.65
C VAL C 509 6.16 -4.17 32.70
N LEU C 510 5.91 -4.20 31.39
CA LEU C 510 6.91 -4.59 30.43
C LEU C 510 7.51 -3.43 29.65
N LEU C 511 6.86 -2.28 29.64
CA LEU C 511 7.41 -1.09 29.03
C LEU C 511 8.41 -0.45 29.99
N PRO C 512 9.09 0.61 29.57
CA PRO C 512 9.93 1.34 30.51
C PRO C 512 9.11 2.37 31.28
N GLY C 513 9.61 2.73 32.45
CA GLY C 513 8.90 3.62 33.32
C GLY C 513 8.11 2.92 34.39
N TYR C 514 8.57 1.79 34.86
CA TYR C 514 7.85 1.05 35.89
C TYR C 514 8.72 0.71 37.08
N HIS C 515 9.95 0.44 36.88
CA HIS C 515 10.67 -0.03 38.05
C HIS C 515 11.40 1.13 38.73
N PRO C 516 11.59 1.05 40.03
CA PRO C 516 12.47 2.02 40.69
C PRO C 516 13.93 1.67 40.53
N PHE C 517 14.73 2.65 40.08
CA PHE C 517 16.16 2.49 39.95
C PHE C 517 16.82 3.76 40.44
N GLU C 518 18.13 3.72 40.65
CA GLU C 518 18.81 4.96 40.98
C GLU C 518 20.28 4.89 40.57
N TRP C 519 20.77 5.97 40.02
CA TRP C 519 22.15 6.06 39.57
C TRP C 519 23.04 6.59 40.68
N GLN C 520 24.34 6.34 40.54
CA GLN C 520 25.30 6.91 41.48
C GLN C 520 26.67 6.99 40.81
N PRO C 521 27.25 8.19 40.69
CA PRO C 521 26.61 9.46 41.06
C PRO C 521 25.52 9.82 40.07
N PRO C 522 24.54 10.62 40.48
CA PRO C 522 23.40 10.92 39.61
C PRO C 522 23.86 11.42 38.25
N LEU C 523 23.02 11.19 37.24
CA LEU C 523 23.40 11.48 35.87
C LEU C 523 23.33 12.98 35.61
N LYS C 524 24.45 13.55 35.13
CA LYS C 524 24.48 14.96 34.81
C LYS C 524 23.54 15.26 33.65
N ASN C 525 22.76 16.32 33.78
CA ASN C 525 21.83 16.80 32.76
C ASN C 525 20.71 15.82 32.48
N VAL C 526 20.56 14.77 33.26
CA VAL C 526 19.50 13.79 33.08
C VAL C 526 18.57 13.84 34.27
N SER C 527 17.27 13.74 34.01
CA SER C 527 16.28 13.78 35.07
C SER C 527 16.49 12.63 36.06
N SER C 528 15.81 12.73 37.19
CA SER C 528 15.87 11.71 38.23
C SER C 528 14.62 10.87 38.34
N ARG C 529 13.53 11.27 37.68
CA ARG C 529 12.30 10.51 37.74
C ARG C 529 12.51 9.09 37.25
N THR C 530 11.59 8.21 37.62
CA THR C 530 11.68 6.80 37.25
C THR C 530 10.43 6.30 36.54
N ASP C 531 9.46 7.18 36.25
CA ASP C 531 8.26 6.80 35.53
C ASP C 531 8.19 7.46 34.16
N VAL C 532 9.35 7.64 33.53
CA VAL C 532 9.42 8.34 32.25
C VAL C 532 9.23 7.33 31.14
N GLY C 533 8.11 7.44 30.44
CA GLY C 533 7.77 6.49 29.39
C GLY C 533 8.19 6.93 27.99
N ILE C 534 7.22 7.08 27.11
CA ILE C 534 7.49 7.45 25.72
C ILE C 534 7.59 8.97 25.64
N ILE C 535 8.79 9.47 25.57
CA ILE C 535 9.04 10.90 25.42
C ILE C 535 8.86 11.27 23.96
N ASP C 536 8.45 12.51 23.73
CA ASP C 536 8.50 13.06 22.39
C ASP C 536 9.95 13.18 21.95
N GLY C 537 10.22 12.82 20.70
CA GLY C 537 11.61 12.70 20.26
C GLY C 537 12.26 14.03 19.97
N LEU C 538 11.48 15.02 19.54
CA LEU C 538 12.02 16.33 19.23
C LEU C 538 12.70 16.96 20.44
N SER C 539 12.39 16.50 21.64
CA SER C 539 13.05 16.93 22.87
C SER C 539 12.79 18.40 23.15
N GLY C 540 11.56 18.83 22.87
CA GLY C 540 11.22 20.23 23.05
C GLY C 540 11.82 21.12 21.99
N LEU C 541 12.04 20.59 20.79
CA LEU C 541 12.63 21.37 19.71
C LEU C 541 11.74 22.55 19.39
N ALA C 542 12.37 23.71 19.20
CA ALA C 542 11.65 24.95 18.93
C ALA C 542 10.86 24.84 17.64
N SER C 543 9.53 24.81 17.75
CA SER C 543 8.65 24.63 16.59
C SER C 543 7.69 25.79 16.52
N SER C 544 8.12 26.87 15.87
CA SER C 544 7.22 27.98 15.55
C SER C 544 7.43 28.35 14.09
N VAL C 545 6.82 29.43 13.64
CA VAL C 545 7.06 29.91 12.28
C VAL C 545 8.30 30.78 12.20
N ASP C 546 9.07 30.87 13.27
CA ASP C 546 10.26 31.70 13.28
C ASP C 546 11.57 30.93 13.30
N GLU C 547 11.58 29.70 13.81
CA GLU C 547 12.79 28.91 13.81
C GLU C 547 12.87 28.05 12.56
N TYR C 548 13.97 27.33 12.43
CA TYR C 548 14.17 26.43 11.32
C TYR C 548 12.98 25.46 11.23
N PRO C 549 12.33 25.33 10.09
CA PRO C 549 11.10 24.55 10.03
C PRO C 549 11.38 23.08 10.27
N VAL C 550 10.50 22.46 11.06
CA VAL C 550 10.63 21.04 11.37
C VAL C 550 9.25 20.42 11.53
N ASP C 551 9.04 19.30 10.84
CA ASP C 551 7.77 18.58 10.90
C ASP C 551 7.98 17.08 11.08
N THR C 552 9.20 16.66 11.39
CA THR C 552 9.52 15.25 11.54
C THR C 552 9.01 14.77 12.89
N ILE C 553 7.90 14.05 12.89
CA ILE C 553 7.37 13.46 14.11
C ILE C 553 8.32 12.35 14.56
N ALA C 554 8.60 12.31 15.86
CA ALA C 554 9.55 11.35 16.39
C ALA C 554 9.23 11.05 17.85
N LYS C 555 9.31 9.78 18.21
CA LYS C 555 9.10 9.33 19.58
C LYS C 555 10.34 8.59 20.04
N ARG C 556 10.53 8.51 21.36
CA ARG C 556 11.70 7.80 21.85
C ARG C 556 11.50 7.43 23.30
N PHE C 557 12.40 6.59 23.80
CA PHE C 557 12.54 6.31 25.21
C PHE C 557 13.68 7.12 25.77
N ARG C 558 13.64 7.35 27.07
CA ARG C 558 14.85 7.85 27.72
C ARG C 558 15.83 6.71 27.85
N TYR C 559 17.09 6.99 27.53
CA TYR C 559 18.07 5.92 27.36
C TYR C 559 18.21 5.11 28.64
N ASP C 560 18.29 5.79 29.78
CA ASP C 560 18.54 5.11 31.05
C ASP C 560 17.35 4.24 31.46
N SER C 561 16.13 4.78 31.36
CA SER C 561 14.97 4.00 31.76
C SER C 561 14.76 2.82 30.84
N ALA C 562 15.01 3.01 29.54
CA ALA C 562 14.87 1.90 28.61
C ALA C 562 15.93 0.84 28.86
N LEU C 563 17.13 1.25 29.25
CA LEU C 563 18.17 0.27 29.55
C LEU C 563 17.82 -0.51 30.81
N VAL C 564 17.28 0.17 31.82
CA VAL C 564 16.79 -0.51 33.02
C VAL C 564 15.71 -1.52 32.68
N SER C 565 14.75 -1.12 31.85
CA SER C 565 13.70 -2.06 31.47
C SER C 565 14.26 -3.24 30.70
N ALA C 566 15.24 -3.01 29.82
CA ALA C 566 15.83 -4.11 29.09
C ALA C 566 16.58 -5.06 30.01
N LEU C 567 17.10 -4.56 31.13
CA LEU C 567 17.77 -5.46 32.07
C LEU C 567 16.78 -6.25 32.91
N MET C 568 15.75 -5.61 33.44
CA MET C 568 14.78 -6.38 34.20
C MET C 568 13.84 -7.16 33.30
N ASP C 569 13.98 -7.06 31.99
CA ASP C 569 13.28 -7.98 31.11
C ASP C 569 14.01 -9.31 31.01
N MET C 570 15.29 -9.35 31.37
CA MET C 570 16.08 -10.57 31.30
C MET C 570 16.71 -10.92 32.64
N GLU C 571 16.24 -10.31 33.72
CA GLU C 571 16.59 -10.76 35.07
C GLU C 571 16.64 -12.28 35.20
N GLU C 572 15.63 -12.98 34.68
CA GLU C 572 15.59 -14.42 34.85
C GLU C 572 16.77 -15.09 34.15
N ASP C 573 17.07 -14.67 32.94
CA ASP C 573 18.20 -15.25 32.22
C ASP C 573 19.52 -14.90 32.87
N ILE C 574 19.63 -13.68 33.42
CA ILE C 574 20.82 -13.31 34.18
C ILE C 574 21.02 -14.29 35.33
N LEU C 575 19.96 -14.54 36.09
CA LEU C 575 20.08 -15.41 37.25
C LEU C 575 20.39 -16.85 36.83
N GLU C 576 19.78 -17.30 35.74
CA GLU C 576 20.05 -18.66 35.27
C GLU C 576 21.51 -18.81 34.86
N GLY C 577 22.03 -17.87 34.08
CA GLY C 577 23.45 -17.93 33.73
C GLY C 577 24.34 -17.84 34.95
N MET C 578 23.93 -17.04 35.94
CA MET C 578 24.70 -16.93 37.17
C MET C 578 24.81 -18.28 37.86
N ARG C 579 23.69 -18.99 38.00
CA ARG C 579 23.74 -20.33 38.55
C ARG C 579 24.60 -21.24 37.69
N SER C 580 24.40 -21.21 36.37
CA SER C 580 25.13 -22.11 35.48
C SER C 580 26.64 -21.96 35.61
N GLN C 581 27.11 -20.73 35.81
CA GLN C 581 28.54 -20.54 36.02
C GLN C 581 28.97 -20.81 37.45
N ASP C 582 28.12 -21.48 38.24
CA ASP C 582 28.43 -21.82 39.62
C ASP C 582 28.76 -20.57 40.44
N LEU C 583 27.82 -19.65 40.45
CA LEU C 583 27.94 -18.42 41.23
C LEU C 583 26.81 -18.35 42.24
N ASP C 584 27.12 -17.69 43.35
CA ASP C 584 26.12 -17.50 44.41
C ASP C 584 24.99 -16.64 43.88
N ASP C 585 23.81 -17.24 43.72
CA ASP C 585 22.66 -16.52 43.16
C ASP C 585 22.35 -15.24 43.93
N TYR C 586 22.80 -15.14 45.17
CA TYR C 586 22.55 -13.96 45.99
C TYR C 586 23.66 -12.92 45.85
N LEU C 587 24.04 -12.61 44.61
CA LEU C 587 25.18 -11.75 44.37
C LEU C 587 24.74 -10.43 43.76
N ASN C 588 25.52 -9.38 44.02
CA ASN C 588 25.22 -8.03 43.56
C ASN C 588 26.46 -7.30 43.09
N GLY C 589 27.43 -8.02 42.52
CA GLY C 589 28.67 -7.42 42.12
C GLY C 589 28.48 -6.42 41.00
N PRO C 590 29.59 -5.80 40.59
CA PRO C 590 29.53 -4.83 39.49
C PRO C 590 29.39 -5.49 38.11
N PHE C 591 28.14 -5.79 37.77
CA PHE C 591 27.84 -6.39 36.47
C PHE C 591 28.19 -5.43 35.35
N THR C 592 29.16 -5.81 34.53
CA THR C 592 29.55 -5.04 33.35
C THR C 592 28.70 -5.49 32.17
N VAL C 593 27.80 -4.64 31.74
CA VAL C 593 27.01 -4.89 30.55
C VAL C 593 27.78 -4.39 29.34
N VAL C 594 27.52 -4.97 28.18
CA VAL C 594 28.10 -4.56 26.91
C VAL C 594 26.95 -4.47 25.93
N VAL C 595 26.64 -3.25 25.50
CA VAL C 595 25.51 -2.96 24.63
C VAL C 595 26.03 -2.63 23.24
N LYS C 596 25.22 -2.90 22.23
CA LYS C 596 25.57 -2.59 20.85
C LYS C 596 24.43 -1.80 20.24
N GLU C 597 24.62 -0.50 20.08
CA GLU C 597 23.57 0.36 19.55
C GLU C 597 23.82 0.63 18.08
N SER C 598 22.74 0.88 17.35
CA SER C 598 22.83 0.96 15.90
C SER C 598 21.60 1.65 15.35
N CYS C 599 21.81 2.67 14.53
CA CYS C 599 20.74 3.31 13.79
C CYS C 599 20.85 2.91 12.33
N ASP C 600 19.70 2.79 11.66
CA ASP C 600 19.69 2.40 10.23
C ASP C 600 18.43 2.98 9.57
N GLY C 601 18.61 3.98 8.72
CA GLY C 601 17.48 4.60 8.05
C GLY C 601 16.90 3.69 7.00
N MET C 602 15.59 3.46 7.13
CA MET C 602 14.80 2.64 6.17
C MET C 602 14.14 3.59 5.16
N GLY C 603 13.77 3.07 4.00
CA GLY C 603 13.16 3.88 2.96
C GLY C 603 11.74 3.45 2.63
N ASP C 604 10.96 4.42 2.17
CA ASP C 604 9.62 4.21 1.66
C ASP C 604 8.77 3.39 2.63
N VAL C 605 8.54 3.95 3.81
CA VAL C 605 7.62 3.38 4.77
C VAL C 605 6.21 3.91 4.56
N SER C 606 5.97 4.61 3.46
CA SER C 606 4.64 5.13 3.17
C SER C 606 3.76 4.03 2.61
N GLU C 607 2.46 4.33 2.48
CA GLU C 607 1.53 3.29 1.97
C GLU C 607 0.60 3.89 0.93
N LYS C 608 -0.61 3.34 0.85
CA LYS C 608 -1.63 3.78 -0.09
C LYS C 608 -3.01 3.73 0.58
N HIS C 609 -3.10 4.32 1.78
CA HIS C 609 -4.36 4.29 2.52
C HIS C 609 -5.39 5.22 1.88
N GLY C 610 -5.87 4.85 0.70
CA GLY C 610 -6.79 5.68 -0.04
C GLY C 610 -6.54 5.61 -1.53
N SER C 611 -7.13 6.55 -2.28
CA SER C 611 -6.95 6.60 -3.73
C SER C 611 -5.87 7.63 -4.06
N GLY C 612 -4.62 7.22 -3.86
CA GLY C 612 -3.50 8.08 -4.17
C GLY C 612 -2.15 7.53 -3.77
N PRO C 613 -1.18 7.64 -4.67
CA PRO C 613 0.20 7.30 -4.33
C PRO C 613 0.90 8.42 -3.58
N ALA C 614 0.76 8.44 -2.25
CA ALA C 614 0.96 9.66 -1.46
C ALA C 614 2.31 10.34 -1.65
N VAL C 615 3.40 9.69 -1.24
CA VAL C 615 4.71 10.37 -1.21
C VAL C 615 5.79 9.38 -0.79
N PRO C 616 7.04 9.57 -1.22
CA PRO C 616 8.14 8.86 -0.57
C PRO C 616 8.33 9.34 0.86
N GLU C 617 8.34 8.41 1.80
CA GLU C 617 8.43 8.73 3.22
C GLU C 617 9.45 7.82 3.86
N LYS C 618 10.49 8.40 4.44
CA LYS C 618 11.59 7.65 5.02
C LYS C 618 11.53 7.71 6.54
N ALA C 619 12.10 6.69 7.17
CA ALA C 619 12.14 6.60 8.62
C ALA C 619 13.55 6.28 9.06
N VAL C 620 13.80 6.46 10.35
CA VAL C 620 15.08 6.15 10.96
C VAL C 620 14.80 5.58 12.34
N ARG C 621 15.35 4.40 12.60
CA ARG C 621 15.23 3.77 13.91
C ARG C 621 16.60 3.74 14.56
N PHE C 622 16.72 4.29 15.75
CA PHE C 622 17.89 4.08 16.58
C PHE C 622 17.53 3.00 17.59
N SER C 623 18.38 1.99 17.71
CA SER C 623 18.07 0.84 18.55
C SER C 623 19.34 0.30 19.17
N PHE C 624 19.18 -0.60 20.14
CA PHE C 624 20.32 -1.16 20.83
C PHE C 624 19.99 -2.60 21.22
N THR C 625 20.99 -3.28 21.78
CA THR C 625 20.82 -4.64 22.25
C THR C 625 21.83 -4.95 23.33
N VAL C 626 21.38 -5.65 24.37
CA VAL C 626 22.27 -6.04 25.45
C VAL C 626 23.11 -7.19 24.96
N MET C 627 24.30 -6.91 24.47
CA MET C 627 25.10 -7.93 23.79
C MET C 627 25.64 -8.94 24.77
N ARG C 628 26.16 -8.49 25.92
CA ARG C 628 26.81 -9.46 26.80
C ARG C 628 26.95 -8.91 28.21
N ILE C 629 26.54 -9.70 29.20
CA ILE C 629 26.62 -9.31 30.61
C ILE C 629 27.68 -10.16 31.28
N THR C 630 28.63 -9.51 31.94
CA THR C 630 29.74 -10.17 32.61
C THR C 630 29.78 -9.68 34.06
N ILE C 631 30.45 -10.43 34.92
CA ILE C 631 30.69 -10.00 36.30
C ILE C 631 32.15 -10.23 36.64
N GLU C 632 32.67 -9.39 37.52
CA GLU C 632 34.08 -9.47 37.93
C GLU C 632 34.23 -10.31 39.20
N HIS C 633 33.78 -11.56 39.11
CA HIS C 633 33.85 -12.45 40.26
C HIS C 633 35.28 -12.88 40.53
N GLY C 634 35.59 -13.08 41.81
CA GLY C 634 36.88 -13.60 42.19
C GLY C 634 38.03 -12.74 41.72
N SER C 635 38.77 -13.26 40.74
CA SER C 635 39.90 -12.54 40.15
C SER C 635 39.80 -12.53 38.64
N GLN C 636 38.59 -12.63 38.09
CA GLN C 636 38.43 -12.77 36.65
C GLN C 636 37.02 -12.29 36.28
N ASN C 637 36.72 -12.41 35.00
CA ASN C 637 35.41 -12.08 34.46
C ASN C 637 34.77 -13.33 33.88
N VAL C 638 33.49 -13.54 34.16
CA VAL C 638 32.77 -14.71 33.67
C VAL C 638 31.50 -14.24 32.98
N LYS C 639 31.19 -14.86 31.85
CA LYS C 639 30.00 -14.46 31.08
C LYS C 639 28.77 -14.92 31.84
N VAL C 640 28.16 -14.00 32.58
CA VAL C 640 26.86 -14.30 33.17
C VAL C 640 25.82 -14.46 32.08
N PHE C 641 26.04 -13.85 30.91
CA PHE C 641 25.06 -13.88 29.85
C PHE C 641 25.73 -13.49 28.55
N GLU C 642 25.43 -14.23 27.49
CA GLU C 642 25.87 -13.86 26.15
C GLU C 642 24.71 -14.07 25.19
N GLU C 643 24.48 -13.10 24.33
CA GLU C 643 23.34 -13.16 23.42
C GLU C 643 23.47 -14.36 22.49
N PRO C 644 22.43 -15.20 22.37
CA PRO C 644 22.54 -16.38 21.52
C PRO C 644 22.73 -16.04 20.04
N LYS C 645 21.80 -15.28 19.47
CA LYS C 645 21.89 -14.83 18.09
C LYS C 645 21.90 -13.30 18.07
N PRO C 646 23.07 -12.69 18.01
CA PRO C 646 23.16 -11.25 18.26
C PRO C 646 22.39 -10.41 17.25
N ASN C 647 22.56 -10.72 15.98
CA ASN C 647 21.94 -9.93 14.92
C ASN C 647 20.66 -10.60 14.45
N SER C 648 19.66 -10.56 15.34
CA SER C 648 18.36 -11.12 15.05
C SER C 648 17.30 -10.05 15.20
N GLU C 649 16.21 -10.21 14.45
CA GLU C 649 15.17 -9.19 14.41
C GLU C 649 14.48 -9.00 15.75
N LEU C 650 14.58 -9.97 16.64
CA LEU C 650 13.81 -9.96 17.87
C LEU C 650 14.71 -10.02 19.10
N CYS C 651 15.88 -9.41 18.98
CA CYS C 651 16.72 -9.10 20.13
C CYS C 651 17.31 -7.71 20.00
N CYS C 652 16.76 -6.86 19.13
CA CYS C 652 17.24 -5.50 18.88
C CYS C 652 16.15 -4.55 19.32
N LYS C 653 16.30 -4.00 20.51
CA LYS C 653 15.20 -3.28 21.14
C LYS C 653 15.10 -1.86 20.60
N PRO C 654 13.92 -1.41 20.21
CA PRO C 654 13.79 -0.08 19.64
C PRO C 654 13.92 0.99 20.71
N LEU C 655 14.53 2.10 20.33
CA LEU C 655 14.81 3.16 21.28
C LEU C 655 14.34 4.51 20.79
N CYS C 656 14.39 4.72 19.47
CA CYS C 656 13.94 5.99 18.91
C CYS C 656 13.42 5.77 17.49
N LEU C 657 12.26 6.33 17.19
CA LEU C 657 11.67 6.26 15.87
C LEU C 657 11.44 7.67 15.37
N MET C 658 12.00 8.00 14.21
CA MET C 658 11.77 9.31 13.61
C MET C 658 11.42 9.13 12.15
N LEU C 659 10.70 10.11 11.61
CA LEU C 659 10.34 10.11 10.20
C LEU C 659 11.15 11.21 9.52
N ALA C 660 12.35 10.87 9.08
CA ALA C 660 13.25 11.85 8.52
C ALA C 660 14.28 11.15 7.64
N ASP C 661 14.74 11.88 6.63
CA ASP C 661 15.80 11.36 5.77
C ASP C 661 17.09 11.24 6.56
N GLU C 662 17.68 10.05 6.55
CA GLU C 662 18.89 9.80 7.32
C GLU C 662 20.06 10.68 6.88
N SER C 663 19.92 11.43 5.80
CA SER C 663 20.95 12.37 5.37
C SER C 663 20.54 13.82 5.59
N ASP C 664 19.43 14.05 6.31
CA ASP C 664 19.03 15.38 6.73
C ASP C 664 19.76 15.69 8.01
N HIS C 665 21.03 16.08 7.85
CA HIS C 665 21.96 16.09 8.97
C HIS C 665 21.47 16.97 10.11
N GLU C 666 20.82 18.09 9.81
CA GLU C 666 20.37 18.98 10.87
C GLU C 666 19.30 18.33 11.71
N THR C 667 18.25 17.81 11.09
CA THR C 667 17.17 17.17 11.84
C THR C 667 17.69 15.91 12.54
N LEU C 668 18.55 15.16 11.88
CA LEU C 668 19.12 13.97 12.49
C LEU C 668 19.85 14.31 13.79
N THR C 669 20.68 15.35 13.76
CA THR C 669 21.37 15.75 14.98
C THR C 669 20.40 16.30 16.00
N ALA C 670 19.38 17.04 15.55
CA ALA C 670 18.38 17.56 16.47
C ALA C 670 17.75 16.44 17.27
N ILE C 671 17.48 15.31 16.63
CA ILE C 671 16.84 14.21 17.33
C ILE C 671 17.84 13.45 18.18
N LEU C 672 19.00 13.14 17.63
CA LEU C 672 19.89 12.21 18.30
C LEU C 672 20.81 12.88 19.32
N SER C 673 20.81 14.20 19.43
CA SER C 673 21.70 14.84 20.39
C SER C 673 21.36 14.49 21.83
N PRO C 674 20.08 14.50 22.25
CA PRO C 674 19.78 14.13 23.64
C PRO C 674 20.20 12.71 23.97
N LEU C 675 20.00 11.78 23.04
CA LEU C 675 20.37 10.40 23.31
C LEU C 675 21.87 10.27 23.52
N ILE C 676 22.66 10.94 22.69
CA ILE C 676 24.11 10.92 22.87
C ILE C 676 24.49 11.57 24.19
N ALA C 677 23.76 12.61 24.59
CA ALA C 677 24.02 13.24 25.88
C ALA C 677 23.80 12.25 27.01
N GLU C 678 22.65 11.58 27.01
CA GLU C 678 22.34 10.59 28.05
C GLU C 678 23.35 9.47 28.05
N ARG C 679 23.76 9.03 26.88
CA ARG C 679 24.74 7.96 26.76
C ARG C 679 26.09 8.36 27.34
N GLU C 680 26.57 9.55 26.97
CA GLU C 680 27.83 10.03 27.54
C GLU C 680 27.72 10.20 29.04
N ALA C 681 26.54 10.59 29.52
CA ALA C 681 26.34 10.72 30.96
C ALA C 681 26.45 9.38 31.66
N MET C 682 25.60 8.43 31.28
CA MET C 682 25.60 7.13 31.93
C MET C 682 26.80 6.27 31.57
N LYS C 683 27.71 6.77 30.74
CA LYS C 683 28.94 6.04 30.52
C LYS C 683 29.86 6.08 31.75
N SER C 684 29.58 6.95 32.71
CA SER C 684 30.49 7.22 33.82
C SER C 684 29.77 7.22 35.15
N SER C 685 28.97 6.20 35.43
CA SER C 685 28.34 6.04 36.73
C SER C 685 27.92 4.58 36.89
N GLU C 686 27.17 4.29 37.95
CA GLU C 686 26.72 2.93 38.21
C GLU C 686 25.25 2.91 38.57
N LEU C 687 24.55 1.90 38.06
CA LEU C 687 23.11 1.78 38.18
C LEU C 687 22.76 0.80 39.29
N THR C 688 22.08 1.28 40.32
CA THR C 688 21.55 0.42 41.36
C THR C 688 20.12 0.07 41.03
N LEU C 689 19.85 -1.23 40.98
CA LEU C 689 18.59 -1.75 40.48
C LEU C 689 18.24 -3.00 41.26
N GLU C 690 17.10 -3.00 41.94
CA GLU C 690 16.69 -4.17 42.70
C GLU C 690 16.25 -5.27 41.74
N MET C 691 16.95 -6.40 41.76
CA MET C 691 16.69 -7.47 40.80
C MET C 691 16.39 -8.75 41.57
N GLY C 692 15.11 -9.06 41.71
CA GLY C 692 14.69 -10.26 42.41
C GLY C 692 15.19 -10.31 43.84
N GLY C 693 14.69 -9.44 44.69
CA GLY C 693 15.18 -9.38 46.05
C GLY C 693 16.27 -8.35 46.23
N ILE C 694 17.52 -8.79 46.16
CA ILE C 694 18.66 -7.93 46.44
C ILE C 694 18.90 -6.92 45.32
N PRO C 695 19.56 -5.80 45.60
CA PRO C 695 19.86 -4.82 44.56
C PRO C 695 21.25 -5.02 43.96
N ARG C 696 21.35 -4.81 42.65
CA ARG C 696 22.56 -5.04 41.90
C ARG C 696 23.08 -3.74 41.30
N THR C 697 24.39 -3.67 41.12
CA THR C 697 25.07 -2.48 40.60
C THR C 697 25.63 -2.81 39.23
N PHE C 698 25.08 -2.17 38.21
CA PHE C 698 25.45 -2.40 36.82
C PHE C 698 26.34 -1.28 36.32
N LYS C 699 27.37 -1.65 35.55
CA LYS C 699 28.22 -0.72 34.84
C LYS C 699 28.10 -1.01 33.35
N PHE C 700 28.12 0.04 32.55
CA PHE C 700 27.85 -0.12 31.13
C PHE C 700 29.09 0.22 30.30
N ILE C 701 29.16 -0.38 29.12
CA ILE C 701 30.19 -0.12 28.13
C ILE C 701 29.52 -0.18 26.77
N PHE C 702 29.40 0.96 26.11
CA PHE C 702 28.67 1.07 24.86
C PHE C 702 29.62 0.85 23.70
N ARG C 703 29.09 0.33 22.59
CA ARG C 703 29.88 0.08 21.38
C ARG C 703 28.96 0.32 20.19
N GLY C 704 29.06 1.50 19.60
CA GLY C 704 28.31 1.78 18.40
C GLY C 704 28.94 1.11 17.20
N THR C 705 28.33 0.04 16.73
CA THR C 705 28.93 -0.75 15.66
C THR C 705 27.97 -1.09 14.54
N GLY C 706 26.67 -1.04 14.77
CA GLY C 706 25.75 -1.41 13.72
C GLY C 706 25.40 -0.27 12.79
N TYR C 707 26.40 0.49 12.37
CA TYR C 707 26.21 1.58 11.43
C TYR C 707 26.81 1.16 10.09
N ASP C 708 26.01 1.27 9.03
CA ASP C 708 26.54 0.94 7.72
C ASP C 708 27.56 2.00 7.28
N GLU C 709 28.16 1.80 6.11
CA GLU C 709 29.29 2.64 5.72
C GLU C 709 28.88 4.09 5.54
N LYS C 710 27.69 4.33 4.99
CA LYS C 710 27.27 5.69 4.75
C LYS C 710 26.98 6.43 6.06
N LEU C 711 26.31 5.78 7.00
CA LEU C 711 26.05 6.42 8.28
C LEU C 711 27.33 6.61 9.07
N VAL C 712 28.31 5.72 8.93
CA VAL C 712 29.59 5.93 9.58
C VAL C 712 30.27 7.16 9.00
N ARG C 713 30.33 7.27 7.68
CA ARG C 713 30.96 8.45 7.08
C ARG C 713 30.18 9.72 7.37
N GLU C 714 28.89 9.63 7.66
CA GLU C 714 28.13 10.84 7.92
C GLU C 714 28.28 11.28 9.37
N VAL C 715 27.90 10.43 10.31
CA VAL C 715 27.88 10.85 11.72
C VAL C 715 29.28 11.13 12.21
N GLU C 716 30.24 10.29 11.82
CA GLU C 716 31.59 10.46 12.34
C GLU C 716 32.33 11.61 11.67
N GLY C 717 31.75 12.19 10.62
CA GLY C 717 32.31 13.40 10.04
C GLY C 717 33.34 13.16 8.97
N LEU C 718 33.07 12.22 8.08
CA LEU C 718 33.92 11.93 6.94
C LEU C 718 33.25 12.39 5.67
N GLU C 719 34.04 12.44 4.60
CA GLU C 719 33.50 12.78 3.30
C GLU C 719 32.93 11.54 2.63
N ALA C 720 32.04 11.78 1.67
CA ALA C 720 31.22 10.71 1.11
C ALA C 720 32.09 9.60 0.53
N SER C 721 31.44 8.47 0.24
CA SER C 721 32.17 7.23 0.00
C SER C 721 33.01 7.25 -1.26
N GLY C 722 32.75 8.17 -2.18
CA GLY C 722 33.52 8.21 -3.41
C GLY C 722 34.85 8.91 -3.34
N SER C 723 35.37 9.19 -2.15
CA SER C 723 36.50 10.07 -2.02
C SER C 723 37.80 9.37 -2.39
N VAL C 724 38.90 10.05 -2.12
CA VAL C 724 40.21 9.43 -2.27
C VAL C 724 40.54 8.59 -1.04
N TYR C 725 40.02 8.99 0.11
CA TYR C 725 40.26 8.28 1.37
C TYR C 725 39.14 7.25 1.55
N ILE C 726 39.50 5.97 1.52
CA ILE C 726 38.49 4.93 1.45
C ILE C 726 38.21 4.31 2.82
N CYS C 727 39.25 3.86 3.51
CA CYS C 727 39.02 3.08 4.71
C CYS C 727 38.63 3.99 5.86
N THR C 728 37.45 3.77 6.41
CA THR C 728 37.04 4.46 7.62
C THR C 728 37.72 3.92 8.87
N LEU C 729 38.72 3.05 8.70
CA LEU C 729 39.50 2.54 9.82
C LEU C 729 40.96 2.96 9.77
N CYS C 730 41.51 3.21 8.58
CA CYS C 730 42.86 3.69 8.42
C CYS C 730 42.89 4.75 7.34
N ASP C 731 43.78 5.73 7.51
CA ASP C 731 43.82 6.90 6.63
C ASP C 731 44.76 6.61 5.47
N THR C 732 44.24 5.88 4.49
CA THR C 732 45.00 5.53 3.30
C THR C 732 44.18 5.88 2.08
N THR C 733 44.87 6.24 1.00
CA THR C 733 44.19 6.75 -0.18
C THR C 733 43.97 5.63 -1.18
N ARG C 734 42.84 5.71 -1.89
CA ARG C 734 42.44 4.67 -2.83
C ARG C 734 43.57 4.24 -3.75
N LEU C 735 44.41 5.17 -4.18
CA LEU C 735 45.51 4.78 -5.05
C LEU C 735 46.52 3.94 -4.30
N GLU C 736 47.12 4.50 -3.24
CA GLU C 736 48.11 3.76 -2.47
C GLU C 736 47.53 2.52 -1.81
N ALA C 737 46.21 2.38 -1.80
CA ALA C 737 45.58 1.13 -1.38
C ALA C 737 45.60 0.08 -2.47
N SER C 738 46.18 0.38 -3.63
CA SER C 738 46.37 -0.60 -4.69
C SER C 738 47.83 -1.04 -4.83
N GLN C 739 48.78 -0.13 -4.63
CA GLN C 739 50.18 -0.55 -4.60
C GLN C 739 50.46 -1.44 -3.40
N ASN C 740 49.71 -1.25 -2.31
CA ASN C 740 49.92 -2.01 -1.08
C ASN C 740 48.55 -2.43 -0.57
N LEU C 741 48.30 -3.73 -0.53
CA LEU C 741 46.94 -4.16 -0.21
C LEU C 741 46.76 -4.55 1.25
N VAL C 742 47.67 -5.34 1.83
CA VAL C 742 47.47 -5.71 3.23
C VAL C 742 48.71 -5.44 4.08
N PHE C 743 48.90 -4.18 4.49
CA PHE C 743 49.88 -3.87 5.52
C PHE C 743 49.47 -2.67 6.37
N HIS C 744 48.18 -2.46 6.56
CA HIS C 744 47.69 -1.27 7.24
C HIS C 744 47.42 -1.58 8.72
N SER C 745 46.83 -0.63 9.43
CA SER C 745 46.45 -0.84 10.82
C SER C 745 45.46 0.25 11.21
N ILE C 746 44.50 -0.11 12.06
CA ILE C 746 43.41 0.79 12.39
C ILE C 746 43.95 2.01 13.11
N THR C 747 43.68 3.20 12.56
CA THR C 747 44.12 4.42 13.21
C THR C 747 43.11 5.56 13.10
N ARG C 748 41.84 5.26 12.89
CA ARG C 748 40.82 6.31 12.80
C ARG C 748 39.91 6.18 14.01
N SER C 749 40.32 6.78 15.12
CA SER C 749 39.53 6.79 16.33
C SER C 749 38.51 7.93 16.25
N HIS C 750 37.87 8.25 17.38
CA HIS C 750 36.96 9.38 17.45
C HIS C 750 37.59 10.62 18.07
N ALA C 751 38.42 10.42 19.10
CA ALA C 751 39.17 11.54 19.65
C ALA C 751 40.08 12.17 18.59
N GLU C 752 40.80 11.34 17.85
CA GLU C 752 41.66 11.88 16.80
C GLU C 752 40.87 12.60 15.74
N ASN C 753 39.64 12.18 15.48
CA ASN C 753 38.88 12.84 14.42
C ASN C 753 38.31 14.16 14.90
N LEU C 754 37.92 14.25 16.17
CA LEU C 754 37.62 15.58 16.71
C LEU C 754 38.83 16.48 16.62
N GLN C 755 40.01 15.94 16.92
CA GLN C 755 41.24 16.72 16.82
C GLN C 755 41.50 17.17 15.39
N ARG C 756 41.24 16.30 14.41
CA ARG C 756 41.46 16.66 13.01
C ARG C 756 40.45 17.69 12.54
N TYR C 757 39.19 17.57 12.95
CA TYR C 757 38.24 18.62 12.61
C TYR C 757 38.67 19.95 13.21
N GLU C 758 39.21 19.92 14.42
CA GLU C 758 39.68 21.16 15.01
C GLU C 758 40.80 21.77 14.18
N VAL C 759 41.73 20.94 13.72
CA VAL C 759 42.78 21.46 12.85
C VAL C 759 42.21 22.03 11.56
N TRP C 760 41.25 21.33 10.95
CA TRP C 760 40.62 21.83 9.74
C TRP C 760 40.00 23.20 9.96
N ARG C 761 39.02 23.28 10.86
CA ARG C 761 38.31 24.53 11.10
C ARG C 761 39.27 25.63 11.51
N SER C 762 40.34 25.28 12.23
CA SER C 762 41.26 26.29 12.74
C SER C 762 42.33 26.64 11.72
N ASN C 763 42.94 25.63 11.10
CA ASN C 763 44.02 25.81 10.14
C ASN C 763 45.16 26.58 10.76
N PRO C 764 45.87 26.01 11.74
CA PRO C 764 46.94 26.75 12.42
C PRO C 764 48.22 26.83 11.63
N TYR C 765 48.39 26.02 10.59
CA TYR C 765 49.60 26.03 9.79
C TYR C 765 49.44 26.82 8.51
N HIS C 766 48.26 27.39 8.26
CA HIS C 766 48.02 28.28 7.14
C HIS C 766 48.34 27.59 5.82
N GLU C 767 47.56 26.55 5.53
CA GLU C 767 47.76 25.74 4.34
C GLU C 767 46.63 25.95 3.36
N SER C 768 46.83 25.46 2.14
CA SER C 768 45.78 25.52 1.14
C SER C 768 44.79 24.39 1.36
N VAL C 769 43.65 24.49 0.68
CA VAL C 769 42.59 23.49 0.83
C VAL C 769 43.12 22.10 0.52
N GLU C 770 43.90 21.96 -0.54
CA GLU C 770 44.38 20.65 -0.96
C GLU C 770 45.63 20.21 -0.21
N GLU C 771 46.15 21.05 0.67
CA GLU C 771 47.15 20.63 1.64
C GLU C 771 46.55 20.36 3.00
N LEU C 772 45.56 21.18 3.39
CA LEU C 772 44.89 20.98 4.65
C LEU C 772 44.09 19.68 4.64
N ARG C 773 43.50 19.34 3.49
CA ARG C 773 42.85 18.03 3.38
C ARG C 773 43.81 16.91 3.70
N ASP C 774 44.97 16.89 3.02
CA ASP C 774 46.00 15.91 3.33
C ASP C 774 46.36 15.92 4.80
N ARG C 775 46.44 17.10 5.40
CA ARG C 775 46.77 17.18 6.83
C ARG C 775 45.72 16.50 7.68
N VAL C 776 44.45 16.62 7.32
CA VAL C 776 43.37 16.14 8.18
C VAL C 776 42.61 14.97 7.57
N LYS C 777 43.12 14.40 6.48
CA LYS C 777 42.62 13.14 5.95
C LYS C 777 41.12 13.16 5.71
N GLY C 778 40.68 14.12 4.90
CA GLY C 778 39.30 14.15 4.48
C GLY C 778 38.28 14.33 5.59
N VAL C 779 38.69 14.86 6.73
CA VAL C 779 37.77 15.16 7.82
C VAL C 779 37.40 16.64 7.71
N SER C 780 36.16 16.91 7.32
CA SER C 780 35.68 18.27 7.12
C SER C 780 34.31 18.43 7.74
N ALA C 781 34.13 17.90 8.94
CA ALA C 781 32.88 17.95 9.65
C ALA C 781 33.14 17.51 11.08
N LYS C 782 32.35 18.01 11.99
CA LYS C 782 32.57 17.70 13.40
C LYS C 782 31.97 16.33 13.69
N PRO C 783 32.75 15.37 14.16
CA PRO C 783 32.20 14.04 14.48
C PRO C 783 31.04 14.15 15.44
N PHE C 784 29.91 13.58 15.06
CA PHE C 784 28.67 13.75 15.80
C PHE C 784 28.44 12.64 16.81
N ILE C 785 28.50 11.39 16.38
CA ILE C 785 28.33 10.24 17.27
C ILE C 785 29.68 9.56 17.40
N GLU C 786 29.87 8.86 18.51
CA GLU C 786 31.08 8.06 18.71
C GLU C 786 30.81 6.63 18.27
N THR C 787 31.37 6.26 17.13
CA THR C 787 31.33 4.90 16.64
C THR C 787 32.68 4.24 16.90
N VAL C 788 32.79 2.97 16.54
CA VAL C 788 34.05 2.26 16.65
C VAL C 788 34.46 1.77 15.27
N PRO C 789 35.76 1.66 14.99
CA PRO C 789 36.19 1.09 13.71
C PRO C 789 35.76 -0.36 13.61
N SER C 790 34.99 -0.67 12.56
CA SER C 790 34.55 -2.03 12.31
C SER C 790 34.22 -2.16 10.83
N ILE C 791 33.89 -3.38 10.43
CA ILE C 791 33.41 -3.65 9.08
C ILE C 791 32.06 -4.32 9.19
N ASP C 792 31.13 -3.90 8.34
CA ASP C 792 29.74 -4.33 8.42
C ASP C 792 29.59 -5.58 7.55
N ALA C 793 29.59 -6.75 8.19
CA ALA C 793 29.68 -8.01 7.46
C ALA C 793 28.59 -8.14 6.41
N LEU C 794 27.37 -7.69 6.72
CA LEU C 794 26.26 -7.79 5.77
C LEU C 794 26.60 -7.08 4.46
N HIS C 795 26.79 -5.77 4.53
CA HIS C 795 27.08 -5.01 3.33
C HIS C 795 28.44 -5.37 2.77
N CYS C 796 29.37 -5.82 3.61
CA CYS C 796 30.65 -6.30 3.09
C CYS C 796 30.43 -7.44 2.12
N ASP C 797 29.61 -8.41 2.51
CA ASP C 797 29.41 -9.56 1.65
C ASP C 797 28.58 -9.20 0.42
N ILE C 798 27.58 -8.34 0.60
CA ILE C 798 26.77 -7.94 -0.56
C ILE C 798 27.61 -7.17 -1.57
N GLY C 799 28.51 -6.31 -1.10
CA GLY C 799 29.36 -5.57 -2.00
C GLY C 799 30.36 -6.48 -2.70
N ASN C 800 30.95 -7.42 -1.96
CA ASN C 800 31.83 -8.38 -2.62
C ASN C 800 31.10 -9.17 -3.70
N ALA C 801 29.84 -9.53 -3.43
CA ALA C 801 29.08 -10.30 -4.40
C ALA C 801 28.80 -9.47 -5.65
N ALA C 802 28.35 -8.22 -5.48
CA ALA C 802 28.12 -7.37 -6.64
C ALA C 802 29.40 -7.16 -7.43
N GLU C 803 30.52 -7.03 -6.71
CA GLU C 803 31.86 -6.85 -7.31
C GLU C 803 32.16 -8.06 -8.20
N PHE C 804 31.90 -9.28 -7.69
CA PHE C 804 32.15 -10.48 -8.46
C PHE C 804 31.18 -10.63 -9.63
N TYR C 805 29.96 -10.16 -9.49
CA TYR C 805 29.05 -10.11 -10.63
C TYR C 805 29.66 -9.29 -11.76
N LYS C 806 30.18 -8.11 -11.41
CA LYS C 806 30.82 -7.26 -12.41
C LYS C 806 32.05 -7.92 -13.01
N ILE C 807 32.84 -8.61 -12.18
CA ILE C 807 34.06 -9.22 -12.73
C ILE C 807 33.70 -10.39 -13.64
N PHE C 808 32.61 -11.09 -13.36
CA PHE C 808 32.14 -12.12 -14.28
C PHE C 808 31.77 -11.51 -15.63
N GLN C 809 31.02 -10.41 -15.61
CA GLN C 809 30.71 -9.74 -16.87
C GLN C 809 31.97 -9.34 -17.62
N LEU C 810 32.95 -8.80 -16.90
CA LEU C 810 34.16 -8.33 -17.58
C LEU C 810 35.00 -9.50 -18.09
N GLU C 811 34.88 -10.68 -17.48
CA GLU C 811 35.56 -11.84 -18.02
C GLU C 811 34.86 -12.36 -19.26
N ILE C 812 33.53 -12.27 -19.29
CA ILE C 812 32.81 -12.58 -20.53
C ILE C 812 33.24 -11.65 -21.65
N GLY C 813 33.34 -10.36 -21.37
CA GLY C 813 33.79 -9.45 -22.40
C GLY C 813 35.24 -9.62 -22.83
N GLU C 814 35.98 -10.55 -22.24
CA GLU C 814 37.36 -10.84 -22.61
C GLU C 814 38.22 -9.58 -22.60
N VAL C 815 37.88 -8.65 -21.70
CA VAL C 815 38.51 -7.34 -21.68
C VAL C 815 40.01 -7.42 -21.44
N TYR C 816 40.49 -8.48 -20.77
CA TYR C 816 41.90 -8.60 -20.44
C TYR C 816 42.81 -8.61 -21.67
N LYS C 817 42.24 -8.68 -22.87
CA LYS C 817 43.00 -8.57 -24.10
C LYS C 817 42.68 -7.31 -24.87
N HIS C 818 41.39 -7.01 -25.08
CA HIS C 818 40.98 -5.80 -25.78
C HIS C 818 40.10 -4.94 -24.88
N PRO C 819 40.63 -3.82 -24.40
CA PRO C 819 39.83 -2.95 -23.51
C PRO C 819 38.79 -2.13 -24.24
N ASN C 820 38.22 -1.16 -23.50
CA ASN C 820 37.41 -0.04 -23.99
C ASN C 820 36.36 -0.48 -25.03
N ALA C 821 35.41 -1.26 -24.52
CA ALA C 821 34.20 -1.55 -25.27
C ALA C 821 33.23 -0.38 -25.12
N SER C 822 31.98 -0.58 -25.56
CA SER C 822 31.00 0.50 -25.59
C SER C 822 30.09 0.45 -24.37
N LYS C 823 29.14 1.39 -24.32
CA LYS C 823 28.12 1.42 -23.29
C LYS C 823 26.94 0.49 -23.58
N GLU C 824 27.06 -0.34 -24.62
CA GLU C 824 26.06 -1.37 -24.90
C GLU C 824 26.65 -2.75 -25.15
N GLU C 825 27.92 -2.85 -25.53
CA GLU C 825 28.58 -4.15 -25.56
C GLU C 825 28.58 -4.78 -24.18
N ARG C 826 28.81 -3.98 -23.14
CA ARG C 826 28.79 -4.50 -21.78
C ARG C 826 27.38 -4.90 -21.37
N LYS C 827 26.37 -4.17 -21.84
CA LYS C 827 24.99 -4.58 -21.58
C LYS C 827 24.69 -5.91 -22.24
N ARG C 828 25.19 -6.11 -23.46
CA ARG C 828 25.02 -7.40 -24.13
C ARG C 828 25.73 -8.50 -23.35
N TRP C 829 26.91 -8.19 -22.80
CA TRP C 829 27.61 -9.16 -21.97
C TRP C 829 26.79 -9.53 -20.74
N GLN C 830 26.17 -8.52 -20.12
CA GLN C 830 25.27 -8.77 -19.00
C GLN C 830 24.11 -9.67 -19.41
N ALA C 831 23.54 -9.43 -20.58
CA ALA C 831 22.46 -10.27 -21.07
C ALA C 831 22.93 -11.71 -21.23
N THR C 832 24.10 -11.90 -21.83
CA THR C 832 24.68 -13.23 -21.93
C THR C 832 24.77 -13.88 -20.56
N LEU C 833 25.31 -13.15 -19.58
CA LEU C 833 25.55 -13.74 -18.27
C LEU C 833 24.24 -14.11 -17.58
N ASP C 834 23.26 -13.22 -17.60
CA ASP C 834 22.05 -13.50 -16.84
C ASP C 834 21.20 -14.57 -17.52
N LYS C 835 21.21 -14.62 -18.85
CA LYS C 835 20.55 -15.73 -19.53
C LYS C 835 21.21 -17.05 -19.17
N HIS C 836 22.55 -17.10 -19.23
CA HIS C 836 23.23 -18.35 -18.92
C HIS C 836 22.98 -18.75 -17.47
N LEU C 837 22.87 -17.78 -16.57
CA LEU C 837 22.67 -18.11 -15.17
C LEU C 837 21.24 -18.58 -14.90
N ARG C 838 20.24 -17.85 -15.38
CA ARG C 838 18.89 -18.42 -15.32
C ARG C 838 18.62 -19.30 -16.52
N LYS C 839 19.62 -20.08 -16.90
CA LYS C 839 19.43 -21.33 -17.63
C LYS C 839 20.20 -22.48 -17.04
N ARG C 840 21.26 -22.22 -16.27
CA ARG C 840 22.04 -23.28 -15.64
C ARG C 840 21.86 -23.35 -14.13
N MET C 841 21.12 -22.41 -13.54
CA MET C 841 20.80 -22.49 -12.12
C MET C 841 19.37 -22.10 -11.80
N ASN C 842 18.57 -21.71 -12.79
CA ASN C 842 17.27 -21.08 -12.57
C ASN C 842 17.40 -19.89 -11.61
N LEU C 843 18.55 -19.24 -11.67
CA LEU C 843 18.89 -18.12 -10.79
C LEU C 843 18.36 -16.84 -11.44
N LYS C 844 17.16 -16.45 -11.03
CA LYS C 844 16.47 -15.35 -11.68
C LYS C 844 17.25 -14.06 -11.52
N PRO C 845 17.42 -13.28 -12.58
CA PRO C 845 18.18 -12.03 -12.46
C PRO C 845 17.47 -11.02 -11.59
N ILE C 846 18.27 -10.21 -10.91
CA ILE C 846 17.77 -9.17 -10.02
C ILE C 846 18.48 -7.87 -10.35
N MET C 847 17.73 -6.76 -10.28
CA MET C 847 18.32 -5.46 -10.55
C MET C 847 18.84 -4.78 -9.30
N ARG C 848 18.42 -5.30 -8.13
CA ARG C 848 18.88 -4.82 -6.80
C ARG C 848 19.58 -5.99 -6.10
N MET C 849 20.89 -5.88 -5.84
CA MET C 849 21.66 -6.95 -5.23
C MET C 849 21.17 -7.15 -3.80
N ASN C 850 20.75 -8.37 -3.47
CA ASN C 850 20.35 -8.70 -2.11
C ASN C 850 21.14 -9.91 -1.62
N GLY C 851 21.15 -10.08 -0.29
CA GLY C 851 21.92 -11.16 0.30
C GLY C 851 21.47 -12.54 -0.15
N ASN C 852 20.21 -12.67 -0.55
CA ASN C 852 19.74 -13.96 -1.06
C ASN C 852 20.44 -14.31 -2.37
N PHE C 853 20.43 -13.37 -3.31
CA PHE C 853 21.15 -13.58 -4.57
C PHE C 853 22.65 -13.71 -4.33
N ALA C 854 23.15 -13.12 -3.25
CA ALA C 854 24.57 -13.28 -2.92
C ALA C 854 24.87 -14.68 -2.43
N ARG C 855 24.01 -15.26 -1.60
CA ARG C 855 24.22 -16.62 -1.17
C ARG C 855 24.08 -17.58 -2.35
N LYS C 856 23.11 -17.35 -3.22
CA LYS C 856 22.90 -18.25 -4.34
C LYS C 856 24.04 -18.17 -5.34
N LEU C 857 24.45 -16.95 -5.69
CA LEU C 857 25.54 -16.77 -6.64
C LEU C 857 26.84 -17.33 -6.10
N MET C 858 27.25 -16.89 -4.91
CA MET C 858 28.61 -17.08 -4.45
C MET C 858 28.84 -18.55 -4.10
N THR C 859 29.09 -19.34 -5.13
CA THR C 859 29.47 -20.73 -4.98
C THR C 859 30.55 -21.06 -5.99
N GLN C 860 31.32 -22.12 -5.70
CA GLN C 860 32.20 -22.69 -6.70
C GLN C 860 31.42 -23.18 -7.91
N GLU C 861 30.13 -23.52 -7.73
CA GLU C 861 29.29 -23.91 -8.85
C GLU C 861 29.12 -22.76 -9.84
N THR C 862 29.20 -21.52 -9.36
CA THR C 862 29.01 -20.39 -10.26
C THR C 862 30.18 -20.21 -11.20
N VAL C 863 31.42 -20.38 -10.73
CA VAL C 863 32.53 -20.39 -11.66
C VAL C 863 32.50 -21.65 -12.52
N ASP C 864 32.02 -22.74 -11.91
CA ASP C 864 31.87 -24.03 -12.65
C ASP C 864 31.00 -23.77 -13.89
N ALA C 865 29.96 -22.94 -13.74
CA ALA C 865 29.08 -22.59 -14.85
C ALA C 865 29.73 -21.57 -15.76
N VAL C 866 30.08 -20.40 -15.23
CA VAL C 866 30.52 -19.28 -16.05
C VAL C 866 31.86 -19.54 -16.73
N CYS C 867 32.54 -20.64 -16.41
CA CYS C 867 33.75 -20.96 -17.17
C CYS C 867 33.42 -21.28 -18.62
N GLU C 868 32.25 -21.85 -18.88
CA GLU C 868 31.87 -22.24 -20.24
C GLU C 868 31.38 -21.07 -21.08
N LEU C 869 31.56 -19.84 -20.62
CA LEU C 869 31.22 -18.66 -21.38
C LEU C 869 32.44 -17.87 -21.83
N ILE C 870 33.60 -18.11 -21.24
CA ILE C 870 34.82 -17.40 -21.60
C ILE C 870 35.71 -18.36 -22.39
N PRO C 871 36.29 -17.92 -23.50
CA PRO C 871 36.99 -18.84 -24.39
C PRO C 871 38.21 -19.50 -23.77
N SER C 872 39.14 -18.71 -23.26
CA SER C 872 40.37 -19.28 -22.73
C SER C 872 40.10 -20.04 -21.44
N GLU C 873 40.97 -21.00 -21.14
CA GLU C 873 40.85 -21.81 -19.94
C GLU C 873 41.82 -21.40 -18.85
N GLU C 874 42.87 -20.66 -19.18
CA GLU C 874 43.69 -20.10 -18.11
C GLU C 874 42.89 -19.07 -17.32
N ARG C 875 41.92 -18.43 -17.96
CA ARG C 875 40.98 -17.61 -17.21
C ARG C 875 40.11 -18.48 -16.31
N HIS C 876 39.77 -19.69 -16.78
CA HIS C 876 39.10 -20.63 -15.88
C HIS C 876 39.94 -20.88 -14.65
N GLU C 877 41.21 -21.22 -14.86
CA GLU C 877 42.11 -21.48 -13.73
C GLU C 877 42.16 -20.29 -12.78
N ALA C 878 42.41 -19.10 -13.31
CA ALA C 878 42.56 -17.92 -12.47
C ALA C 878 41.28 -17.63 -11.70
N LEU C 879 40.13 -17.64 -12.38
CA LEU C 879 38.89 -17.25 -11.70
C LEU C 879 38.49 -18.32 -10.68
N ARG C 880 38.77 -19.58 -11.02
CA ARG C 880 38.47 -20.71 -10.11
C ARG C 880 39.29 -20.53 -8.82
N GLU C 881 40.58 -20.20 -8.97
CA GLU C 881 41.43 -19.98 -7.80
C GLU C 881 40.95 -18.78 -6.99
N LEU C 882 40.54 -17.71 -7.66
CA LEU C 882 40.06 -16.54 -6.95
C LEU C 882 38.84 -16.89 -6.10
N MET C 883 37.87 -17.58 -6.70
CA MET C 883 36.67 -17.98 -5.99
C MET C 883 37.00 -18.91 -4.83
N ASP C 884 37.96 -19.81 -5.04
CA ASP C 884 38.40 -20.71 -3.98
C ASP C 884 38.93 -19.94 -2.79
N LEU C 885 39.81 -18.98 -3.03
CA LEU C 885 40.36 -18.20 -1.90
C LEU C 885 39.28 -17.38 -1.22
N TYR C 886 38.37 -16.78 -2.00
CA TYR C 886 37.34 -15.97 -1.38
C TYR C 886 36.44 -16.80 -0.48
N LEU C 887 36.03 -17.98 -0.94
CA LEU C 887 35.22 -18.83 -0.08
C LEU C 887 36.03 -19.47 1.04
N LYS C 888 37.35 -19.58 0.86
CA LYS C 888 38.18 -20.10 1.94
C LYS C 888 38.34 -19.07 3.05
N MET C 889 38.15 -17.79 2.75
CA MET C 889 38.28 -16.79 3.80
C MET C 889 36.95 -16.22 4.29
N LYS C 890 35.86 -16.36 3.54
CA LYS C 890 34.61 -15.72 3.95
C LYS C 890 34.13 -16.08 5.36
N PRO C 891 34.19 -17.33 5.83
CA PRO C 891 33.69 -17.63 7.17
C PRO C 891 34.35 -16.82 8.27
N VAL C 892 35.63 -16.49 8.15
CA VAL C 892 36.33 -15.79 9.23
C VAL C 892 35.64 -14.48 9.60
N TRP C 893 35.01 -13.80 8.66
CA TRP C 893 34.20 -12.65 9.02
C TRP C 893 32.71 -12.89 8.89
N ARG C 894 32.29 -14.06 8.46
CA ARG C 894 30.86 -14.32 8.38
C ARG C 894 30.31 -14.97 9.65
N SER C 895 31.15 -15.61 10.45
CA SER C 895 30.69 -16.36 11.61
C SER C 895 30.33 -15.38 12.73
N SER C 896 30.03 -15.92 13.90
CA SER C 896 29.78 -15.11 15.08
C SER C 896 30.79 -15.35 16.19
N CYS C 897 31.71 -16.29 16.00
CA CYS C 897 32.83 -16.48 16.90
C CYS C 897 33.90 -17.31 16.20
N PRO C 898 34.64 -16.73 15.25
CA PRO C 898 35.62 -17.52 14.50
C PRO C 898 36.83 -17.93 15.32
N ALA C 899 36.88 -17.63 16.61
CA ALA C 899 37.96 -18.13 17.44
C ALA C 899 37.84 -19.63 17.68
N LYS C 900 36.64 -20.19 17.57
CA LYS C 900 36.46 -21.62 17.82
C LYS C 900 35.67 -22.30 16.70
N GLU C 901 34.81 -21.55 16.01
CA GLU C 901 33.98 -22.15 14.98
C GLU C 901 34.77 -22.50 13.73
N CYS C 902 35.82 -21.75 13.43
CA CYS C 902 36.66 -22.06 12.29
C CYS C 902 38.08 -21.55 12.51
N PRO C 903 38.76 -22.01 13.56
CA PRO C 903 40.07 -21.41 13.89
C PRO C 903 41.16 -21.71 12.90
N GLU C 904 41.01 -22.75 12.07
CA GLU C 904 42.00 -22.99 11.03
C GLU C 904 41.94 -21.88 9.98
N SER C 905 40.74 -21.55 9.51
CA SER C 905 40.58 -20.44 8.58
C SER C 905 41.15 -19.16 9.16
N LEU C 906 40.95 -18.93 10.45
CA LEU C 906 41.50 -17.73 11.08
C LEU C 906 43.01 -17.75 11.07
N CYS C 907 43.62 -18.82 11.59
CA CYS C 907 45.07 -18.85 11.69
C CYS C 907 45.74 -18.95 10.33
N GLN C 908 44.99 -19.17 9.25
CA GLN C 908 45.56 -19.17 7.92
C GLN C 908 45.10 -17.99 7.07
N TYR C 909 44.25 -17.13 7.63
CA TYR C 909 43.72 -15.97 6.92
C TYR C 909 44.81 -15.11 6.30
N SER C 910 45.90 -14.89 7.04
CA SER C 910 46.97 -14.04 6.53
C SER C 910 47.44 -14.52 5.16
N PHE C 911 47.79 -15.80 5.07
CA PHE C 911 48.28 -16.36 3.81
C PHE C 911 47.16 -16.42 2.77
N ASN C 912 45.98 -16.91 3.17
CA ASN C 912 44.90 -17.10 2.22
C ASN C 912 44.30 -15.80 1.73
N SER C 913 44.69 -14.66 2.29
CA SER C 913 44.32 -13.38 1.72
C SER C 913 45.48 -12.67 1.06
N GLN C 914 46.72 -12.89 1.51
CA GLN C 914 47.84 -12.33 0.79
C GLN C 914 47.94 -12.91 -0.61
N ARG C 915 47.62 -14.20 -0.76
CA ARG C 915 47.65 -14.74 -2.12
C ARG C 915 46.45 -14.27 -2.94
N PHE C 916 45.32 -14.03 -2.29
CA PHE C 916 44.18 -13.41 -2.97
C PHE C 916 44.55 -12.04 -3.52
N ALA C 917 45.25 -11.23 -2.72
CA ALA C 917 45.72 -9.94 -3.19
C ALA C 917 46.73 -10.10 -4.31
N GLU C 918 47.64 -11.07 -4.17
CA GLU C 918 48.58 -11.38 -5.24
C GLU C 918 47.85 -11.60 -6.56
N LEU C 919 46.88 -12.50 -6.56
CA LEU C 919 46.18 -12.84 -7.80
C LEU C 919 45.25 -11.73 -8.27
N LEU C 920 44.82 -10.82 -7.40
CA LEU C 920 44.15 -9.63 -7.90
C LEU C 920 45.13 -8.68 -8.58
N SER C 921 46.36 -8.63 -8.09
CA SER C 921 47.34 -7.75 -8.71
C SER C 921 47.60 -8.15 -10.15
N THR C 922 47.80 -9.44 -10.41
CA THR C 922 48.29 -9.89 -11.71
C THR C 922 47.16 -10.26 -12.68
N LYS C 923 46.35 -11.26 -12.32
CA LYS C 923 45.41 -11.81 -13.28
C LYS C 923 44.13 -11.01 -13.41
N PHE C 924 44.05 -9.81 -12.82
CA PHE C 924 42.90 -8.96 -13.04
C PHE C 924 43.28 -7.49 -13.12
N LYS C 925 44.55 -7.17 -13.37
CA LYS C 925 45.01 -5.79 -13.32
C LYS C 925 44.29 -4.89 -14.32
N TYR C 926 43.50 -5.43 -15.24
CA TYR C 926 42.68 -4.54 -16.05
C TYR C 926 41.58 -3.88 -15.23
N ARG C 927 41.41 -4.30 -13.98
CA ARG C 927 40.47 -3.67 -13.07
C ARG C 927 41.17 -3.11 -11.83
N TYR C 928 42.03 -3.91 -11.20
CA TYR C 928 42.68 -3.49 -9.95
C TYR C 928 44.12 -3.05 -10.20
N GLU C 929 44.24 -1.97 -10.96
CA GLU C 929 45.49 -1.23 -11.08
C GLU C 929 45.40 0.11 -10.35
N GLY C 930 44.31 0.82 -10.53
CA GLY C 930 43.99 1.98 -9.75
C GLY C 930 42.93 1.64 -8.72
N LYS C 931 41.68 1.94 -9.05
CA LYS C 931 40.58 1.78 -8.11
C LYS C 931 40.47 0.36 -7.58
N ILE C 932 40.64 0.21 -6.27
CA ILE C 932 40.21 -0.98 -5.54
C ILE C 932 39.11 -0.55 -4.57
N THR C 933 37.99 -1.25 -4.62
CA THR C 933 36.81 -0.78 -3.90
C THR C 933 37.04 -0.80 -2.39
N ASN C 934 36.11 -0.19 -1.66
CA ASN C 934 36.23 -0.08 -0.21
C ASN C 934 36.32 -1.45 0.44
N TYR C 935 35.27 -2.26 0.23
CA TYR C 935 35.13 -3.48 1.00
C TYR C 935 36.24 -4.48 0.74
N PHE C 936 36.80 -4.50 -0.47
CA PHE C 936 37.96 -5.36 -0.67
C PHE C 936 39.14 -4.91 0.17
N HIS C 937 39.39 -3.60 0.24
CA HIS C 937 40.46 -3.13 1.12
C HIS C 937 40.20 -3.55 2.56
N LYS C 938 38.98 -3.31 3.05
CA LYS C 938 38.66 -3.72 4.41
C LYS C 938 38.89 -5.22 4.60
N THR C 939 38.14 -6.03 3.84
CA THR C 939 38.21 -7.48 3.91
C THR C 939 39.64 -7.99 3.90
N LEU C 940 40.49 -7.40 3.08
CA LEU C 940 41.84 -7.92 2.96
C LEU C 940 42.73 -7.48 4.11
N ALA C 941 42.70 -6.20 4.49
CA ALA C 941 43.77 -5.68 5.32
C ALA C 941 43.42 -5.50 6.80
N HIS C 942 42.14 -5.49 7.15
CA HIS C 942 41.76 -5.13 8.51
C HIS C 942 41.18 -6.27 9.32
N VAL C 943 40.65 -7.31 8.68
CA VAL C 943 39.93 -8.37 9.38
C VAL C 943 40.72 -9.03 10.52
N PRO C 944 41.97 -9.46 10.32
CA PRO C 944 42.65 -10.16 11.42
C PRO C 944 42.80 -9.31 12.67
N GLU C 945 43.08 -8.02 12.54
CA GLU C 945 43.27 -7.22 13.75
C GLU C 945 41.94 -6.84 14.37
N ILE C 946 40.89 -6.65 13.56
CA ILE C 946 39.57 -6.48 14.16
C ILE C 946 39.19 -7.71 14.98
N ILE C 947 39.50 -8.89 14.47
CA ILE C 947 39.25 -10.12 15.23
C ILE C 947 40.06 -10.11 16.52
N GLU C 948 41.37 -9.92 16.41
CA GLU C 948 42.21 -9.90 17.61
C GLU C 948 41.81 -8.78 18.57
N ARG C 949 40.98 -7.84 18.11
CA ARG C 949 40.55 -6.72 18.94
C ARG C 949 39.22 -6.99 19.64
N ASP C 950 38.28 -7.62 18.93
CA ASP C 950 36.89 -7.59 19.35
C ASP C 950 36.21 -8.95 19.24
N GLY C 951 36.95 -10.04 19.17
CA GLY C 951 36.30 -11.33 19.11
C GLY C 951 35.92 -11.69 17.70
N SER C 952 34.67 -11.45 17.34
CA SER C 952 34.12 -11.77 16.04
C SER C 952 33.91 -10.50 15.23
N ILE C 953 33.36 -10.67 14.03
CA ILE C 953 32.99 -9.55 13.17
C ILE C 953 31.53 -9.66 12.78
N GLY C 954 31.01 -10.89 12.74
CA GLY C 954 29.66 -11.09 12.28
C GLY C 954 28.61 -10.71 13.30
N ALA C 955 28.90 -10.94 14.57
CA ALA C 955 27.94 -10.58 15.62
C ALA C 955 27.74 -9.07 15.66
N TRP C 956 28.85 -8.33 15.68
CA TRP C 956 28.82 -6.86 15.70
C TRP C 956 28.50 -6.37 14.30
N ALA C 957 27.22 -6.44 13.94
CA ALA C 957 26.77 -6.08 12.61
C ALA C 957 25.38 -5.46 12.71
N SER C 958 24.85 -5.06 11.56
CA SER C 958 23.59 -4.34 11.49
C SER C 958 22.43 -5.20 11.00
N GLU C 959 22.63 -6.52 10.89
CA GLU C 959 21.56 -7.38 10.40
C GLU C 959 20.35 -7.33 11.32
N GLY C 960 20.57 -7.15 12.62
CA GLY C 960 19.44 -7.03 13.52
C GLY C 960 18.55 -5.85 13.19
N ASN C 961 19.15 -4.68 13.04
CA ASN C 961 18.36 -3.48 12.77
C ASN C 961 17.88 -3.44 11.31
N GLN C 962 18.38 -4.35 10.47
CA GLN C 962 18.00 -4.36 9.03
C GLN C 962 16.76 -5.23 8.81
N SER C 963 16.36 -6.01 9.81
CA SER C 963 15.19 -6.92 9.67
C SER C 963 13.90 -6.22 10.11
N GLY C 964 13.99 -5.37 11.14
CA GLY C 964 12.79 -4.81 11.74
C GLY C 964 11.98 -3.88 10.87
N ASN C 965 12.36 -3.71 9.61
CA ASN C 965 11.57 -2.86 8.72
C ASN C 965 10.19 -3.44 8.48
N LYS C 966 10.15 -4.76 8.27
CA LYS C 966 8.88 -5.47 8.13
C LYS C 966 8.01 -5.25 9.36
N LEU C 967 8.60 -5.30 10.55
CA LEU C 967 7.84 -5.09 11.77
C LEU C 967 7.29 -3.68 11.83
N PHE C 968 8.13 -2.70 11.48
CA PHE C 968 7.67 -1.32 11.43
C PHE C 968 6.43 -1.20 10.55
N ARG C 969 6.52 -1.69 9.33
CA ARG C 969 5.39 -1.54 8.40
C ARG C 969 4.17 -2.30 8.91
N ARG C 970 4.36 -3.50 9.43
CA ARG C 970 3.24 -4.33 9.83
C ARG C 970 2.51 -3.73 11.02
N PHE C 971 3.25 -3.20 11.99
CA PHE C 971 2.64 -2.52 13.12
C PHE C 971 1.92 -1.26 12.67
N ARG C 972 2.62 -0.41 11.91
CA ARG C 972 1.98 0.81 11.43
C ARG C 972 0.70 0.53 10.65
N LYS C 973 0.63 -0.62 9.99
CA LYS C 973 -0.57 -0.98 9.24
C LYS C 973 -1.66 -1.49 10.18
N MET C 974 -1.35 -2.51 10.97
CA MET C 974 -2.36 -3.26 11.72
C MET C 974 -2.61 -2.71 13.11
N ASN C 975 -1.59 -2.12 13.74
CA ASN C 975 -1.66 -1.73 15.15
C ASN C 975 -1.18 -0.29 15.28
N ALA C 976 -2.08 0.67 15.11
CA ALA C 976 -1.69 2.07 15.22
C ALA C 976 -2.96 2.89 15.41
N ARG C 977 -2.83 4.21 15.34
CA ARG C 977 -3.99 5.08 15.47
C ARG C 977 -3.97 6.27 14.51
N GLN C 978 -3.13 6.27 13.48
CA GLN C 978 -3.17 7.17 12.33
C GLN C 978 -3.15 8.64 12.71
N SER C 979 -3.13 8.97 14.00
CA SER C 979 -3.27 10.35 14.41
C SER C 979 -2.01 11.17 14.20
N LYS C 980 -0.94 10.55 13.70
CA LYS C 980 0.36 11.18 13.43
C LYS C 980 1.04 11.63 14.71
N CYS C 981 0.39 11.52 15.85
CA CYS C 981 1.00 11.78 17.15
C CYS C 981 0.98 10.55 18.04
N TYR C 982 -0.19 9.95 18.22
CA TYR C 982 -0.26 8.66 18.87
C TYR C 982 0.26 7.55 17.96
N GLU C 983 0.04 7.71 16.65
CA GLU C 983 0.35 6.67 15.68
C GLU C 983 1.79 6.20 15.70
N MET C 984 2.69 6.95 16.34
CA MET C 984 4.07 6.51 16.46
C MET C 984 4.38 5.87 17.80
N GLU C 985 3.74 6.36 18.86
CA GLU C 985 3.84 5.70 20.16
C GLU C 985 3.43 4.25 20.06
N ASP C 986 2.39 3.97 19.27
CA ASP C 986 1.90 2.60 19.14
C ASP C 986 2.95 1.70 18.49
N VAL C 987 3.52 2.14 17.37
CA VAL C 987 4.55 1.35 16.71
C VAL C 987 5.72 1.12 17.65
N LEU C 988 6.17 2.17 18.33
CA LEU C 988 7.31 2.04 19.22
C LEU C 988 7.02 1.03 20.32
N LYS C 989 5.83 1.13 20.91
CA LYS C 989 5.45 0.26 22.01
C LYS C 989 5.35 -1.19 21.57
N HIS C 990 4.67 -1.44 20.46
CA HIS C 990 4.53 -2.82 19.99
C HIS C 990 5.88 -3.41 19.61
N HIS C 991 6.76 -2.63 18.99
CA HIS C 991 8.04 -3.18 18.61
C HIS C 991 8.89 -3.46 19.84
N TRP C 992 8.77 -2.62 20.86
CA TRP C 992 9.39 -2.92 22.14
C TRP C 992 8.89 -4.24 22.69
N LEU C 993 7.57 -4.40 22.78
CA LEU C 993 7.00 -5.63 23.32
C LEU C 993 7.45 -6.85 22.51
N TYR C 994 7.38 -6.75 21.19
CA TYR C 994 7.84 -7.83 20.33
C TYR C 994 9.25 -8.25 20.70
N THR C 995 10.18 -7.30 20.68
CA THR C 995 11.57 -7.62 20.97
C THR C 995 11.82 -7.89 22.44
N SER C 996 10.78 -8.03 23.26
CA SER C 996 10.99 -8.39 24.65
C SER C 996 11.47 -9.82 24.75
N LYS C 997 11.72 -10.26 25.98
CA LYS C 997 12.25 -11.60 26.20
C LYS C 997 11.45 -12.39 27.22
N TYR C 998 10.85 -11.72 28.21
CA TYR C 998 9.90 -12.34 29.10
C TYR C 998 8.69 -12.90 28.35
N LEU C 999 8.53 -12.55 27.08
CA LEU C 999 7.44 -13.04 26.24
C LEU C 999 7.92 -14.08 25.24
N GLN C 1000 9.13 -13.93 24.75
CA GLN C 1000 9.69 -14.97 23.90
C GLN C 1000 9.92 -16.25 24.71
N LYS C 1001 10.17 -16.09 26.02
CA LYS C 1001 10.20 -17.26 26.89
C LYS C 1001 8.92 -18.06 26.78
N PHE C 1002 7.79 -17.39 26.57
CA PHE C 1002 6.52 -18.10 26.43
C PHE C 1002 6.32 -18.60 25.01
N MET C 1003 6.49 -17.73 24.03
CA MET C 1003 6.27 -18.15 22.66
C MET C 1003 7.29 -19.18 22.19
N ASN C 1004 8.25 -19.55 23.03
CA ASN C 1004 9.15 -20.65 22.76
C ASN C 1004 8.98 -21.76 23.79
N ALA C 1005 7.74 -21.96 24.25
CA ALA C 1005 7.48 -22.98 25.27
C ALA C 1005 7.43 -24.38 24.71
N HIS C 1006 7.37 -24.54 23.39
CA HIS C 1006 7.34 -25.86 22.78
C HIS C 1006 8.74 -26.35 22.45
N ASN C 1007 9.66 -26.25 23.40
CA ASN C 1007 11.01 -26.72 23.20
C ASN C 1007 11.55 -27.38 24.46
N ALA C 1008 10.66 -27.97 25.24
CA ALA C 1008 11.06 -28.71 26.44
C ALA C 1008 11.63 -30.07 26.04
N MET D 1 9.12 48.14 -6.39
CA MET D 1 8.57 46.95 -5.76
C MET D 1 8.11 45.96 -6.82
N SER D 2 9.05 45.49 -7.64
CA SER D 2 8.75 44.60 -8.76
C SER D 2 9.23 43.19 -8.40
N LEU D 3 8.31 42.36 -7.91
CA LEU D 3 8.64 40.99 -7.60
C LEU D 3 8.83 40.17 -8.87
N GLN D 4 9.78 39.23 -8.83
CA GLN D 4 10.11 38.43 -9.99
C GLN D 4 10.54 37.04 -9.53
N MET D 5 9.92 36.02 -10.10
CA MET D 5 10.34 34.65 -9.83
C MET D 5 11.76 34.43 -10.35
N VAL D 6 12.42 33.40 -9.84
CA VAL D 6 13.82 33.13 -10.16
C VAL D 6 13.98 31.64 -10.46
N THR D 7 14.81 31.33 -11.45
CA THR D 7 15.22 29.97 -11.71
C THR D 7 16.52 29.68 -10.98
N VAL D 8 16.78 28.39 -10.78
CA VAL D 8 17.87 27.96 -9.90
C VAL D 8 18.55 26.74 -10.52
N GLY D 9 19.86 26.65 -10.29
CA GLY D 9 20.70 25.68 -10.95
C GLY D 9 20.54 24.28 -10.39
N HIS D 10 21.66 23.54 -10.34
CA HIS D 10 21.61 22.14 -9.95
C HIS D 10 21.81 21.94 -8.45
N ASN D 11 22.59 22.80 -7.80
CA ASN D 11 22.74 22.74 -6.36
C ASN D 11 21.73 23.68 -5.67
N ILE D 12 20.47 23.48 -6.06
CA ILE D 12 19.37 24.19 -5.40
C ILE D 12 19.31 23.85 -3.92
N ALA D 13 19.57 22.59 -3.56
CA ALA D 13 19.37 22.13 -2.19
C ALA D 13 20.16 22.95 -1.18
N LEU D 14 21.30 23.51 -1.60
CA LEU D 14 22.20 24.17 -0.67
C LEU D 14 21.59 25.43 -0.05
N ILE D 15 20.37 25.77 -0.42
CA ILE D 15 19.67 26.89 0.17
C ILE D 15 18.71 26.37 1.22
N GLN D 16 18.67 27.03 2.37
CA GLN D 16 17.86 26.62 3.50
C GLN D 16 17.46 27.87 4.27
N PRO D 17 16.37 27.83 5.02
CA PRO D 17 16.00 28.99 5.83
C PRO D 17 17.09 29.32 6.83
N GLY D 18 17.50 30.58 6.84
CA GLY D 18 18.49 31.04 7.80
C GLY D 18 19.85 31.29 7.20
N PHE D 19 19.93 31.33 5.88
CA PHE D 19 21.21 31.49 5.21
C PHE D 19 21.68 32.94 5.36
N SER D 20 22.77 33.28 4.67
CA SER D 20 23.30 34.63 4.72
C SER D 20 23.76 35.03 3.33
N LEU D 21 23.59 36.30 2.99
CA LEU D 21 24.02 36.84 1.72
C LEU D 21 24.92 38.03 2.00
N MET D 22 26.21 37.78 2.00
CA MET D 22 27.14 38.88 2.18
C MET D 22 27.36 39.59 0.84
N ASN D 23 27.95 40.78 0.91
CA ASN D 23 28.07 41.64 -0.26
C ASN D 23 29.41 42.35 -0.24
N PHE D 24 30.26 42.04 -1.22
CA PHE D 24 31.56 42.68 -1.38
C PHE D 24 31.58 43.41 -2.71
N ASP D 25 31.84 44.71 -2.67
CA ASP D 25 32.01 45.60 -3.82
C ASP D 25 31.12 45.22 -5.00
N GLY D 26 29.81 45.18 -4.73
CA GLY D 26 28.82 45.02 -5.77
C GLY D 26 28.55 43.60 -6.21
N GLN D 27 29.07 42.61 -5.49
CA GLN D 27 28.86 41.21 -5.84
C GLN D 27 28.51 40.44 -4.58
N VAL D 28 27.64 39.45 -4.72
CA VAL D 28 26.95 38.83 -3.59
C VAL D 28 27.44 37.40 -3.39
N PHE D 29 27.53 36.99 -2.13
CA PHE D 29 28.08 35.69 -1.77
C PHE D 29 27.15 35.00 -0.79
N PHE D 30 26.72 33.80 -1.17
CA PHE D 30 25.89 32.96 -0.32
C PHE D 30 26.75 32.28 0.74
N PHE D 31 26.19 32.12 1.92
CA PHE D 31 26.91 31.48 3.02
C PHE D 31 25.91 30.79 3.94
N GLY D 32 26.36 29.69 4.54
CA GLY D 32 25.51 28.95 5.44
C GLY D 32 24.66 27.93 4.70
N GLN D 33 25.31 27.02 3.98
CA GLN D 33 24.60 26.03 3.19
C GLN D 33 23.97 24.99 4.11
N LYS D 34 23.38 23.97 3.50
CA LYS D 34 22.68 22.92 4.22
C LYS D 34 23.57 21.68 4.32
N GLY D 35 24.03 21.39 5.53
CA GLY D 35 24.92 20.26 5.73
C GLY D 35 26.36 20.64 5.53
N TRP D 36 27.27 19.94 6.20
CA TRP D 36 28.69 20.23 6.22
C TRP D 36 29.26 20.42 4.82
N PRO D 37 30.36 21.15 4.67
CA PRO D 37 30.84 21.50 3.32
C PRO D 37 31.16 20.26 2.50
N LYS D 38 30.37 20.07 1.43
CA LYS D 38 30.57 18.96 0.51
C LYS D 38 31.89 19.15 -0.22
N ARG D 39 32.35 18.11 -0.90
CA ARG D 39 33.67 18.15 -1.51
C ARG D 39 33.73 19.03 -2.76
N SER D 40 32.60 19.27 -3.42
CA SER D 40 32.61 20.15 -4.58
C SER D 40 33.07 21.54 -4.18
N CYS D 41 32.56 22.07 -3.06
CA CYS D 41 33.01 23.35 -2.53
C CYS D 41 33.30 23.23 -1.04
N PRO D 42 34.58 23.26 -0.63
CA PRO D 42 34.91 22.96 0.76
C PRO D 42 34.62 24.09 1.73
N THR D 43 34.08 25.21 1.29
CA THR D 43 33.89 26.36 2.16
C THR D 43 32.43 26.77 2.32
N GLY D 44 31.54 26.28 1.47
CA GLY D 44 30.17 26.72 1.50
C GLY D 44 29.94 28.14 1.03
N VAL D 45 30.98 28.94 0.89
CA VAL D 45 30.86 30.33 0.44
C VAL D 45 30.77 30.33 -1.08
N PHE D 46 29.73 30.96 -1.61
CA PHE D 46 29.42 30.88 -3.02
C PHE D 46 29.28 32.27 -3.65
N HIS D 47 29.66 32.37 -4.92
CA HIS D 47 29.16 33.43 -5.78
C HIS D 47 27.68 33.21 -6.00
N PHE D 48 26.85 34.12 -5.49
CA PHE D 48 25.40 34.03 -5.64
C PHE D 48 24.91 34.89 -6.80
N ASP D 49 25.50 34.73 -7.97
CA ASP D 49 25.22 35.66 -9.06
C ASP D 49 23.94 35.28 -9.79
N ILE D 50 23.03 36.25 -9.90
CA ILE D 50 21.80 36.11 -10.65
C ILE D 50 21.93 36.91 -11.93
N LYS D 51 21.66 36.27 -13.07
CA LYS D 51 21.64 36.92 -14.36
C LYS D 51 20.49 36.34 -15.16
N GLN D 52 19.69 37.22 -15.77
CA GLN D 52 18.49 36.82 -16.51
C GLN D 52 17.56 35.98 -15.63
N ASN D 53 17.50 36.32 -14.34
CA ASN D 53 16.67 35.61 -13.36
C ASN D 53 17.07 34.14 -13.27
N HIS D 54 18.37 33.87 -13.45
CA HIS D 54 18.90 32.54 -13.23
C HIS D 54 20.14 32.69 -12.38
N LEU D 55 20.21 31.96 -11.28
CA LEU D 55 21.30 32.10 -10.32
C LEU D 55 22.25 30.93 -10.42
N LYS D 56 23.54 31.22 -10.27
CA LYS D 56 24.59 30.20 -10.36
C LYS D 56 25.38 30.21 -9.06
N LEU D 57 25.07 29.27 -8.17
CA LEU D 57 25.84 29.12 -6.94
C LEU D 57 27.22 28.61 -7.30
N LYS D 58 28.17 29.48 -7.32
CA LYS D 58 29.48 29.02 -7.74
C LYS D 58 30.43 28.94 -6.55
N PRO D 59 31.40 28.04 -6.56
CA PRO D 59 32.30 27.93 -5.41
C PRO D 59 33.18 29.16 -5.28
N ALA D 60 33.95 29.18 -4.19
CA ALA D 60 34.88 30.27 -3.93
C ALA D 60 35.87 29.80 -2.87
N ILE D 61 37.14 29.88 -3.18
CA ILE D 61 38.17 29.41 -2.28
C ILE D 61 38.48 30.50 -1.28
N PHE D 62 39.09 30.12 -0.16
CA PHE D 62 39.60 31.07 0.80
C PHE D 62 41.06 31.36 0.50
N SER D 63 41.69 32.13 1.39
CA SER D 63 43.09 32.46 1.23
C SER D 63 43.94 31.31 1.75
N LYS D 64 45.24 31.56 1.89
CA LYS D 64 46.16 30.57 2.42
C LYS D 64 46.30 30.67 3.93
N ASP D 65 45.63 31.64 4.56
CA ASP D 65 45.73 31.82 6.00
C ASP D 65 44.36 31.98 6.66
N SER D 66 43.29 31.60 5.98
CA SER D 66 41.96 31.81 6.51
C SER D 66 41.64 30.75 7.55
N CYS D 67 40.37 30.67 7.93
CA CYS D 67 39.90 29.64 8.86
C CYS D 67 38.56 29.14 8.32
N TYR D 68 38.51 27.87 7.96
CA TYR D 68 37.33 27.31 7.33
C TYR D 68 36.20 27.20 8.36
N LEU D 69 35.22 27.96 8.20
CA LEU D 69 34.21 28.12 9.23
C LEU D 69 32.97 27.28 8.92
N PRO D 70 32.33 26.75 9.96
CA PRO D 70 31.21 25.85 9.72
C PRO D 70 29.97 26.63 9.32
N PRO D 71 29.13 26.07 8.46
CA PRO D 71 28.00 26.84 7.94
C PRO D 71 26.94 27.11 8.97
N LEU D 72 26.85 28.36 9.43
CA LEU D 72 25.95 28.75 10.50
C LEU D 72 24.57 29.08 9.93
N ARG D 73 23.52 28.77 10.70
CA ARG D 73 22.17 28.88 10.20
C ARG D 73 21.37 30.07 10.72
N TYR D 74 21.81 30.76 11.74
CA TYR D 74 21.15 32.02 12.07
C TYR D 74 22.14 33.01 12.67
N PRO D 75 23.20 33.35 11.97
CA PRO D 75 24.23 34.19 12.56
C PRO D 75 23.73 35.61 12.73
N ALA D 76 24.62 36.47 13.22
CA ALA D 76 24.43 37.90 13.23
C ALA D 76 25.56 38.48 12.39
N THR D 77 25.21 39.20 11.33
CA THR D 77 26.14 39.65 10.32
C THR D 77 26.03 41.16 10.15
N CYS D 78 27.12 41.86 10.38
CA CYS D 78 27.17 43.29 10.16
C CYS D 78 28.26 43.61 9.13
N SER D 79 28.05 44.71 8.42
CA SER D 79 28.93 45.13 7.32
C SER D 79 29.91 46.16 7.86
N TYR D 80 30.99 45.67 8.47
CA TYR D 80 32.02 46.55 9.04
C TYR D 80 32.80 47.16 7.89
N LYS D 81 32.37 48.34 7.48
CA LYS D 81 33.01 49.07 6.38
C LYS D 81 34.09 50.00 6.90
N GLY D 82 35.01 49.42 7.67
CA GLY D 82 36.09 50.19 8.26
C GLY D 82 37.31 49.32 8.52
N LYS D 88 39.51 48.96 4.85
CA LYS D 88 39.18 47.66 4.30
C LYS D 88 37.75 47.26 4.66
N HIS D 89 36.96 46.94 3.64
CA HIS D 89 35.58 46.51 3.82
C HIS D 89 35.55 45.04 4.22
N GLN D 90 34.80 44.71 5.26
CA GLN D 90 34.75 43.34 5.75
C GLN D 90 33.44 43.11 6.47
N TYR D 91 33.07 41.83 6.66
CA TYR D 91 31.86 41.49 7.40
C TYR D 91 32.21 40.75 8.68
N ILE D 92 31.30 40.85 9.64
CA ILE D 92 31.45 40.21 10.95
C ILE D 92 30.38 39.14 11.08
N ILE D 93 30.78 37.97 11.57
CA ILE D 93 29.89 36.83 11.76
C ILE D 93 29.93 36.45 13.23
N HIS D 94 28.77 36.43 13.88
CA HIS D 94 28.71 36.02 15.28
C HIS D 94 27.55 35.05 15.51
N GLY D 95 27.84 33.95 16.19
CA GLY D 95 26.79 33.05 16.64
C GLY D 95 26.07 32.31 15.54
N GLY D 96 25.33 31.27 15.89
CA GLY D 96 24.58 30.54 14.89
C GLY D 96 24.48 29.08 15.27
N LYS D 97 23.74 28.35 14.46
CA LYS D 97 23.51 26.92 14.68
C LYS D 97 24.31 26.12 13.67
N THR D 98 25.47 25.65 14.10
CA THR D 98 26.30 24.67 13.42
C THR D 98 25.45 23.52 12.91
N PRO D 99 25.77 22.91 11.77
CA PRO D 99 24.94 21.83 11.25
C PRO D 99 24.66 20.70 12.23
N ASN D 100 25.42 20.64 13.32
CA ASN D 100 25.15 19.67 14.37
C ASN D 100 24.19 20.20 15.42
N ASN D 101 23.43 21.26 15.11
CA ASN D 101 22.52 21.89 16.06
C ASN D 101 23.22 22.23 17.36
N GLU D 102 24.18 23.14 17.30
CA GLU D 102 24.84 23.63 18.49
C GLU D 102 25.36 25.04 18.23
N LEU D 103 25.38 25.83 19.28
CA LEU D 103 25.60 27.26 19.14
C LEU D 103 27.09 27.56 19.16
N SER D 104 27.47 28.56 18.39
CA SER D 104 28.86 28.99 18.28
C SER D 104 29.02 30.35 18.94
N ASP D 105 30.11 30.51 19.68
CA ASP D 105 30.47 31.80 20.24
C ASP D 105 31.54 32.51 19.42
N LYS D 106 32.04 31.88 18.36
CA LYS D 106 33.14 32.43 17.60
C LYS D 106 32.69 33.66 16.81
N ILE D 107 33.64 34.55 16.56
CA ILE D 107 33.45 35.68 15.66
C ILE D 107 34.39 35.52 14.48
N TYR D 108 33.85 35.67 13.28
CA TYR D 108 34.63 35.57 12.06
C TYR D 108 34.57 36.88 11.31
N ILE D 109 35.58 37.13 10.47
CA ILE D 109 35.74 38.38 9.76
C ILE D 109 36.02 38.06 8.31
N MET D 110 34.98 38.12 7.47
CA MET D 110 35.14 37.91 6.04
C MET D 110 35.79 39.13 5.43
N SER D 111 36.96 38.95 4.81
CA SER D 111 37.53 39.97 3.95
C SER D 111 37.84 39.36 2.59
N VAL D 112 38.22 40.20 1.64
CA VAL D 112 38.62 39.75 0.31
C VAL D 112 40.10 40.06 0.14
N ALA D 113 40.93 39.02 0.11
CA ALA D 113 42.37 39.20 0.03
C ALA D 113 42.93 39.14 -1.38
N CYS D 114 42.13 38.67 -2.34
CA CYS D 114 42.59 38.59 -3.73
C CYS D 114 41.40 38.41 -4.67
N LYS D 115 41.29 39.28 -5.67
CA LYS D 115 40.24 39.17 -6.68
C LYS D 115 40.83 39.49 -8.04
N ASN D 116 40.93 38.49 -8.90
CA ASN D 116 41.40 38.64 -10.26
C ASN D 116 40.59 37.76 -11.19
N ASN D 117 40.31 38.25 -12.39
CA ASN D 117 39.44 37.55 -13.33
C ASN D 117 38.11 37.19 -12.69
N LYS D 118 37.62 38.05 -11.81
CA LYS D 118 36.40 37.85 -11.05
C LYS D 118 36.46 36.61 -10.16
N LYS D 119 37.65 36.06 -9.94
CA LYS D 119 37.87 34.95 -9.04
C LYS D 119 38.24 35.53 -7.68
N VAL D 120 37.28 35.56 -6.77
CA VAL D 120 37.49 36.14 -5.45
C VAL D 120 38.18 35.12 -4.56
N THR D 121 39.11 35.61 -3.75
CA THR D 121 39.78 34.78 -2.75
C THR D 121 39.52 35.43 -1.40
N PHE D 122 38.60 34.86 -0.63
CA PHE D 122 38.25 35.43 0.65
C PHE D 122 39.36 35.21 1.66
N ARG D 123 39.11 35.70 2.86
CA ARG D 123 40.02 35.57 4.00
C ARG D 123 39.13 35.62 5.23
N CYS D 124 38.82 34.44 5.76
CA CYS D 124 37.91 34.32 6.89
C CYS D 124 38.70 34.09 8.18
N THR D 125 39.43 35.12 8.57
CA THR D 125 40.10 35.06 9.87
C THR D 125 39.06 35.05 10.98
N GLU D 126 39.47 34.56 12.15
CA GLU D 126 38.60 34.53 13.30
C GLU D 126 39.22 35.30 14.45
N LYS D 127 38.37 35.86 15.28
CA LYS D 127 38.81 36.60 16.45
C LYS D 127 37.94 36.22 17.63
N ASP D 128 38.58 35.82 18.72
CA ASP D 128 37.90 35.44 19.95
C ASP D 128 37.77 36.64 20.87
N LEU D 129 36.92 36.50 21.88
CA LEU D 129 36.58 37.58 22.78
C LEU D 129 37.08 37.29 24.18
N VAL D 130 37.22 38.35 24.98
CA VAL D 130 37.52 38.24 26.39
C VAL D 130 36.58 39.18 27.15
N GLY D 131 36.75 39.20 28.47
CA GLY D 131 35.87 40.03 29.28
C GLY D 131 34.46 39.48 29.28
N ASP D 132 33.48 40.39 29.20
CA ASP D 132 32.09 40.00 29.26
C ASP D 132 31.64 39.36 27.95
N VAL D 133 32.21 38.21 27.62
CA VAL D 133 31.88 37.50 26.39
C VAL D 133 30.38 37.20 26.39
N PRO D 134 29.71 37.30 25.26
CA PRO D 134 28.28 36.99 25.22
C PRO D 134 28.06 35.50 25.06
N GLU D 135 27.03 35.02 25.75
CA GLU D 135 26.62 33.63 25.63
C GLU D 135 26.39 33.26 24.17
N PRO D 136 26.81 32.08 23.74
CA PRO D 136 26.46 31.61 22.39
C PRO D 136 24.95 31.65 22.19
N ARG D 137 24.53 32.17 21.04
CA ARG D 137 23.14 32.51 20.84
C ARG D 137 22.90 32.66 19.34
N TYR D 138 21.64 32.79 18.97
CA TYR D 138 21.33 33.03 17.56
C TYR D 138 20.05 33.86 17.48
N GLY D 139 19.75 34.30 16.27
CA GLY D 139 18.63 35.17 16.05
C GLY D 139 18.84 36.59 16.50
N HIS D 140 20.01 36.92 17.02
CA HIS D 140 20.27 38.25 17.54
C HIS D 140 20.72 39.16 16.41
N SER D 141 21.25 40.33 16.75
CA SER D 141 21.66 41.29 15.74
C SER D 141 22.83 42.11 16.27
N ILE D 142 23.95 42.07 15.57
CA ILE D 142 25.12 42.88 15.88
C ILE D 142 25.21 43.99 14.84
N ASP D 143 25.67 45.17 15.28
CA ASP D 143 25.82 46.30 14.36
C ASP D 143 26.93 47.22 14.82
N VAL D 144 27.62 47.81 13.87
CA VAL D 144 28.75 48.68 14.18
C VAL D 144 28.26 50.12 14.33
N VAL D 145 28.91 50.86 15.22
CA VAL D 145 28.55 52.24 15.52
C VAL D 145 29.83 53.06 15.60
N TYR D 146 29.75 54.30 15.13
CA TYR D 146 30.88 55.22 15.11
C TYR D 146 30.63 56.36 16.10
N SER D 147 31.73 56.87 16.67
CA SER D 147 31.66 58.01 17.58
C SER D 147 33.05 58.54 17.86
N ARG D 148 33.22 59.86 17.80
CA ARG D 148 34.52 60.49 18.04
C ARG D 148 35.62 59.85 17.19
N GLY D 149 35.28 59.43 15.99
CA GLY D 149 36.21 58.71 15.12
C GLY D 149 36.33 57.25 15.46
N LYS D 150 36.37 56.91 16.75
CA LYS D 150 36.42 55.52 17.16
C LYS D 150 35.15 54.79 16.75
N SER D 151 35.16 53.47 16.94
CA SER D 151 34.03 52.65 16.56
C SER D 151 33.90 51.48 17.53
N MET D 152 32.72 50.87 17.53
CA MET D 152 32.42 49.79 18.45
C MET D 152 31.37 48.91 17.79
N GLY D 153 31.16 47.72 18.35
CA GLY D 153 30.12 46.82 17.88
C GLY D 153 29.12 46.53 18.97
N VAL D 154 27.87 46.93 18.73
CA VAL D 154 26.79 46.71 19.69
C VAL D 154 26.13 45.39 19.38
N LEU D 155 25.73 44.68 20.43
CA LEU D 155 25.14 43.35 20.30
C LEU D 155 24.00 43.24 21.29
N PHE D 156 22.79 43.05 20.80
CA PHE D 156 21.62 42.90 21.65
C PHE D 156 21.07 41.50 21.41
N GLY D 157 21.18 40.65 22.43
CA GLY D 157 21.07 39.23 22.23
C GLY D 157 19.67 38.75 21.88
N GLY D 158 19.65 37.55 21.31
CA GLY D 158 18.43 36.85 20.99
C GLY D 158 18.40 35.54 21.73
N ARG D 159 17.61 34.57 21.27
CA ARG D 159 17.40 33.37 22.05
C ARG D 159 18.66 32.51 22.11
N SER D 160 18.60 31.46 22.92
CA SER D 160 19.73 30.56 23.14
C SER D 160 19.20 29.27 23.74
N TYR D 161 20.12 28.37 24.07
CA TYR D 161 19.78 27.15 24.79
C TYR D 161 19.81 27.40 26.29
N MET D 162 19.17 26.50 27.02
CA MET D 162 19.21 26.57 28.47
C MET D 162 20.67 26.46 28.93
N PRO D 163 21.02 27.10 30.05
CA PRO D 163 22.40 27.03 30.52
C PRO D 163 22.77 25.60 30.89
N SER D 164 24.05 25.39 31.12
CA SER D 164 24.56 24.03 31.27
C SER D 164 24.15 23.38 32.55
N THR D 165 23.25 23.94 33.34
CA THR D 165 22.82 23.31 34.58
C THR D 165 21.33 23.00 34.59
N GLN D 166 20.50 23.95 34.18
CA GLN D 166 19.06 23.75 34.11
C GLN D 166 18.63 23.04 32.83
N ARG D 167 19.56 22.39 32.15
CA ARG D 167 19.29 21.80 30.84
C ARG D 167 19.14 20.28 31.01
N THR D 168 17.96 19.76 30.66
CA THR D 168 17.66 18.35 30.82
C THR D 168 17.31 17.74 29.47
N THR D 169 17.53 16.43 29.35
CA THR D 169 17.37 15.77 28.06
C THR D 169 15.91 15.62 27.65
N GLU D 170 14.98 15.57 28.59
CA GLU D 170 13.58 15.58 28.19
C GLU D 170 13.20 16.87 27.47
N LYS D 171 13.99 17.93 27.65
CA LYS D 171 13.78 19.22 27.00
C LYS D 171 15.10 19.75 26.48
N TRP D 172 15.88 18.87 25.84
CA TRP D 172 17.25 19.19 25.48
C TRP D 172 17.34 20.27 24.42
N ASN D 173 16.30 20.45 23.61
CA ASN D 173 16.34 21.39 22.50
C ASN D 173 15.54 22.64 22.78
N SER D 174 14.88 22.75 23.93
CA SER D 174 14.10 23.94 24.23
C SER D 174 14.99 25.15 24.38
N VAL D 175 14.48 26.29 23.96
CA VAL D 175 15.24 27.52 23.87
C VAL D 175 14.64 28.53 24.85
N ALA D 176 15.40 29.60 25.07
CA ALA D 176 14.97 30.68 25.95
C ALA D 176 15.69 31.95 25.52
N ASP D 177 14.96 33.07 25.49
CA ASP D 177 15.57 34.34 25.14
C ASP D 177 16.66 34.68 26.14
N CYS D 178 17.73 35.29 25.66
CA CYS D 178 18.79 35.68 26.56
C CYS D 178 18.37 36.91 27.37
N LEU D 179 19.24 37.30 28.29
CA LEU D 179 18.96 38.47 29.10
C LEU D 179 19.16 39.72 28.27
N PRO D 180 18.26 40.68 28.36
CA PRO D 180 18.34 41.85 27.48
C PRO D 180 19.47 42.78 27.86
N HIS D 181 20.68 42.24 27.99
CA HIS D 181 21.85 43.08 28.13
C HIS D 181 22.16 43.76 26.80
N VAL D 182 23.23 44.55 26.79
CA VAL D 182 23.77 45.12 25.56
C VAL D 182 25.28 45.00 25.64
N PHE D 183 25.89 44.43 24.62
CA PHE D 183 27.32 44.19 24.59
C PHE D 183 27.98 45.20 23.66
N LEU D 184 29.12 45.72 24.10
CA LEU D 184 29.99 46.52 23.26
C LEU D 184 31.26 45.72 23.01
N ILE D 185 31.68 45.66 21.75
CA ILE D 185 32.79 44.83 21.34
C ILE D 185 33.79 45.69 20.60
N ASP D 186 35.03 45.68 21.08
CA ASP D 186 36.16 46.31 20.39
C ASP D 186 36.78 45.23 19.50
N PHE D 187 36.65 45.43 18.18
CA PHE D 187 37.20 44.50 17.22
C PHE D 187 38.72 44.52 17.23
N GLU D 188 39.32 45.67 17.55
CA GLU D 188 40.77 45.78 17.57
C GLU D 188 41.37 44.76 18.52
N PHE D 189 41.04 44.86 19.80
CA PHE D 189 41.47 43.88 20.78
C PHE D 189 40.47 42.75 20.95
N GLY D 190 39.29 42.87 20.35
CA GLY D 190 38.25 41.87 20.57
C GLY D 190 37.83 41.80 22.02
N CYS D 191 37.47 42.93 22.62
CA CYS D 191 37.13 43.00 24.03
C CYS D 191 35.66 43.31 24.17
N ALA D 192 34.96 42.52 24.98
CA ALA D 192 33.53 42.67 25.19
C ALA D 192 33.24 43.38 26.51
N THR D 193 32.06 43.99 26.57
CA THR D 193 31.63 44.73 27.75
C THR D 193 30.11 44.68 27.81
N SER D 194 29.58 44.02 28.83
CA SER D 194 28.15 43.90 28.98
C SER D 194 27.59 45.06 29.80
N TYR D 195 26.38 45.48 29.44
CA TYR D 195 25.72 46.62 30.06
C TYR D 195 24.27 46.26 30.32
N ILE D 196 23.78 46.52 31.52
CA ILE D 196 22.37 46.35 31.84
C ILE D 196 21.66 47.65 31.51
N LEU D 197 20.50 47.54 30.85
CA LEU D 197 19.71 48.71 30.50
C LEU D 197 18.31 48.53 31.05
N PRO D 198 17.88 49.33 32.01
CA PRO D 198 16.60 49.07 32.69
C PRO D 198 15.39 49.30 31.81
N GLU D 199 15.47 50.19 30.83
CA GLU D 199 14.31 50.44 29.97
C GLU D 199 14.03 49.25 29.05
N LEU D 200 15.00 48.38 28.85
CA LEU D 200 14.81 47.10 28.17
C LEU D 200 14.66 46.01 29.21
N GLN D 201 13.55 45.29 29.17
CA GLN D 201 13.20 44.34 30.21
C GLN D 201 13.15 42.90 29.71
N ASP D 202 12.40 42.64 28.65
CA ASP D 202 12.13 41.30 28.17
C ASP D 202 13.07 40.93 27.02
N GLY D 203 13.34 39.64 26.91
CA GLY D 203 14.17 39.15 25.83
C GLY D 203 13.57 39.44 24.48
N LEU D 204 14.40 39.30 23.45
CA LEU D 204 13.99 39.71 22.12
C LEU D 204 14.86 39.00 21.10
N SER D 205 14.23 38.26 20.19
CA SER D 205 14.93 37.53 19.16
C SER D 205 14.30 37.85 17.81
N PHE D 206 15.10 37.67 16.75
CA PHE D 206 14.63 37.85 15.39
C PHE D 206 14.16 39.27 15.12
N HIS D 207 14.70 40.22 15.87
CA HIS D 207 14.33 41.61 15.69
C HIS D 207 15.06 42.19 14.49
N VAL D 208 14.87 43.48 14.26
CA VAL D 208 15.46 44.17 13.12
C VAL D 208 16.23 45.36 13.68
N SER D 209 17.54 45.34 13.50
CA SER D 209 18.37 46.43 13.98
C SER D 209 18.77 47.34 12.84
N ILE D 210 18.99 48.60 13.18
CA ILE D 210 19.38 49.63 12.21
C ILE D 210 20.47 50.50 12.81
N ALA D 211 21.60 50.62 12.13
CA ALA D 211 22.71 51.42 12.61
C ALA D 211 22.75 52.73 11.84
N ARG D 212 22.72 53.85 12.56
CA ARG D 212 22.91 55.17 11.95
C ARG D 212 23.97 55.92 12.75
N ASN D 213 25.23 55.59 12.48
CA ASN D 213 26.44 56.38 12.66
C ASN D 213 26.71 56.85 14.08
N ASP D 214 25.70 56.81 14.95
CA ASP D 214 25.93 56.80 16.38
C ASP D 214 24.86 56.07 17.17
N THR D 215 23.83 55.53 16.51
CA THR D 215 22.68 55.00 17.21
C THR D 215 22.29 53.67 16.58
N VAL D 216 21.49 52.92 17.33
CA VAL D 216 20.93 51.65 16.85
C VAL D 216 19.45 51.65 17.16
N TYR D 217 18.64 51.49 16.12
CA TYR D 217 17.19 51.38 16.24
C TYR D 217 16.86 49.89 16.21
N ILE D 218 16.48 49.35 17.34
CA ILE D 218 15.94 48.00 17.43
C ILE D 218 14.44 48.07 17.28
N LEU D 219 13.88 47.30 16.36
CA LEU D 219 12.43 47.30 16.24
C LEU D 219 11.95 45.92 15.85
N GLY D 220 10.75 45.60 16.28
CA GLY D 220 10.21 44.28 16.05
C GLY D 220 10.85 43.24 16.96
N GLY D 221 10.64 41.99 16.59
CA GLY D 221 11.28 40.91 17.33
C GLY D 221 10.33 40.11 18.19
N HIS D 222 10.28 38.81 17.94
CA HIS D 222 9.56 37.90 18.82
C HIS D 222 10.12 37.97 20.23
N SER D 223 9.28 37.64 21.20
CA SER D 223 9.68 37.61 22.61
C SER D 223 9.21 36.27 23.18
N LEU D 224 10.14 35.33 23.28
CA LEU D 224 9.77 33.98 23.70
C LEU D 224 9.31 33.93 25.15
N ALA D 225 9.79 34.86 25.98
CA ALA D 225 9.46 34.83 27.40
C ALA D 225 7.96 34.87 27.61
N SER D 226 7.22 35.54 26.74
CA SER D 226 5.78 35.64 26.86
C SER D 226 5.06 35.47 25.52
N ASN D 227 5.79 35.12 24.46
CA ASN D 227 5.18 34.75 23.18
C ASN D 227 4.35 35.89 22.59
N ILE D 228 4.96 37.08 22.53
CA ILE D 228 4.33 38.23 21.91
C ILE D 228 5.39 38.98 21.12
N ARG D 229 4.92 39.82 20.18
CA ARG D 229 5.78 40.63 19.32
C ARG D 229 5.67 42.08 19.74
N PRO D 230 6.47 42.54 20.71
CA PRO D 230 6.32 43.91 21.20
C PRO D 230 6.57 44.93 20.10
N ALA D 231 5.58 45.78 19.85
CA ALA D 231 5.63 46.75 18.75
C ALA D 231 6.31 48.04 19.15
N ASN D 232 7.17 48.02 20.17
CA ASN D 232 7.88 49.19 20.62
C ASN D 232 9.33 49.14 20.18
N LEU D 233 9.81 50.23 19.59
CA LEU D 233 11.18 50.28 19.12
C LEU D 233 12.04 51.09 20.09
N TYR D 234 13.33 50.81 20.06
CA TYR D 234 14.25 51.26 21.09
C TYR D 234 15.47 51.88 20.43
N ARG D 235 15.71 53.15 20.70
CA ARG D 235 16.92 53.81 20.24
C ARG D 235 18.01 53.65 21.30
N ILE D 236 19.11 53.04 20.91
CA ILE D 236 20.31 53.01 21.72
C ILE D 236 21.27 54.07 21.19
N ARG D 237 21.74 54.91 22.10
CA ARG D 237 22.74 55.94 21.83
C ARG D 237 24.02 55.54 22.54
N VAL D 238 25.12 55.48 21.79
CA VAL D 238 26.41 55.04 22.31
C VAL D 238 27.40 56.17 22.18
N ASP D 239 28.03 56.52 23.30
CA ASP D 239 29.04 57.56 23.32
C ASP D 239 30.40 56.94 23.63
N LEU D 240 31.43 57.42 22.96
CA LEU D 240 32.79 56.91 23.10
C LEU D 240 33.68 57.99 23.67
N PRO D 241 33.79 58.10 24.98
CA PRO D 241 34.79 59.00 25.58
C PRO D 241 36.18 58.44 25.43
N LEU D 242 37.17 59.13 26.02
CA LEU D 242 38.54 58.63 25.95
C LEU D 242 38.82 57.56 27.00
N GLY D 243 37.94 57.40 27.98
CA GLY D 243 38.08 56.35 28.97
C GLY D 243 37.14 55.19 28.73
N THR D 244 36.03 55.16 29.45
CA THR D 244 35.04 54.11 29.31
C THR D 244 33.84 54.61 28.50
N PRO D 245 33.34 53.82 27.55
CA PRO D 245 32.19 54.24 26.76
C PRO D 245 30.92 54.28 27.62
N ALA D 246 29.82 54.66 26.98
CA ALA D 246 28.55 54.75 27.69
C ALA D 246 27.41 54.47 26.73
N VAL D 247 26.32 53.92 27.27
CA VAL D 247 25.15 53.56 26.49
C VAL D 247 23.91 54.15 27.14
N ASN D 248 22.92 54.47 26.32
CA ASN D 248 21.62 54.91 26.80
C ASN D 248 20.55 54.36 25.87
N CYS D 249 19.36 54.13 26.40
CA CYS D 249 18.26 53.60 25.61
C CYS D 249 17.02 54.46 25.82
N THR D 250 16.17 54.49 24.80
CA THR D 250 14.92 55.24 24.86
C THR D 250 13.87 54.48 24.06
N VAL D 251 12.70 54.24 24.66
CA VAL D 251 11.58 53.80 23.85
C VAL D 251 11.17 54.93 22.89
N LEU D 252 10.56 54.54 21.79
CA LEU D 252 10.03 55.54 20.86
C LEU D 252 8.71 55.03 20.31
N PRO D 253 7.82 55.93 19.93
CA PRO D 253 6.55 55.52 19.33
C PRO D 253 6.68 55.23 17.84
N GLY D 254 5.61 54.72 17.26
CA GLY D 254 5.60 54.39 15.85
C GLY D 254 6.18 53.04 15.51
N GLY D 255 6.48 52.22 16.51
CA GLY D 255 7.06 50.92 16.25
C GLY D 255 6.11 49.98 15.53
N ILE D 256 6.62 48.79 15.23
CA ILE D 256 5.88 47.77 14.50
C ILE D 256 6.07 46.44 15.20
N SER D 257 4.99 45.67 15.31
CA SER D 257 5.06 44.32 15.86
C SER D 257 5.41 43.38 14.72
N VAL D 258 6.64 42.89 14.71
CA VAL D 258 7.10 42.07 13.58
C VAL D 258 8.29 41.26 14.06
N SER D 259 8.53 40.14 13.41
CA SER D 259 9.72 39.34 13.67
C SER D 259 10.10 38.61 12.39
N SER D 260 11.39 38.27 12.29
CA SER D 260 11.94 37.64 11.09
C SER D 260 11.68 38.50 9.86
N ALA D 261 11.83 39.81 10.01
CA ALA D 261 11.71 40.72 8.89
C ALA D 261 13.05 40.90 8.20
N ILE D 262 13.01 41.33 6.95
CA ILE D 262 14.19 41.48 6.12
C ILE D 262 14.39 42.95 5.82
N LEU D 263 15.57 43.47 6.12
CA LEU D 263 15.89 44.87 6.00
C LEU D 263 16.81 45.09 4.80
N THR D 264 16.71 46.26 4.17
CA THR D 264 17.77 46.70 3.28
C THR D 264 17.71 48.21 3.13
N GLN D 265 18.73 48.76 2.49
CA GLN D 265 18.93 50.20 2.37
C GLN D 265 18.74 50.61 0.93
N THR D 266 17.56 51.15 0.60
CA THR D 266 17.28 51.47 -0.79
C THR D 266 18.05 52.70 -1.25
N ASN D 267 17.75 53.85 -0.65
CA ASN D 267 18.53 55.05 -0.85
C ASN D 267 19.48 55.21 0.33
N ASN D 268 20.19 56.33 0.37
CA ASN D 268 20.93 56.68 1.56
C ASN D 268 19.94 56.89 2.69
N ASP D 269 20.32 56.47 3.90
CA ASP D 269 19.53 56.58 5.14
C ASP D 269 18.03 56.46 4.90
N GLU D 270 17.66 55.44 4.12
CA GLU D 270 16.26 55.17 3.80
C GLU D 270 16.13 53.68 3.55
N PHE D 271 15.53 52.98 4.51
CA PHE D 271 15.50 51.52 4.50
C PHE D 271 14.11 51.02 4.14
N VAL D 272 14.07 49.79 3.67
CA VAL D 272 12.80 49.09 3.52
C VAL D 272 12.86 47.83 4.37
N ILE D 273 11.69 47.46 4.90
CA ILE D 273 11.50 46.28 5.72
C ILE D 273 10.40 45.46 5.11
N VAL D 274 10.71 44.25 4.68
CA VAL D 274 9.79 43.39 3.96
C VAL D 274 9.37 42.28 4.91
N GLY D 275 8.36 41.52 4.51
CA GLY D 275 7.61 40.64 5.37
C GLY D 275 8.28 39.90 6.51
N GLY D 276 7.64 39.94 7.67
CA GLY D 276 7.96 39.10 8.80
C GLY D 276 6.72 38.36 9.26
N TYR D 277 6.35 38.51 10.53
CA TYR D 277 5.14 37.89 11.04
C TYR D 277 4.50 38.82 12.07
N GLN D 278 3.16 38.90 12.04
CA GLN D 278 2.44 39.61 13.10
C GLN D 278 1.93 38.68 14.18
N LEU D 279 1.63 37.43 13.83
CA LEU D 279 1.20 36.42 14.79
C LEU D 279 1.95 35.13 14.50
N GLU D 280 1.64 34.10 15.28
CA GLU D 280 2.17 32.77 15.00
C GLU D 280 1.69 32.25 13.65
N ASN D 281 0.66 32.87 13.07
CA ASN D 281 0.14 32.43 11.79
C ASN D 281 -0.16 33.61 10.88
N GLN D 282 0.31 34.81 11.22
CA GLN D 282 0.01 35.99 10.44
C GLN D 282 1.20 36.21 9.51
N LYS D 283 1.14 35.63 8.33
CA LYS D 283 2.04 35.99 7.25
C LYS D 283 1.99 37.49 6.98
N ARG D 284 3.09 38.19 7.22
CA ARG D 284 3.10 39.64 7.01
C ARG D 284 3.17 39.98 5.53
N MET D 285 2.44 41.00 5.13
CA MET D 285 2.43 41.49 3.77
C MET D 285 2.94 42.91 3.64
N VAL D 286 2.39 43.84 4.43
CA VAL D 286 2.75 45.24 4.30
C VAL D 286 4.25 45.44 4.52
N CYS D 287 4.87 46.22 3.64
CA CYS D 287 6.25 46.61 3.82
C CYS D 287 6.32 47.96 4.51
N SER D 288 7.48 48.27 5.06
CA SER D 288 7.63 49.46 5.89
C SER D 288 8.89 50.22 5.50
N LEU D 289 8.73 51.49 5.21
CA LEU D 289 9.84 52.38 4.90
C LEU D 289 10.32 53.02 6.19
N VAL D 290 11.59 52.82 6.50
CA VAL D 290 12.23 53.52 7.62
C VAL D 290 13.00 54.68 7.01
N SER D 291 12.35 55.84 6.93
CA SER D 291 13.00 57.06 6.47
C SER D 291 13.75 57.65 7.66
N LEU D 292 15.06 57.44 7.66
CA LEU D 292 15.90 57.94 8.72
C LEU D 292 15.94 59.47 8.69
N GLY D 293 16.62 60.03 9.67
CA GLY D 293 16.77 61.46 9.77
C GLY D 293 18.05 61.79 10.49
N ASP D 294 18.11 62.99 11.06
CA ASP D 294 19.27 63.37 11.86
C ASP D 294 19.19 62.75 13.25
N ASN D 295 18.03 62.86 13.88
CA ASN D 295 17.82 62.23 15.19
C ASN D 295 16.49 61.52 15.29
N THR D 296 15.58 61.66 14.33
CA THR D 296 14.25 61.07 14.39
C THR D 296 14.11 59.97 13.35
N ILE D 297 13.29 58.98 13.67
CA ILE D 297 12.94 57.89 12.77
C ILE D 297 11.57 58.14 12.21
N GLU D 298 11.44 58.05 10.89
CA GLU D 298 10.16 58.25 10.21
C GLU D 298 9.70 56.92 9.64
N ILE D 299 8.86 56.23 10.42
CA ILE D 299 8.26 55.01 9.90
C ILE D 299 7.15 55.39 8.92
N SER D 300 6.95 54.53 7.93
CA SER D 300 5.88 54.68 6.96
C SER D 300 5.76 53.35 6.22
N GLU D 301 4.95 53.34 5.16
CA GLU D 301 4.77 52.11 4.39
C GLU D 301 4.59 52.44 2.91
N MET D 302 4.92 51.47 2.07
CA MET D 302 4.68 51.56 0.64
C MET D 302 3.45 50.74 0.27
N GLU D 303 3.25 50.57 -1.03
CA GLU D 303 2.01 50.01 -1.58
C GLU D 303 2.02 48.48 -1.62
N THR D 304 2.41 47.85 -0.50
CA THR D 304 2.32 46.41 -0.26
C THR D 304 2.65 45.60 -1.51
N PRO D 305 3.94 45.51 -1.88
CA PRO D 305 4.34 44.96 -3.18
C PRO D 305 3.57 43.75 -3.64
N ASP D 306 3.27 43.68 -4.94
CA ASP D 306 2.35 42.69 -5.49
C ASP D 306 2.79 41.27 -5.17
N TRP D 307 2.00 40.56 -4.37
CA TRP D 307 2.31 39.20 -3.98
C TRP D 307 1.51 38.21 -4.82
N THR D 308 2.18 37.20 -5.33
CA THR D 308 1.51 36.22 -6.17
C THR D 308 0.62 35.32 -5.32
N SER D 309 -0.04 34.37 -5.98
CA SER D 309 -0.95 33.47 -5.27
C SER D 309 -0.19 32.51 -4.36
N ASP D 310 0.94 31.98 -4.83
CA ASP D 310 1.70 31.02 -4.04
C ASP D 310 2.22 31.66 -2.77
N ILE D 311 2.54 32.95 -2.80
CA ILE D 311 3.02 33.62 -1.60
C ILE D 311 1.88 33.84 -0.61
N LYS D 312 0.65 33.99 -1.09
CA LYS D 312 -0.47 34.16 -0.18
C LYS D 312 -0.94 32.83 0.39
N HIS D 313 -0.85 31.75 -0.39
CA HIS D 313 -1.33 30.45 0.04
C HIS D 313 -0.28 29.62 0.75
N SER D 314 0.88 30.19 1.06
CA SER D 314 1.88 29.51 1.86
C SER D 314 1.81 29.99 3.31
N LYS D 315 2.77 29.56 4.11
CA LYS D 315 2.73 29.84 5.54
C LYS D 315 3.99 30.49 6.08
N ILE D 316 5.15 30.24 5.46
CA ILE D 316 6.42 30.78 5.94
C ILE D 316 7.28 31.18 4.76
N TRP D 317 8.36 31.89 5.04
CA TRP D 317 9.38 32.17 4.06
C TRP D 317 10.68 32.48 4.76
N PHE D 318 11.63 32.98 4.00
CA PHE D 318 12.96 33.31 4.48
C PHE D 318 13.67 34.09 3.39
N GLY D 319 14.82 34.64 3.70
CA GLY D 319 15.58 35.35 2.70
C GLY D 319 16.45 36.40 3.34
N SER D 320 16.98 37.27 2.49
CA SER D 320 17.90 38.30 2.95
C SER D 320 17.99 39.40 1.90
N ASN D 321 18.97 40.28 2.04
CA ASN D 321 19.15 41.41 1.15
C ASN D 321 20.42 41.27 0.33
N MET D 322 20.26 41.13 -0.99
CA MET D 322 21.42 41.00 -1.86
C MET D 322 22.33 42.21 -1.84
N GLY D 323 21.88 43.34 -1.27
CA GLY D 323 22.78 44.45 -1.04
C GLY D 323 22.37 45.77 -1.64
N ASN D 324 21.86 45.77 -2.86
CA ASN D 324 21.47 47.00 -3.54
C ASN D 324 19.95 47.01 -3.67
N GLY D 325 19.29 47.46 -2.60
CA GLY D 325 17.84 47.53 -2.53
C GLY D 325 17.14 46.35 -3.18
N THR D 326 17.65 45.15 -2.97
CA THR D 326 17.18 43.97 -3.68
C THR D 326 17.06 42.83 -2.69
N ILE D 327 15.83 42.37 -2.46
CA ILE D 327 15.59 41.33 -1.48
C ILE D 327 15.41 40.00 -2.19
N PHE D 328 15.91 38.94 -1.56
CA PHE D 328 15.80 37.58 -2.07
C PHE D 328 14.99 36.77 -1.07
N LEU D 329 13.85 36.25 -1.51
CA LEU D 329 12.96 35.43 -0.71
C LEU D 329 12.91 34.01 -1.23
N GLY D 330 12.52 33.11 -0.34
CA GLY D 330 12.23 31.75 -0.69
C GLY D 330 10.84 31.40 -0.19
N ILE D 331 10.45 30.16 -0.44
CA ILE D 331 9.13 29.69 -0.04
C ILE D 331 9.15 28.17 -0.20
N PRO D 332 8.53 27.41 0.69
CA PRO D 332 8.56 25.95 0.55
C PRO D 332 7.78 25.49 -0.66
N GLY D 333 8.09 24.26 -1.08
CA GLY D 333 7.40 23.65 -2.18
C GLY D 333 5.95 23.36 -1.85
N ASP D 334 5.33 22.54 -2.70
CA ASP D 334 3.93 22.17 -2.55
C ASP D 334 3.84 20.70 -2.21
N ASN D 335 3.26 20.38 -1.06
CA ASN D 335 3.20 18.99 -0.60
C ASN D 335 2.08 18.20 -1.26
N LYS D 336 0.99 18.88 -1.65
CA LYS D 336 -0.06 18.23 -2.41
C LYS D 336 0.25 18.17 -3.90
N GLN D 337 1.12 19.06 -4.37
CA GLN D 337 1.60 19.11 -5.76
C GLN D 337 3.01 18.54 -5.83
N ALA D 338 3.20 17.39 -5.16
CA ALA D 338 4.52 16.90 -4.76
C ALA D 338 5.58 16.96 -5.86
N MET D 339 5.18 17.15 -7.12
CA MET D 339 6.14 17.39 -8.20
C MET D 339 6.67 18.82 -8.13
N SER D 340 7.21 19.16 -6.97
CA SER D 340 7.79 20.47 -6.70
C SER D 340 9.25 20.30 -6.29
N GLU D 341 10.07 21.31 -6.58
CA GLU D 341 11.49 21.22 -6.28
C GLU D 341 11.82 21.78 -4.89
N ALA D 342 11.01 21.38 -3.91
CA ALA D 342 11.30 21.52 -2.49
C ALA D 342 11.39 22.96 -2.01
N PHE D 343 11.42 23.91 -2.94
CA PHE D 343 11.55 25.33 -2.67
C PHE D 343 11.32 26.09 -3.95
N TYR D 344 10.61 27.21 -3.84
CA TYR D 344 10.49 28.18 -4.91
C TYR D 344 11.13 29.45 -4.41
N PHE D 345 11.65 30.27 -5.32
CA PHE D 345 12.41 31.44 -4.93
C PHE D 345 11.94 32.67 -5.68
N TYR D 346 12.37 33.83 -5.18
CA TYR D 346 11.97 35.10 -5.76
C TYR D 346 13.04 36.13 -5.44
N THR D 347 13.22 37.07 -6.35
CA THR D 347 13.94 38.30 -6.04
C THR D 347 13.00 39.45 -6.33
N LEU D 348 12.95 40.42 -5.44
CA LEU D 348 12.15 41.62 -5.67
C LEU D 348 13.03 42.85 -5.45
N ARG D 349 12.94 43.78 -6.37
CA ARG D 349 13.75 44.99 -6.33
C ARG D 349 12.99 46.09 -5.61
N CYS D 350 13.56 46.62 -4.54
CA CYS D 350 13.01 47.82 -3.92
C CYS D 350 13.29 49.06 -4.75
N SER D 351 14.19 48.97 -5.73
CA SER D 351 14.54 50.08 -6.60
C SER D 351 15.00 51.30 -5.81
N PRO I 99 -12.91 -48.92 14.95
CA PRO I 99 -12.89 -50.37 14.97
C PRO I 99 -12.48 -50.98 13.63
N SER I 100 -11.48 -51.85 13.66
CA SER I 100 -10.97 -52.53 12.48
C SER I 100 -11.08 -54.04 12.66
N ALA I 101 -10.48 -54.79 11.74
CA ALA I 101 -10.53 -56.24 11.80
C ALA I 101 -9.85 -56.77 13.06
N PHE I 102 -8.58 -56.40 13.26
CA PHE I 102 -7.86 -56.86 14.45
C PHE I 102 -8.48 -56.28 15.71
N PHE I 103 -9.05 -55.09 15.61
CA PHE I 103 -9.75 -54.50 16.75
C PHE I 103 -10.84 -55.44 17.26
N LEU I 104 -11.77 -55.82 16.39
CA LEU I 104 -12.85 -56.73 16.74
C LEU I 104 -12.44 -58.20 16.59
N PHE I 105 -11.15 -58.48 16.50
CA PHE I 105 -10.65 -59.84 16.47
C PHE I 105 -9.78 -60.20 17.66
N CYS I 106 -9.14 -59.22 18.30
CA CYS I 106 -8.26 -59.46 19.44
C CYS I 106 -9.03 -59.70 20.73
N SER I 107 -10.25 -59.16 20.83
CA SER I 107 -11.06 -59.26 22.04
C SER I 107 -12.25 -60.20 21.89
N GLU I 108 -12.89 -60.22 20.72
CA GLU I 108 -14.00 -61.15 20.50
C GLU I 108 -13.54 -62.59 20.59
N TYR I 109 -12.29 -62.86 20.23
CA TYR I 109 -11.69 -64.18 20.35
C TYR I 109 -10.71 -64.27 21.51
N ARG I 110 -10.58 -63.19 22.29
CA ARG I 110 -9.70 -63.22 23.47
C ARG I 110 -10.08 -64.31 24.45
N PRO I 111 -11.33 -64.45 24.90
CA PRO I 111 -11.63 -65.49 25.90
C PRO I 111 -11.32 -66.91 25.42
N LYS I 112 -11.35 -67.16 24.12
CA LYS I 112 -11.02 -68.49 23.59
C LYS I 112 -9.58 -68.89 23.88
N ILE I 113 -8.75 -68.00 24.40
CA ILE I 113 -7.40 -68.33 24.85
C ILE I 113 -7.23 -67.90 26.29
N LYS I 114 -8.05 -66.93 26.72
CA LYS I 114 -7.97 -66.45 28.09
C LYS I 114 -8.50 -67.48 29.08
N GLY I 115 -9.45 -68.31 28.65
CA GLY I 115 -9.82 -69.47 29.43
C GLY I 115 -8.75 -70.53 29.49
N GLU I 116 -7.68 -70.37 28.71
CA GLU I 116 -6.51 -71.23 28.75
C GLU I 116 -5.25 -70.48 29.19
N HIS I 117 -4.97 -69.35 28.56
CA HIS I 117 -3.84 -68.51 28.96
C HIS I 117 -4.26 -67.57 30.06
N PRO I 118 -3.59 -67.57 31.23
CA PRO I 118 -3.88 -66.55 32.24
C PRO I 118 -3.45 -65.15 31.81
N GLY I 119 -2.50 -65.05 30.88
CA GLY I 119 -2.04 -63.77 30.39
C GLY I 119 -1.70 -63.81 28.91
N ILE I 122 -2.26 -59.78 29.89
CA ILE I 122 -3.07 -60.59 29.00
C ILE I 122 -2.52 -60.56 27.59
N GLY I 123 -1.19 -60.65 27.48
CA GLY I 123 -0.54 -60.58 26.19
C GLY I 123 -0.41 -61.92 25.49
N ASP I 124 -0.01 -62.96 26.25
CA ASP I 124 0.23 -64.26 25.64
C ASP I 124 -1.03 -64.87 25.06
N VAL I 125 -2.20 -64.56 25.63
CA VAL I 125 -3.45 -65.09 25.12
C VAL I 125 -3.70 -64.60 23.70
N ALA I 126 -3.76 -63.28 23.53
CA ALA I 126 -3.97 -62.69 22.21
C ALA I 126 -2.75 -62.79 21.31
N LYS I 127 -1.61 -63.25 21.84
CA LYS I 127 -0.40 -63.34 21.03
C LYS I 127 -0.60 -64.28 19.85
N LYS I 128 -0.86 -65.57 20.12
CA LYS I 128 -1.15 -66.52 19.06
C LYS I 128 -2.41 -66.15 18.28
N LEU I 129 -3.32 -65.39 18.89
CA LEU I 129 -4.45 -64.86 18.16
C LEU I 129 -3.99 -63.91 17.05
N GLY I 130 -2.95 -63.13 17.32
CA GLY I 130 -2.34 -62.34 16.26
C GLY I 130 -1.72 -63.19 15.17
N GLU I 131 -1.12 -64.32 15.53
CA GLU I 131 -0.52 -65.20 14.54
C GLU I 131 -1.58 -65.84 13.65
N MET I 132 -2.72 -66.22 14.23
CA MET I 132 -3.81 -66.78 13.43
C MET I 132 -4.62 -65.72 12.70
N TRP I 133 -4.49 -64.44 13.09
CA TRP I 133 -4.99 -63.35 12.27
C TRP I 133 -4.04 -62.99 11.13
N ASN I 134 -2.74 -63.27 11.30
CA ASN I 134 -1.77 -63.00 10.25
C ASN I 134 -1.76 -64.10 9.20
N ASN I 135 -1.91 -65.36 9.63
CA ASN I 135 -1.92 -66.47 8.68
C ASN I 135 -3.02 -66.31 7.65
N THR I 136 -4.21 -65.89 8.09
CA THR I 136 -5.33 -65.68 7.18
C THR I 136 -5.19 -64.36 6.43
ZN ZN J . -38.53 7.18 -14.70
CA CA K . -20.24 0.50 -9.30
CA CA L . -18.58 -0.05 -5.57
ZN ZN M . 41.92 0.55 5.52
CA CA N . 21.70 2.15 5.96
CA CA O . 19.14 -0.92 6.28
#